data_1LNM
# 
_entry.id   1LNM 
# 
_audit_conform.dict_name       mmcif_pdbx.dic 
_audit_conform.dict_version    5.398 
_audit_conform.dict_location   http://mmcif.pdb.org/dictionaries/ascii/mmcif_pdbx.dic 
# 
loop_
_database_2.database_id 
_database_2.database_code 
_database_2.pdbx_database_accession 
_database_2.pdbx_DOI 
PDB   1LNM         pdb_00001lnm 10.2210/pdb1lnm/pdb 
RCSB  RCSB016110   ?            ?                   
WWPDB D_1000016110 ?            ?                   
# 
loop_
_pdbx_audit_revision_history.ordinal 
_pdbx_audit_revision_history.data_content_type 
_pdbx_audit_revision_history.major_revision 
_pdbx_audit_revision_history.minor_revision 
_pdbx_audit_revision_history.revision_date 
1 'Structure model' 1 0 2003-06-17 
2 'Structure model' 1 1 2008-04-28 
3 'Structure model' 1 2 2011-07-13 
4 'Structure model' 1 3 2019-07-24 
5 'Structure model' 1 4 2021-10-27 
6 'Structure model' 1 5 2023-08-16 
7 'Structure model' 1 6 2024-11-06 
# 
_pdbx_audit_revision_details.ordinal             1 
_pdbx_audit_revision_details.revision_ordinal    1 
_pdbx_audit_revision_details.data_content_type   'Structure model' 
_pdbx_audit_revision_details.provider            repository 
_pdbx_audit_revision_details.type                'Initial release' 
_pdbx_audit_revision_details.description         ? 
_pdbx_audit_revision_details.details             ? 
# 
loop_
_pdbx_audit_revision_group.ordinal 
_pdbx_audit_revision_group.revision_ordinal 
_pdbx_audit_revision_group.data_content_type 
_pdbx_audit_revision_group.group 
1 2 'Structure model' 'Version format compliance' 
2 3 'Structure model' 'Version format compliance' 
3 4 'Structure model' 'Data collection'           
4 4 'Structure model' 'Refinement description'    
5 5 'Structure model' 'Database references'       
6 5 'Structure model' 'Derived calculations'      
7 6 'Structure model' 'Data collection'           
8 6 'Structure model' 'Refinement description'    
9 7 'Structure model' 'Structure summary'         
# 
loop_
_pdbx_audit_revision_category.ordinal 
_pdbx_audit_revision_category.revision_ordinal 
_pdbx_audit_revision_category.data_content_type 
_pdbx_audit_revision_category.category 
1 4 'Structure model' software                      
2 5 'Structure model' database_2                    
3 5 'Structure model' struct_ref_seq_dif            
4 5 'Structure model' struct_site                   
5 6 'Structure model' chem_comp_atom                
6 6 'Structure model' chem_comp_bond                
7 6 'Structure model' pdbx_initial_refinement_model 
8 7 'Structure model' pdbx_entry_details            
9 7 'Structure model' pdbx_modification_feature     
# 
loop_
_pdbx_audit_revision_item.ordinal 
_pdbx_audit_revision_item.revision_ordinal 
_pdbx_audit_revision_item.data_content_type 
_pdbx_audit_revision_item.item 
1 4 'Structure model' '_software.classification'            
2 4 'Structure model' '_software.name'                      
3 4 'Structure model' '_software.version'                   
4 5 'Structure model' '_database_2.pdbx_DOI'                
5 5 'Structure model' '_database_2.pdbx_database_accession' 
6 5 'Structure model' '_struct_ref_seq_dif.details'         
7 5 'Structure model' '_struct_site.pdbx_auth_asym_id'      
8 5 'Structure model' '_struct_site.pdbx_auth_comp_id'      
9 5 'Structure model' '_struct_site.pdbx_auth_seq_id'       
# 
_pdbx_database_status.status_code                     REL 
_pdbx_database_status.entry_id                        1LNM 
_pdbx_database_status.recvd_initial_deposition_date   2002-05-03 
_pdbx_database_status.deposit_site                    RCSB 
_pdbx_database_status.process_site                    RCSB 
_pdbx_database_status.status_code_sf                  REL 
_pdbx_database_status.SG_entry                        . 
_pdbx_database_status.pdb_format_compatible           Y 
_pdbx_database_status.status_code_mr                  ? 
_pdbx_database_status.status_code_cs                  ? 
_pdbx_database_status.methods_development_category    ? 
_pdbx_database_status.status_code_nmr_data            ? 
# 
loop_
_pdbx_database_related.db_name 
_pdbx_database_related.db_id 
_pdbx_database_related.details 
_pdbx_database_related.content_type 
PDB 1BBP 'BILIN-BINDING PROTEIN'                                 unspecified 
PDB 1N0S 'ENGINEERED LIPOCALIN FLUA IN COMPLEX WITH FLUORESCEIN' unspecified 
PDB 1KXO 'ENGINEERED LIPOCALIN DIGA16 : APO-FORM'                unspecified 
# 
loop_
_audit_author.name 
_audit_author.pdbx_ordinal 
'Korndoerfer, I.P.' 1 
'Skerra, A.'        2 
# 
loop_
_citation.id 
_citation.title 
_citation.journal_abbrev 
_citation.journal_volume 
_citation.page_first 
_citation.page_last 
_citation.year 
_citation.journal_id_ASTM 
_citation.country 
_citation.journal_id_ISSN 
_citation.journal_id_CSD 
_citation.book_publisher 
_citation.pdbx_database_id_PubMed 
_citation.pdbx_database_id_DOI 
primary 'Structural mechanism of specific ligand recognition by a lipocalin tailored for the complexation of digoxigenin.' 
J.Mol.Biol.            330 385  396  2003 JMOBAK UK 0022-2836 0070 ? 12823976 '10.1016/S0022-2836(03)00573-4' 
1       'A Novel Type of Receptor Protein, based on the Lipocalin Scaffold, with Specificity for Digoxigenin'              
J.Mol.Biol.            297 1105 1120 2000 JMOBAK UK 0022-2836 0070 ? ?        10.1006/jmbi.2000.3646          
2       'Small Antibody-like Proteins with Prescribed Ligand Specificities Derived from the Lipocalin Fold.'               
Proc.Natl.Acad.Sci.USA 96  1898 1903 1999 PNASA6 US 0027-8424 0040 ? ?        10.1073/pnas.96.5.1898          
# 
loop_
_citation_author.citation_id 
_citation_author.name 
_citation_author.ordinal 
_citation_author.identifier_ORCID 
primary 'Korndoerfer, I.P.' 1  ? 
primary 'Schlehuber, S.'    2  ? 
primary 'Skerra, A.'        3  ? 
1       'Schlehuber, S.'    4  ? 
1       'Beste, G.'         5  ? 
1       'Skerra, A.'        6  ? 
2       'Beste, G.'         7  ? 
2       'Schmidt, F.S.'     8  ? 
2       'Stibora, T.'       9  ? 
2       'Skerra, A.'        10 ? 
# 
loop_
_entity.id 
_entity.type 
_entity.src_method 
_entity.pdbx_description 
_entity.formula_weight 
_entity.pdbx_number_of_molecules 
_entity.pdbx_ec 
_entity.pdbx_mutation 
_entity.pdbx_fragment 
_entity.details 
1 polymer     man DigA16        20833.158 1  ? 
'N1D, N21G, E28Q, K31A, N34D, S35H, V36I, E37T, N48R, H60S, I69S, K87S, L88Y, Y90I, K95Q, N97G, Y114F, K116S, Q125M, F127L, K135M' 
? 'GENETICALLY ENGINEERED VARIANT OF BILIN BINDING PROTEIN' 
2 non-polymer syn DIGITOXIGENIN 374.514   1  ? ? ? ?                                                         
3 water       nat water         18.015    45 ? ? ? ?                                                         
# 
_entity_name_com.entity_id   1 
_entity_name_com.name        'BILIN BINDING PROTEIN, BBP, DIGA16 ANTICALIN' 
# 
_entity_poly.entity_id                      1 
_entity_poly.type                           'polypeptide(L)' 
_entity_poly.nstd_linkage                   no 
_entity_poly.nstd_monomer                   no 
_entity_poly.pdbx_seq_one_letter_code       
;DVYHDGACPEVKPVDNFDWSQYHGKWWQVAAYPDHITKYGKCGWAEYTPEGKSVKVSRYSVIHGKEYFSEGTAYPVGDSK
IGKIYHSYTIGGVTQEGVFNVLSTDNKNYIIGYFCSYDEDKKGHMDLVWVLSRSMVLTGEAKTAVENYLIGSPVVDSQKL
VYSDFSEAACKVNNSNWSHPQFEK
;
_entity_poly.pdbx_seq_one_letter_code_can   
;DVYHDGACPEVKPVDNFDWSQYHGKWWQVAAYPDHITKYGKCGWAEYTPEGKSVKVSRYSVIHGKEYFSEGTAYPVGDSK
IGKIYHSYTIGGVTQEGVFNVLSTDNKNYIIGYFCSYDEDKKGHMDLVWVLSRSMVLTGEAKTAVENYLIGSPVVDSQKL
VYSDFSEAACKVNNSNWSHPQFEK
;
_entity_poly.pdbx_strand_id                 A 
_entity_poly.pdbx_target_identifier         ? 
# 
loop_
_pdbx_entity_nonpoly.entity_id 
_pdbx_entity_nonpoly.name 
_pdbx_entity_nonpoly.comp_id 
2 DIGITOXIGENIN DTX 
3 water         HOH 
# 
loop_
_entity_poly_seq.entity_id 
_entity_poly_seq.num 
_entity_poly_seq.mon_id 
_entity_poly_seq.hetero 
1 1   ASP n 
1 2   VAL n 
1 3   TYR n 
1 4   HIS n 
1 5   ASP n 
1 6   GLY n 
1 7   ALA n 
1 8   CYS n 
1 9   PRO n 
1 10  GLU n 
1 11  VAL n 
1 12  LYS n 
1 13  PRO n 
1 14  VAL n 
1 15  ASP n 
1 16  ASN n 
1 17  PHE n 
1 18  ASP n 
1 19  TRP n 
1 20  SER n 
1 21  GLN n 
1 22  TYR n 
1 23  HIS n 
1 24  GLY n 
1 25  LYS n 
1 26  TRP n 
1 27  TRP n 
1 28  GLN n 
1 29  VAL n 
1 30  ALA n 
1 31  ALA n 
1 32  TYR n 
1 33  PRO n 
1 34  ASP n 
1 35  HIS n 
1 36  ILE n 
1 37  THR n 
1 38  LYS n 
1 39  TYR n 
1 40  GLY n 
1 41  LYS n 
1 42  CYS n 
1 43  GLY n 
1 44  TRP n 
1 45  ALA n 
1 46  GLU n 
1 47  TYR n 
1 48  THR n 
1 49  PRO n 
1 50  GLU n 
1 51  GLY n 
1 52  LYS n 
1 53  SER n 
1 54  VAL n 
1 55  LYS n 
1 56  VAL n 
1 57  SER n 
1 58  ARG n 
1 59  TYR n 
1 60  SER n 
1 61  VAL n 
1 62  ILE n 
1 63  HIS n 
1 64  GLY n 
1 65  LYS n 
1 66  GLU n 
1 67  TYR n 
1 68  PHE n 
1 69  SER n 
1 70  GLU n 
1 71  GLY n 
1 72  THR n 
1 73  ALA n 
1 74  TYR n 
1 75  PRO n 
1 76  VAL n 
1 77  GLY n 
1 78  ASP n 
1 79  SER n 
1 80  LYS n 
1 81  ILE n 
1 82  GLY n 
1 83  LYS n 
1 84  ILE n 
1 85  TYR n 
1 86  HIS n 
1 87  SER n 
1 88  TYR n 
1 89  THR n 
1 90  ILE n 
1 91  GLY n 
1 92  GLY n 
1 93  VAL n 
1 94  THR n 
1 95  GLN n 
1 96  GLU n 
1 97  GLY n 
1 98  VAL n 
1 99  PHE n 
1 100 ASN n 
1 101 VAL n 
1 102 LEU n 
1 103 SER n 
1 104 THR n 
1 105 ASP n 
1 106 ASN n 
1 107 LYS n 
1 108 ASN n 
1 109 TYR n 
1 110 ILE n 
1 111 ILE n 
1 112 GLY n 
1 113 TYR n 
1 114 PHE n 
1 115 CYS n 
1 116 SER n 
1 117 TYR n 
1 118 ASP n 
1 119 GLU n 
1 120 ASP n 
1 121 LYS n 
1 122 LYS n 
1 123 GLY n 
1 124 HIS n 
1 125 MET n 
1 126 ASP n 
1 127 LEU n 
1 128 VAL n 
1 129 TRP n 
1 130 VAL n 
1 131 LEU n 
1 132 SER n 
1 133 ARG n 
1 134 SER n 
1 135 MET n 
1 136 VAL n 
1 137 LEU n 
1 138 THR n 
1 139 GLY n 
1 140 GLU n 
1 141 ALA n 
1 142 LYS n 
1 143 THR n 
1 144 ALA n 
1 145 VAL n 
1 146 GLU n 
1 147 ASN n 
1 148 TYR n 
1 149 LEU n 
1 150 ILE n 
1 151 GLY n 
1 152 SER n 
1 153 PRO n 
1 154 VAL n 
1 155 VAL n 
1 156 ASP n 
1 157 SER n 
1 158 GLN n 
1 159 LYS n 
1 160 LEU n 
1 161 VAL n 
1 162 TYR n 
1 163 SER n 
1 164 ASP n 
1 165 PHE n 
1 166 SER n 
1 167 GLU n 
1 168 ALA n 
1 169 ALA n 
1 170 CYS n 
1 171 LYS n 
1 172 VAL n 
1 173 ASN n 
1 174 ASN n 
1 175 SER n 
1 176 ASN n 
1 177 TRP n 
1 178 SER n 
1 179 HIS n 
1 180 PRO n 
1 181 GLN n 
1 182 PHE n 
1 183 GLU n 
1 184 LYS n 
# 
_entity_src_gen.entity_id                          1 
_entity_src_gen.pdbx_src_id                        1 
_entity_src_gen.pdbx_alt_source_flag               sample 
_entity_src_gen.pdbx_seq_type                      ? 
_entity_src_gen.pdbx_beg_seq_num                   ? 
_entity_src_gen.pdbx_end_seq_num                   ? 
_entity_src_gen.gene_src_common_name               'large cabbage white' 
_entity_src_gen.gene_src_genus                     Pieris 
_entity_src_gen.pdbx_gene_src_gene                 ? 
_entity_src_gen.gene_src_species                   ? 
_entity_src_gen.gene_src_strain                    ? 
_entity_src_gen.gene_src_tissue                    ? 
_entity_src_gen.gene_src_tissue_fraction           ? 
_entity_src_gen.gene_src_details                   ? 
_entity_src_gen.pdbx_gene_src_fragment             ? 
_entity_src_gen.pdbx_gene_src_scientific_name      'Pieris brassicae' 
_entity_src_gen.pdbx_gene_src_ncbi_taxonomy_id     7116 
_entity_src_gen.pdbx_gene_src_variant              ? 
_entity_src_gen.pdbx_gene_src_cell_line            ? 
_entity_src_gen.pdbx_gene_src_atcc                 ? 
_entity_src_gen.pdbx_gene_src_organ                ? 
_entity_src_gen.pdbx_gene_src_organelle            ? 
_entity_src_gen.pdbx_gene_src_cell                 ? 
_entity_src_gen.pdbx_gene_src_cellular_location    ? 
_entity_src_gen.host_org_common_name               ? 
_entity_src_gen.pdbx_host_org_scientific_name      'Escherichia coli' 
_entity_src_gen.pdbx_host_org_ncbi_taxonomy_id     562 
_entity_src_gen.host_org_genus                     Escherichia 
_entity_src_gen.pdbx_host_org_gene                 ? 
_entity_src_gen.pdbx_host_org_organ                ? 
_entity_src_gen.host_org_species                   ? 
_entity_src_gen.pdbx_host_org_tissue               ? 
_entity_src_gen.pdbx_host_org_tissue_fraction      ? 
_entity_src_gen.pdbx_host_org_strain               jm83 
_entity_src_gen.pdbx_host_org_variant              ? 
_entity_src_gen.pdbx_host_org_cell_line            ? 
_entity_src_gen.pdbx_host_org_atcc                 ? 
_entity_src_gen.pdbx_host_org_culture_collection   ? 
_entity_src_gen.pdbx_host_org_cell                 ? 
_entity_src_gen.pdbx_host_org_organelle            ? 
_entity_src_gen.pdbx_host_org_cellular_location    ? 
_entity_src_gen.pdbx_host_org_vector_type          plasmid 
_entity_src_gen.pdbx_host_org_vector               ? 
_entity_src_gen.host_org_details                   ? 
_entity_src_gen.expression_system_id               ? 
_entity_src_gen.plasmid_name                       pbbp21-diga16 
_entity_src_gen.plasmid_details                    ? 
_entity_src_gen.pdbx_description                   ? 
# 
loop_
_chem_comp.id 
_chem_comp.type 
_chem_comp.mon_nstd_flag 
_chem_comp.name 
_chem_comp.pdbx_synonyms 
_chem_comp.formula 
_chem_comp.formula_weight 
ALA 'L-peptide linking' y ALANINE         ? 'C3 H7 N O2'     89.093  
ARG 'L-peptide linking' y ARGININE        ? 'C6 H15 N4 O2 1' 175.209 
ASN 'L-peptide linking' y ASPARAGINE      ? 'C4 H8 N2 O3'    132.118 
ASP 'L-peptide linking' y 'ASPARTIC ACID' ? 'C4 H7 N O4'     133.103 
CYS 'L-peptide linking' y CYSTEINE        ? 'C3 H7 N O2 S'   121.158 
DTX non-polymer         . DIGITOXIGENIN   
'4-(3,14-DIHYDROXY-10,13-DIMETHYL-HEXADECAHYDRO-CYCLOPENTA[A]PHENANTHREN-17-YL)-5H-FURAN-2-ONE' 'C23 H34 O4'     374.514 
GLN 'L-peptide linking' y GLUTAMINE       ? 'C5 H10 N2 O3'   146.144 
GLU 'L-peptide linking' y 'GLUTAMIC ACID' ? 'C5 H9 N O4'     147.129 
GLY 'peptide linking'   y GLYCINE         ? 'C2 H5 N O2'     75.067  
HIS 'L-peptide linking' y HISTIDINE       ? 'C6 H10 N3 O2 1' 156.162 
HOH non-polymer         . WATER           ? 'H2 O'           18.015  
ILE 'L-peptide linking' y ISOLEUCINE      ? 'C6 H13 N O2'    131.173 
LEU 'L-peptide linking' y LEUCINE         ? 'C6 H13 N O2'    131.173 
LYS 'L-peptide linking' y LYSINE          ? 'C6 H15 N2 O2 1' 147.195 
MET 'L-peptide linking' y METHIONINE      ? 'C5 H11 N O2 S'  149.211 
PHE 'L-peptide linking' y PHENYLALANINE   ? 'C9 H11 N O2'    165.189 
PRO 'L-peptide linking' y PROLINE         ? 'C5 H9 N O2'     115.130 
SER 'L-peptide linking' y SERINE          ? 'C3 H7 N O3'     105.093 
THR 'L-peptide linking' y THREONINE       ? 'C4 H9 N O3'     119.119 
TRP 'L-peptide linking' y TRYPTOPHAN      ? 'C11 H12 N2 O2'  204.225 
TYR 'L-peptide linking' y TYROSINE        ? 'C9 H11 N O3'    181.189 
VAL 'L-peptide linking' y VALINE          ? 'C5 H11 N O2'    117.146 
# 
loop_
_pdbx_poly_seq_scheme.asym_id 
_pdbx_poly_seq_scheme.entity_id 
_pdbx_poly_seq_scheme.seq_id 
_pdbx_poly_seq_scheme.mon_id 
_pdbx_poly_seq_scheme.ndb_seq_num 
_pdbx_poly_seq_scheme.pdb_seq_num 
_pdbx_poly_seq_scheme.auth_seq_num 
_pdbx_poly_seq_scheme.pdb_mon_id 
_pdbx_poly_seq_scheme.auth_mon_id 
_pdbx_poly_seq_scheme.pdb_strand_id 
_pdbx_poly_seq_scheme.pdb_ins_code 
_pdbx_poly_seq_scheme.hetero 
A 1 1   ASP 1   1   ?   ?   ?   A . n 
A 1 2   VAL 2   2   ?   ?   ?   A . n 
A 1 3   TYR 3   3   ?   ?   ?   A . n 
A 1 4   HIS 4   4   ?   ?   ?   A . n 
A 1 5   ASP 5   5   5   ASP ASP A . n 
A 1 6   GLY 6   6   6   GLY GLY A . n 
A 1 7   ALA 7   7   7   ALA ALA A . n 
A 1 8   CYS 8   8   8   CYS CYS A . n 
A 1 9   PRO 9   9   9   PRO PRO A . n 
A 1 10  GLU 10  10  10  GLU GLU A . n 
A 1 11  VAL 11  11  11  VAL VAL A . n 
A 1 12  LYS 12  12  12  LYS LYS A . n 
A 1 13  PRO 13  13  13  PRO PRO A . n 
A 1 14  VAL 14  14  14  VAL VAL A . n 
A 1 15  ASP 15  15  15  ASP ASP A . n 
A 1 16  ASN 16  16  16  ASN ASN A . n 
A 1 17  PHE 17  17  17  PHE PHE A . n 
A 1 18  ASP 18  18  18  ASP ASP A . n 
A 1 19  TRP 19  19  19  TRP TRP A . n 
A 1 20  SER 20  20  20  SER SER A . n 
A 1 21  GLN 21  21  21  GLN GLN A . n 
A 1 22  TYR 22  22  22  TYR TYR A . n 
A 1 23  HIS 23  23  23  HIS HIS A . n 
A 1 24  GLY 24  24  24  GLY GLY A . n 
A 1 25  LYS 25  25  25  LYS LYS A . n 
A 1 26  TRP 26  26  26  TRP TRP A . n 
A 1 27  TRP 27  27  27  TRP TRP A . n 
A 1 28  GLN 28  28  28  GLN GLN A . n 
A 1 29  VAL 29  29  29  VAL VAL A . n 
A 1 30  ALA 30  30  30  ALA ALA A . n 
A 1 31  ALA 31  31  31  ALA ALA A . n 
A 1 32  TYR 32  32  32  TYR TYR A . n 
A 1 33  PRO 33  33  33  PRO PRO A . n 
A 1 34  ASP 34  34  34  ASP ASP A . n 
A 1 35  HIS 35  35  35  HIS HIS A . n 
A 1 36  ILE 36  36  36  ILE ILE A . n 
A 1 37  THR 37  37  37  THR THR A . n 
A 1 38  LYS 38  38  38  LYS LYS A . n 
A 1 39  TYR 39  39  39  TYR TYR A . n 
A 1 40  GLY 40  40  40  GLY GLY A . n 
A 1 41  LYS 41  41  41  LYS LYS A . n 
A 1 42  CYS 42  42  42  CYS CYS A . n 
A 1 43  GLY 43  43  43  GLY GLY A . n 
A 1 44  TRP 44  44  44  TRP TRP A . n 
A 1 45  ALA 45  45  45  ALA ALA A . n 
A 1 46  GLU 46  46  46  GLU GLU A . n 
A 1 47  TYR 47  47  47  TYR TYR A . n 
A 1 48  THR 48  48  48  THR THR A . n 
A 1 49  PRO 49  49  49  PRO PRO A . n 
A 1 50  GLU 50  50  50  GLU GLU A . n 
A 1 51  GLY 51  51  51  GLY GLY A . n 
A 1 52  LYS 52  52  52  LYS LYS A . n 
A 1 53  SER 53  53  53  SER SER A . n 
A 1 54  VAL 54  54  54  VAL VAL A . n 
A 1 55  LYS 55  55  55  LYS LYS A . n 
A 1 56  VAL 56  56  56  VAL VAL A . n 
A 1 57  SER 57  57  57  SER SER A . n 
A 1 58  ARG 58  58  58  ARG ARG A . n 
A 1 59  TYR 59  59  59  TYR TYR A . n 
A 1 60  SER 60  60  60  SER SER A . n 
A 1 61  VAL 61  61  61  VAL VAL A . n 
A 1 62  ILE 62  62  62  ILE ILE A . n 
A 1 63  HIS 63  63  63  HIS HIS A . n 
A 1 64  GLY 64  64  64  GLY GLY A . n 
A 1 65  LYS 65  65  65  LYS LYS A . n 
A 1 66  GLU 66  66  66  GLU GLU A . n 
A 1 67  TYR 67  67  67  TYR TYR A . n 
A 1 68  PHE 68  68  68  PHE PHE A . n 
A 1 69  SER 69  69  69  SER SER A . n 
A 1 70  GLU 70  70  70  GLU GLU A . n 
A 1 71  GLY 71  71  71  GLY GLY A . n 
A 1 72  THR 72  72  72  THR THR A . n 
A 1 73  ALA 73  73  73  ALA ALA A . n 
A 1 74  TYR 74  74  74  TYR TYR A . n 
A 1 75  PRO 75  75  75  PRO PRO A . n 
A 1 76  VAL 76  76  76  VAL VAL A . n 
A 1 77  GLY 77  77  77  GLY GLY A . n 
A 1 78  ASP 78  78  78  ASP ASP A . n 
A 1 79  SER 79  79  79  SER SER A . n 
A 1 80  LYS 80  80  80  LYS LYS A . n 
A 1 81  ILE 81  81  81  ILE ILE A . n 
A 1 82  GLY 82  82  82  GLY GLY A . n 
A 1 83  LYS 83  83  83  LYS LYS A . n 
A 1 84  ILE 84  84  84  ILE ILE A . n 
A 1 85  TYR 85  85  85  TYR TYR A . n 
A 1 86  HIS 86  86  86  HIS HIS A . n 
A 1 87  SER 87  87  87  SER SER A . n 
A 1 88  TYR 88  88  88  TYR TYR A . n 
A 1 89  THR 89  89  89  THR THR A . n 
A 1 90  ILE 90  90  90  ILE ILE A . n 
A 1 91  GLY 91  91  91  GLY GLY A . n 
A 1 92  GLY 92  92  92  GLY GLY A . n 
A 1 93  VAL 93  93  93  VAL VAL A . n 
A 1 94  THR 94  94  94  THR THR A . n 
A 1 95  GLN 95  95  95  GLN GLN A . n 
A 1 96  GLU 96  96  96  GLU GLU A . n 
A 1 97  GLY 97  97  97  GLY GLY A . n 
A 1 98  VAL 98  98  98  VAL VAL A . n 
A 1 99  PHE 99  99  99  PHE PHE A . n 
A 1 100 ASN 100 100 100 ASN ASN A . n 
A 1 101 VAL 101 101 101 VAL VAL A . n 
A 1 102 LEU 102 102 102 LEU LEU A . n 
A 1 103 SER 103 103 103 SER SER A . n 
A 1 104 THR 104 104 104 THR THR A . n 
A 1 105 ASP 105 105 105 ASP ASP A . n 
A 1 106 ASN 106 106 106 ASN ASN A . n 
A 1 107 LYS 107 107 107 LYS LYS A . n 
A 1 108 ASN 108 108 108 ASN ASN A . n 
A 1 109 TYR 109 109 109 TYR TYR A . n 
A 1 110 ILE 110 110 110 ILE ILE A . n 
A 1 111 ILE 111 111 111 ILE ILE A . n 
A 1 112 GLY 112 112 112 GLY GLY A . n 
A 1 113 TYR 113 113 113 TYR TYR A . n 
A 1 114 PHE 114 114 114 PHE PHE A . n 
A 1 115 CYS 115 115 115 CYS CYS A . n 
A 1 116 SER 116 116 116 SER SER A . n 
A 1 117 TYR 117 117 117 TYR TYR A . n 
A 1 118 ASP 118 118 ?   ?   ?   A . n 
A 1 119 GLU 119 119 ?   ?   ?   A . n 
A 1 120 ASP 120 120 ?   ?   ?   A . n 
A 1 121 LYS 121 121 ?   ?   ?   A . n 
A 1 122 LYS 122 122 122 LYS LYS A . n 
A 1 123 GLY 123 123 123 GLY GLY A . n 
A 1 124 HIS 124 124 124 HIS HIS A . n 
A 1 125 MET 125 125 125 MET MET A . n 
A 1 126 ASP 126 126 126 ASP ASP A . n 
A 1 127 LEU 127 127 127 LEU LEU A . n 
A 1 128 VAL 128 128 128 VAL VAL A . n 
A 1 129 TRP 129 129 129 TRP TRP A . n 
A 1 130 VAL 130 130 130 VAL VAL A . n 
A 1 131 LEU 131 131 131 LEU LEU A . n 
A 1 132 SER 132 132 132 SER SER A . n 
A 1 133 ARG 133 133 133 ARG ARG A . n 
A 1 134 SER 134 134 134 SER SER A . n 
A 1 135 MET 135 135 135 MET MET A . n 
A 1 136 VAL 136 136 136 VAL VAL A . n 
A 1 137 LEU 137 137 137 LEU LEU A . n 
A 1 138 THR 138 138 138 THR THR A . n 
A 1 139 GLY 139 139 139 GLY GLY A . n 
A 1 140 GLU 140 140 140 GLU GLU A . n 
A 1 141 ALA 141 141 141 ALA ALA A . n 
A 1 142 LYS 142 142 142 LYS LYS A . n 
A 1 143 THR 143 143 143 THR THR A . n 
A 1 144 ALA 144 144 144 ALA ALA A . n 
A 1 145 VAL 145 145 145 VAL VAL A . n 
A 1 146 GLU 146 146 146 GLU GLU A . n 
A 1 147 ASN 147 147 147 ASN ASN A . n 
A 1 148 TYR 148 148 148 TYR TYR A . n 
A 1 149 LEU 149 149 149 LEU LEU A . n 
A 1 150 ILE 150 150 150 ILE ILE A . n 
A 1 151 GLY 151 151 151 GLY GLY A . n 
A 1 152 SER 152 152 152 SER SER A . n 
A 1 153 PRO 153 153 153 PRO PRO A . n 
A 1 154 VAL 154 154 154 VAL VAL A . n 
A 1 155 VAL 155 155 155 VAL VAL A . n 
A 1 156 ASP 156 156 156 ASP ASP A . n 
A 1 157 SER 157 157 157 SER SER A . n 
A 1 158 GLN 158 158 158 GLN GLN A . n 
A 1 159 LYS 159 159 159 LYS LYS A . n 
A 1 160 LEU 160 160 160 LEU LEU A . n 
A 1 161 VAL 161 161 161 VAL VAL A . n 
A 1 162 TYR 162 162 162 TYR TYR A . n 
A 1 163 SER 163 163 163 SER SER A . n 
A 1 164 ASP 164 164 164 ASP ASP A . n 
A 1 165 PHE 165 165 165 PHE PHE A . n 
A 1 166 SER 166 166 166 SER SER A . n 
A 1 167 GLU 167 167 ?   ?   ?   A . n 
A 1 168 ALA 168 168 ?   ?   ?   A . n 
A 1 169 ALA 169 169 ?   ?   ?   A . n 
A 1 170 CYS 170 170 170 CYS CYS A . n 
A 1 171 LYS 171 171 171 LYS LYS A . n 
A 1 172 VAL 172 172 ?   ?   ?   A . n 
A 1 173 ASN 173 173 ?   ?   ?   A . n 
A 1 174 ASN 174 174 ?   ?   ?   A . n 
A 1 175 SER 175 175 ?   ?   ?   A . n 
A 1 176 ASN 176 176 ?   ?   ?   A . n 
A 1 177 TRP 177 177 ?   ?   ?   A . n 
A 1 178 SER 178 178 ?   ?   ?   A . n 
A 1 179 HIS 179 179 ?   ?   ?   A . n 
A 1 180 PRO 180 180 ?   ?   ?   A . n 
A 1 181 GLN 181 181 ?   ?   ?   A . n 
A 1 182 PHE 182 182 ?   ?   ?   A . n 
A 1 183 GLU 183 183 ?   ?   ?   A . n 
A 1 184 LYS 184 184 ?   ?   ?   A . n 
# 
loop_
_pdbx_nonpoly_scheme.asym_id 
_pdbx_nonpoly_scheme.entity_id 
_pdbx_nonpoly_scheme.mon_id 
_pdbx_nonpoly_scheme.ndb_seq_num 
_pdbx_nonpoly_scheme.pdb_seq_num 
_pdbx_nonpoly_scheme.auth_seq_num 
_pdbx_nonpoly_scheme.pdb_mon_id 
_pdbx_nonpoly_scheme.auth_mon_id 
_pdbx_nonpoly_scheme.pdb_strand_id 
_pdbx_nonpoly_scheme.pdb_ins_code 
B 2 DTX 1  700 700 DTX DGT A . 
C 3 HOH 1  701 1   HOH HOH A . 
C 3 HOH 2  702 2   HOH HOH A . 
C 3 HOH 3  703 3   HOH HOH A . 
C 3 HOH 4  704 4   HOH HOH A . 
C 3 HOH 5  705 5   HOH HOH A . 
C 3 HOH 6  706 6   HOH HOH A . 
C 3 HOH 7  707 7   HOH HOH A . 
C 3 HOH 8  708 8   HOH HOH A . 
C 3 HOH 9  709 9   HOH HOH A . 
C 3 HOH 10 710 10  HOH HOH A . 
C 3 HOH 11 711 11  HOH HOH A . 
C 3 HOH 12 712 12  HOH HOH A . 
C 3 HOH 13 713 13  HOH HOH A . 
C 3 HOH 14 714 14  HOH HOH A . 
C 3 HOH 15 715 15  HOH HOH A . 
C 3 HOH 16 716 16  HOH HOH A . 
C 3 HOH 17 717 17  HOH HOH A . 
C 3 HOH 18 718 18  HOH HOH A . 
C 3 HOH 19 719 19  HOH HOH A . 
C 3 HOH 20 720 20  HOH HOH A . 
C 3 HOH 21 721 21  HOH HOH A . 
C 3 HOH 22 722 22  HOH HOH A . 
C 3 HOH 23 723 23  HOH HOH A . 
C 3 HOH 24 724 24  HOH HOH A . 
C 3 HOH 25 725 25  HOH HOH A . 
C 3 HOH 26 726 26  HOH HOH A . 
C 3 HOH 27 727 27  HOH HOH A . 
C 3 HOH 28 728 28  HOH HOH A . 
C 3 HOH 29 729 29  HOH HOH A . 
C 3 HOH 30 730 30  HOH HOH A . 
C 3 HOH 31 731 31  HOH HOH A . 
C 3 HOH 32 732 32  HOH HOH A . 
C 3 HOH 33 733 33  HOH HOH A . 
C 3 HOH 34 734 34  HOH HOH A . 
C 3 HOH 35 735 35  HOH HOH A . 
C 3 HOH 36 736 36  HOH HOH A . 
C 3 HOH 37 737 37  HOH HOH A . 
C 3 HOH 38 738 38  HOH HOH A . 
C 3 HOH 39 739 39  HOH HOH A . 
C 3 HOH 40 740 40  HOH HOH A . 
C 3 HOH 41 741 41  HOH HOH A . 
C 3 HOH 42 742 42  HOH HOH A . 
C 3 HOH 43 743 43  HOH HOH A . 
C 3 HOH 44 744 44  HOH HOH A . 
C 3 HOH 45 745 45  HOH HOH A . 
# 
_pdbx_unobs_or_zero_occ_atoms.id               1 
_pdbx_unobs_or_zero_occ_atoms.PDB_model_num    1 
_pdbx_unobs_or_zero_occ_atoms.polymer_flag     Y 
_pdbx_unobs_or_zero_occ_atoms.occupancy_flag   1 
_pdbx_unobs_or_zero_occ_atoms.auth_asym_id     A 
_pdbx_unobs_or_zero_occ_atoms.auth_comp_id     LYS 
_pdbx_unobs_or_zero_occ_atoms.auth_seq_id      171 
_pdbx_unobs_or_zero_occ_atoms.PDB_ins_code     ? 
_pdbx_unobs_or_zero_occ_atoms.auth_atom_id     O 
_pdbx_unobs_or_zero_occ_atoms.label_alt_id     ? 
_pdbx_unobs_or_zero_occ_atoms.label_asym_id    A 
_pdbx_unobs_or_zero_occ_atoms.label_comp_id    LYS 
_pdbx_unobs_or_zero_occ_atoms.label_seq_id     171 
_pdbx_unobs_or_zero_occ_atoms.label_atom_id    O 
# 
loop_
_software.name 
_software.classification 
_software.version 
_software.citation_id 
_software.pdbx_ordinal 
REFMAC    refinement       5.0 ? 1 
SCALEPACK 'data scaling'   .   ? 2 
CNS       refinement       .   ? 3 
DENZO     'data reduction' .   ? 4 
CNS       phasing          .   ? 5 
# 
_cell.entry_id           1LNM 
_cell.length_a           75.129 
_cell.length_b           63.874 
_cell.length_c           39.329 
_cell.angle_alpha        90.00 
_cell.angle_beta         91.87 
_cell.angle_gamma        90.00 
_cell.Z_PDB              4 
_cell.pdbx_unique_axis   ? 
# 
_symmetry.entry_id                         1LNM 
_symmetry.space_group_name_H-M             'C 1 2 1' 
_symmetry.pdbx_full_space_group_name_H-M   ? 
_symmetry.cell_setting                     ? 
_symmetry.Int_Tables_number                5 
# 
_exptl.entry_id          1LNM 
_exptl.method            'X-RAY DIFFRACTION' 
_exptl.crystals_number   1 
# 
_exptl_crystal.id                    1 
_exptl_crystal.density_meas          ? 
_exptl_crystal.density_Matthews      2.5 
_exptl_crystal.density_percent_sol   51.1 
_exptl_crystal.description           ? 
# 
_exptl_crystal_grow.crystal_id      1 
_exptl_crystal_grow.method          'VAPOR DIFFUSION, HANGING DROP' 
_exptl_crystal_grow.temp            298 
_exptl_crystal_grow.temp_details    ? 
_exptl_crystal_grow.pH              7.80 
_exptl_crystal_grow.pdbx_details    
'0.1-M hepes, 10% isopropanol, 19% peg 4000, pH 7.80, VAPOR DIFFUSION, HANGING DROP, temperature 298K' 
_exptl_crystal_grow.pdbx_pH_range   ? 
# 
_diffrn.id                     1 
_diffrn.ambient_temp           298.0 
_diffrn.ambient_temp_details   ? 
_diffrn.crystal_id             1 
# 
_diffrn_detector.diffrn_id              1 
_diffrn_detector.detector               'IMAGE PLATE' 
_diffrn_detector.type                   'MAR scanner 345 mm plate' 
_diffrn_detector.pdbx_collection_date   2001-09-26 
_diffrn_detector.details                'osmic confocal flux' 
# 
_diffrn_radiation.diffrn_id                        1 
_diffrn_radiation.wavelength_id                    1 
_diffrn_radiation.pdbx_monochromatic_or_laue_m_l   M 
_diffrn_radiation.monochromator                    ? 
_diffrn_radiation.pdbx_diffrn_protocol             'SINGLE WAVELENGTH' 
_diffrn_radiation.pdbx_scattering_type             x-ray 
# 
_diffrn_radiation_wavelength.id           1 
_diffrn_radiation_wavelength.wavelength   1.5418 
_diffrn_radiation_wavelength.wt           1.0 
# 
_diffrn_source.diffrn_id                   1 
_diffrn_source.source                      'ROTATING ANODE' 
_diffrn_source.type                        'RIGAKU RU300' 
_diffrn_source.pdbx_synchrotron_site       ? 
_diffrn_source.pdbx_synchrotron_beamline   ? 
_diffrn_source.pdbx_wavelength             1.5418 
_diffrn_source.pdbx_wavelength_list        ? 
# 
_reflns.entry_id                     1LNM 
_reflns.observed_criterion_sigma_I   -3 
_reflns.observed_criterion_sigma_F   ? 
_reflns.d_resolution_low             37.53 
_reflns.d_resolution_high            1.90 
_reflns.number_obs                   13430 
_reflns.number_all                   13430 
_reflns.percent_possible_obs         90.8 
_reflns.pdbx_Rmerge_I_obs            ? 
_reflns.pdbx_Rsym_value              0.112 
_reflns.pdbx_netI_over_sigmaI        11.650 
_reflns.B_iso_Wilson_estimate        ? 
_reflns.pdbx_redundancy              4.31 
_reflns.R_free_details               ? 
_reflns.limit_h_max                  ? 
_reflns.limit_h_min                  ? 
_reflns.limit_k_max                  ? 
_reflns.limit_k_min                  ? 
_reflns.limit_l_max                  ? 
_reflns.limit_l_min                  ? 
_reflns.observed_criterion_F_max     ? 
_reflns.observed_criterion_F_min     ? 
_reflns.pdbx_diffrn_id               1 
_reflns.pdbx_ordinal                 1 
# 
_reflns_shell.d_res_high             1.90 
_reflns_shell.d_res_low              1.97 
_reflns_shell.percent_possible_all   94 
_reflns_shell.Rmerge_I_obs           ? 
_reflns_shell.pdbx_Rsym_value        0.24 
_reflns_shell.meanI_over_sigI_obs    2.62 
_reflns_shell.pdbx_redundancy        1.9 
_reflns_shell.percent_possible_obs   ? 
_reflns_shell.number_unique_all      1380 
_reflns_shell.pdbx_diffrn_id         ? 
_reflns_shell.pdbx_ordinal           1 
# 
_refine.entry_id                                 1LNM 
_refine.ls_number_reflns_obs                     12712 
_refine.ls_number_reflns_all                     ? 
_refine.pdbx_ls_sigma_I                          ? 
_refine.pdbx_ls_sigma_F                          0 
_refine.pdbx_data_cutoff_high_absF               ? 
_refine.pdbx_data_cutoff_low_absF                ? 
_refine.ls_d_res_low                             48.80 
_refine.ls_d_res_high                            1.90 
_refine.ls_percent_reflns_obs                    90.82 
_refine.ls_R_factor_obs                          0.20637 
_refine.ls_R_factor_all                          ? 
_refine.ls_R_factor_R_work                       0.20435 
_refine.ls_R_factor_R_free                       0.24454 
_refine.ls_R_factor_R_free_error                 ? 
_refine.ls_R_factor_R_free_error_details         ? 
_refine.ls_percent_reflns_R_free                 5.0 
_refine.ls_number_reflns_R_free                  672 
_refine.ls_number_parameters                     ? 
_refine.ls_number_restraints                     ? 
_refine.occupancy_min                            ? 
_refine.occupancy_max                            ? 
_refine.correlation_coeff_Fo_to_Fc               0.942 
_refine.correlation_coeff_Fo_to_Fc_free          0.918 
_refine.B_iso_mean                               30.722 
_refine.aniso_B[1][1]                            0.29 
_refine.aniso_B[2][2]                            -2.11 
_refine.aniso_B[3][3]                            1.82 
_refine.aniso_B[1][2]                            0.00 
_refine.aniso_B[1][3]                            -0.01 
_refine.aniso_B[2][3]                            0.00 
_refine.solvent_model_details                    'BABINET MODEL WITH MASK' 
_refine.solvent_model_param_ksol                 ? 
_refine.solvent_model_param_bsol                 ? 
_refine.pdbx_solvent_vdw_probe_radii             1.40 
_refine.pdbx_solvent_ion_probe_radii             0.80 
_refine.pdbx_solvent_shrinkage_radii             0.80 
_refine.pdbx_ls_cross_valid_method               THROUGHOUT 
_refine.details                                  ? 
_refine.pdbx_starting_model                      'PDB ENTRY 1LKE' 
_refine.pdbx_method_to_determine_struct          'FOURIER SYNTHESIS' 
_refine.pdbx_isotropic_thermal_model             ? 
_refine.pdbx_stereochemistry_target_values       ? 
_refine.pdbx_stereochem_target_val_spec_case     ? 
_refine.pdbx_R_Free_selection_details            RANDOM 
_refine.ls_redundancy_reflns_obs                 ? 
_refine.B_iso_min                                ? 
_refine.B_iso_max                                ? 
_refine.overall_SU_R_Cruickshank_DPI             ? 
_refine.overall_SU_R_free                        ? 
_refine.pdbx_data_cutoff_high_rms_absF           ? 
_refine.pdbx_overall_ESU_R                       0.174 
_refine.pdbx_overall_ESU_R_Free                  0.159 
_refine.overall_SU_ML                            0.108 
_refine.overall_SU_B                             3.466 
_refine.pdbx_refine_id                           'X-RAY DIFFRACTION' 
_refine.pdbx_diffrn_id                           1 
_refine.pdbx_TLS_residual_ADP_flag               ? 
_refine.pdbx_overall_phase_error                 ? 
_refine.pdbx_overall_SU_R_free_Cruickshank_DPI   ? 
_refine.pdbx_overall_SU_R_Blow_DPI               ? 
_refine.pdbx_overall_SU_R_free_Blow_DPI          ? 
# 
_refine_hist.pdbx_refine_id                   'X-RAY DIFFRACTION' 
_refine_hist.cycle_id                         LAST 
_refine_hist.pdbx_number_atoms_protein        1268 
_refine_hist.pdbx_number_atoms_nucleic_acid   0 
_refine_hist.pdbx_number_atoms_ligand         27 
_refine_hist.number_atoms_solvent             45 
_refine_hist.number_atoms_total               1340 
_refine_hist.d_res_high                       1.90 
_refine_hist.d_res_low                        48.80 
# 
loop_
_refine_ls_restr.type 
_refine_ls_restr.dev_ideal 
_refine_ls_restr.dev_ideal_target 
_refine_ls_restr.weight 
_refine_ls_restr.number 
_refine_ls_restr.pdbx_refine_id 
_refine_ls_restr.pdbx_restraint_function 
r_bond_refined_d         0.014 0.021 ? 1338 'X-RAY DIFFRACTION' ? 
r_bond_other_d           0.001 0.020 ? 1104 'X-RAY DIFFRACTION' ? 
r_angle_refined_deg      2.322 1.914 ? 1824 'X-RAY DIFFRACTION' ? 
r_angle_other_deg        1.057 2.998 ? 2587 'X-RAY DIFFRACTION' ? 
r_dihedral_angle_1_deg   7.537 5.000 ? 157  'X-RAY DIFFRACTION' ? 
r_dihedral_angle_2_deg   ?     ?     ? ?    'X-RAY DIFFRACTION' ? 
r_chiral_restr           0.144 0.200 ? 191  'X-RAY DIFFRACTION' ? 
r_gen_planes_refined     0.007 0.020 ? 1452 'X-RAY DIFFRACTION' ? 
r_gen_planes_other       0.005 0.020 ? 275  'X-RAY DIFFRACTION' ? 
r_nbd_refined            0.220 0.300 ? 218  'X-RAY DIFFRACTION' ? 
r_nbd_other              0.253 0.300 ? 1179 'X-RAY DIFFRACTION' ? 
r_nbtor_other            0.106 0.500 ? 782  'X-RAY DIFFRACTION' ? 
r_xyhbond_nbd_refined    0.265 0.500 ? 73   'X-RAY DIFFRACTION' ? 
r_xyhbond_nbd_other      ?     ?     ? ?    'X-RAY DIFFRACTION' ? 
r_symmetry_vdw_refined   0.213 0.300 ? 8    'X-RAY DIFFRACTION' ? 
r_symmetry_vdw_other     0.268 0.300 ? 17   'X-RAY DIFFRACTION' ? 
r_symmetry_hbond_refined 0.281 0.500 ? 10   'X-RAY DIFFRACTION' ? 
r_symmetry_hbond_other   ?     ?     ? ?    'X-RAY DIFFRACTION' ? 
r_mcbond_it              5.100 2.000 ? 786  'X-RAY DIFFRACTION' ? 
r_mcangle_it             7.033 3.000 ? 1266 'X-RAY DIFFRACTION' ? 
r_scbond_it              6.414 2.000 ? 552  'X-RAY DIFFRACTION' ? 
r_scangle_it             8.256 3.000 ? 558  'X-RAY DIFFRACTION' ? 
r_rigid_bond_restr       ?     ?     ? ?    'X-RAY DIFFRACTION' ? 
r_sphericity_free        ?     ?     ? ?    'X-RAY DIFFRACTION' ? 
r_sphericity_bonded      ?     ?     ? ?    'X-RAY DIFFRACTION' ? 
# 
_refine_ls_shell.pdbx_total_number_of_bins_used   10 
_refine_ls_shell.d_res_high                       1.90 
_refine_ls_shell.d_res_low                        2.0 
_refine_ls_shell.number_reflns_R_work             1934 
_refine_ls_shell.R_factor_R_work                  0.186 
_refine_ls_shell.percent_reflns_obs               ? 
_refine_ls_shell.R_factor_R_free                  0.281 
_refine_ls_shell.R_factor_R_free_error            ? 
_refine_ls_shell.percent_reflns_R_free            ? 
_refine_ls_shell.number_reflns_R_free             103 
_refine_ls_shell.number_reflns_obs                1933 
_refine_ls_shell.redundancy_reflns_obs            ? 
_refine_ls_shell.number_reflns_all                ? 
_refine_ls_shell.pdbx_refine_id                   'X-RAY DIFFRACTION' 
_refine_ls_shell.R_factor_all                     ? 
# 
_struct.entry_id                  1LNM 
_struct.title                     'ANTICALIN DIGA16 IN COMPLEX WITH DIGITOXIGENIN' 
_struct.pdbx_model_details        ? 
_struct.pdbx_CASP_flag            ? 
_struct.pdbx_model_type_details   ? 
# 
_struct_keywords.entry_id        1LNM 
_struct_keywords.pdbx_keywords   'LIGAND BINDING PROTEIN' 
_struct_keywords.text            
'PIERIS BRASSICAE, LIPOCALIN, ANTICALIN, GENETICAL ENGINEERING, DIGOXIGENIN, DIGITOXIGENIN, LIGAND BINDING PROTEIN' 
# 
loop_
_struct_asym.id 
_struct_asym.pdbx_blank_PDB_chainid_flag 
_struct_asym.pdbx_modified 
_struct_asym.entity_id 
_struct_asym.details 
A N N 1 ? 
B N N 2 ? 
C N N 3 ? 
# 
_struct_ref.id                         1 
_struct_ref.db_name                    UNP 
_struct_ref.db_code                    BBP_PIEBR 
_struct_ref.entity_id                  1 
_struct_ref.pdbx_seq_one_letter_code   
;NVYHDGACPEVKPVDNFDWSNYHGKWWEVAKYPNSVEKYGKCGWAEYTPEGKSVKVSNYHVIHGKEYFIEGTAYPVGDSK
IGKIYHKLTYGGVTKENVFNVLSTDNKNYIIGYYCKYDEDKKGHQDFVWVLSRSKVLTGEAKTAVENYLIGSPVVDSQKL
VYSDFSEAACKVNN
;
_struct_ref.pdbx_align_begin           16 
_struct_ref.pdbx_db_accession          P09464 
_struct_ref.pdbx_db_isoform            ? 
# 
_struct_ref_seq.align_id                      1 
_struct_ref_seq.ref_id                        1 
_struct_ref_seq.pdbx_PDB_id_code              1LNM 
_struct_ref_seq.pdbx_strand_id                A 
_struct_ref_seq.seq_align_beg                 1 
_struct_ref_seq.pdbx_seq_align_beg_ins_code   ? 
_struct_ref_seq.seq_align_end                 174 
_struct_ref_seq.pdbx_seq_align_end_ins_code   ? 
_struct_ref_seq.pdbx_db_accession             P09464 
_struct_ref_seq.db_align_beg                  16 
_struct_ref_seq.pdbx_db_align_beg_ins_code    ? 
_struct_ref_seq.db_align_end                  189 
_struct_ref_seq.pdbx_db_align_end_ins_code    ? 
_struct_ref_seq.pdbx_auth_seq_align_beg       1 
_struct_ref_seq.pdbx_auth_seq_align_end       174 
# 
loop_
_struct_ref_seq_dif.align_id 
_struct_ref_seq_dif.pdbx_pdb_id_code 
_struct_ref_seq_dif.mon_id 
_struct_ref_seq_dif.pdbx_pdb_strand_id 
_struct_ref_seq_dif.seq_num 
_struct_ref_seq_dif.pdbx_pdb_ins_code 
_struct_ref_seq_dif.pdbx_seq_db_name 
_struct_ref_seq_dif.pdbx_seq_db_accession_code 
_struct_ref_seq_dif.db_mon_id 
_struct_ref_seq_dif.pdbx_seq_db_seq_num 
_struct_ref_seq_dif.details 
_struct_ref_seq_dif.pdbx_auth_seq_num 
_struct_ref_seq_dif.pdbx_ordinal 
1 1LNM ASP A 1   ? UNP P09464 ASN 16  'engineered mutation' 1   1  
1 1LNM GLN A 21  ? UNP P09464 ASN 36  'engineered mutation' 21  2  
1 1LNM GLN A 28  ? UNP P09464 GLU 43  'engineered mutation' 28  3  
1 1LNM ALA A 31  ? UNP P09464 LYS 46  'engineered mutation' 31  4  
1 1LNM ASP A 34  ? UNP P09464 ASN 49  'engineered mutation' 34  5  
1 1LNM HIS A 35  ? UNP P09464 SER 50  'engineered mutation' 35  6  
1 1LNM ILE A 36  ? UNP P09464 VAL 51  'engineered mutation' 36  7  
1 1LNM THR A 37  ? UNP P09464 GLU 52  'engineered mutation' 37  8  
1 1LNM ARG A 58  ? UNP P09464 ASN 73  'engineered mutation' 58  9  
1 1LNM SER A 60  ? UNP P09464 HIS 75  'engineered mutation' 60  10 
1 1LNM SER A 69  ? UNP P09464 ILE 84  'engineered mutation' 69  11 
1 1LNM SER A 87  ? UNP P09464 LYS 102 'engineered mutation' 87  12 
1 1LNM TYR A 88  ? UNP P09464 LEU 103 'engineered mutation' 88  13 
1 1LNM ILE A 90  ? UNP P09464 TYR 105 'engineered mutation' 90  14 
1 1LNM GLN A 95  ? UNP P09464 LYS 110 'engineered mutation' 95  15 
1 1LNM GLY A 97  ? UNP P09464 ASN 112 'engineered mutation' 97  16 
1 1LNM PHE A 114 ? UNP P09464 TYR 129 'engineered mutation' 114 17 
1 1LNM SER A 116 ? UNP P09464 LYS 131 'engineered mutation' 116 18 
1 1LNM MET A 125 ? UNP P09464 GLN 140 'engineered mutation' 125 19 
1 1LNM LEU A 127 ? UNP P09464 PHE 142 'engineered mutation' 127 20 
1 1LNM MET A 135 ? UNP P09464 LYS 150 'engineered mutation' 135 21 
1 1LNM SER A 175 ? UNP P09464 ?   ?   'SEE REMARK 999'      175 22 
1 1LNM ASN A 176 ? UNP P09464 ?   ?   'SEE REMARK 999'      176 23 
1 1LNM TRP A 177 ? UNP P09464 ?   ?   'SEE REMARK 999'      177 24 
1 1LNM SER A 178 ? UNP P09464 ?   ?   'SEE REMARK 999'      178 25 
1 1LNM HIS A 179 ? UNP P09464 ?   ?   'SEE REMARK 999'      179 26 
1 1LNM PRO A 180 ? UNP P09464 ?   ?   'SEE REMARK 999'      180 27 
1 1LNM GLN A 181 ? UNP P09464 ?   ?   'SEE REMARK 999'      181 28 
1 1LNM PHE A 182 ? UNP P09464 ?   ?   'SEE REMARK 999'      182 29 
1 1LNM GLU A 183 ? UNP P09464 ?   ?   'SEE REMARK 999'      183 30 
1 1LNM LYS A 184 ? UNP P09464 ?   ?   'SEE REMARK 999'      184 31 
# 
_pdbx_struct_assembly.id                   1 
_pdbx_struct_assembly.details              author_defined_assembly 
_pdbx_struct_assembly.method_details       ? 
_pdbx_struct_assembly.oligomeric_details   monomeric 
_pdbx_struct_assembly.oligomeric_count     1 
# 
_pdbx_struct_assembly_gen.assembly_id       1 
_pdbx_struct_assembly_gen.oper_expression   1 
_pdbx_struct_assembly_gen.asym_id_list      A,B,C 
# 
_pdbx_struct_oper_list.id                   1 
_pdbx_struct_oper_list.type                 'identity operation' 
_pdbx_struct_oper_list.name                 1_555 
_pdbx_struct_oper_list.symmetry_operation   x,y,z 
_pdbx_struct_oper_list.matrix[1][1]         1.0000000000 
_pdbx_struct_oper_list.matrix[1][2]         0.0000000000 
_pdbx_struct_oper_list.matrix[1][3]         0.0000000000 
_pdbx_struct_oper_list.vector[1]            0.0000000000 
_pdbx_struct_oper_list.matrix[2][1]         0.0000000000 
_pdbx_struct_oper_list.matrix[2][2]         1.0000000000 
_pdbx_struct_oper_list.matrix[2][3]         0.0000000000 
_pdbx_struct_oper_list.vector[2]            0.0000000000 
_pdbx_struct_oper_list.matrix[3][1]         0.0000000000 
_pdbx_struct_oper_list.matrix[3][2]         0.0000000000 
_pdbx_struct_oper_list.matrix[3][3]         1.0000000000 
_pdbx_struct_oper_list.vector[3]            0.0000000000 
# 
loop_
_struct_conf.conf_type_id 
_struct_conf.id 
_struct_conf.pdbx_PDB_helix_id 
_struct_conf.beg_label_comp_id 
_struct_conf.beg_label_asym_id 
_struct_conf.beg_label_seq_id 
_struct_conf.pdbx_beg_PDB_ins_code 
_struct_conf.end_label_comp_id 
_struct_conf.end_label_asym_id 
_struct_conf.end_label_seq_id 
_struct_conf.pdbx_end_PDB_ins_code 
_struct_conf.beg_auth_comp_id 
_struct_conf.beg_auth_asym_id 
_struct_conf.beg_auth_seq_id 
_struct_conf.end_auth_comp_id 
_struct_conf.end_auth_asym_id 
_struct_conf.end_auth_seq_id 
_struct_conf.pdbx_PDB_helix_class 
_struct_conf.details 
_struct_conf.pdbx_PDB_helix_length 
HELX_P HELX_P1 1 ASP A 18  ? TYR A 22  ? ASP A 18  TYR A 22  5 ? 5  
HELX_P HELX_P2 2 TYR A 32  ? GLY A 40  ? TYR A 32  GLY A 40  1 ? 9  
HELX_P HELX_P3 3 ASP A 78  ? ILE A 81  ? ASP A 78  ILE A 81  5 ? 4  
HELX_P HELX_P4 4 THR A 138 ? SER A 152 ? THR A 138 SER A 152 1 ? 15 
HELX_P HELX_P5 5 ASP A 156 ? LEU A 160 ? ASP A 156 LEU A 160 5 ? 5  
# 
_struct_conf_type.id          HELX_P 
_struct_conf_type.criteria    ? 
_struct_conf_type.reference   ? 
# 
loop_
_struct_conn.id 
_struct_conn.conn_type_id 
_struct_conn.pdbx_leaving_atom_flag 
_struct_conn.pdbx_PDB_id 
_struct_conn.ptnr1_label_asym_id 
_struct_conn.ptnr1_label_comp_id 
_struct_conn.ptnr1_label_seq_id 
_struct_conn.ptnr1_label_atom_id 
_struct_conn.pdbx_ptnr1_label_alt_id 
_struct_conn.pdbx_ptnr1_PDB_ins_code 
_struct_conn.pdbx_ptnr1_standard_comp_id 
_struct_conn.ptnr1_symmetry 
_struct_conn.ptnr2_label_asym_id 
_struct_conn.ptnr2_label_comp_id 
_struct_conn.ptnr2_label_seq_id 
_struct_conn.ptnr2_label_atom_id 
_struct_conn.pdbx_ptnr2_label_alt_id 
_struct_conn.pdbx_ptnr2_PDB_ins_code 
_struct_conn.ptnr1_auth_asym_id 
_struct_conn.ptnr1_auth_comp_id 
_struct_conn.ptnr1_auth_seq_id 
_struct_conn.ptnr2_auth_asym_id 
_struct_conn.ptnr2_auth_comp_id 
_struct_conn.ptnr2_auth_seq_id 
_struct_conn.ptnr2_symmetry 
_struct_conn.pdbx_ptnr3_label_atom_id 
_struct_conn.pdbx_ptnr3_label_seq_id 
_struct_conn.pdbx_ptnr3_label_comp_id 
_struct_conn.pdbx_ptnr3_label_asym_id 
_struct_conn.pdbx_ptnr3_label_alt_id 
_struct_conn.pdbx_ptnr3_PDB_ins_code 
_struct_conn.details 
_struct_conn.pdbx_dist_value 
_struct_conn.pdbx_value_order 
_struct_conn.pdbx_role 
disulf1 disulf ? ? A CYS 8  SG ? ? ? 1_555 A CYS 115 SG ? ? A CYS 8  A CYS 115 1_555 ? ? ? ? ? ? ? 2.037 ? ? 
disulf2 disulf ? ? A CYS 42 SG ? ? ? 1_555 A CYS 170 SG ? ? A CYS 42 A CYS 170 1_555 ? ? ? ? ? ? ? 2.009 ? ? 
# 
_struct_conn_type.id          disulf 
_struct_conn_type.criteria    ? 
_struct_conn_type.reference   ? 
# 
loop_
_pdbx_modification_feature.ordinal 
_pdbx_modification_feature.label_comp_id 
_pdbx_modification_feature.label_asym_id 
_pdbx_modification_feature.label_seq_id 
_pdbx_modification_feature.label_alt_id 
_pdbx_modification_feature.modified_residue_label_comp_id 
_pdbx_modification_feature.modified_residue_label_asym_id 
_pdbx_modification_feature.modified_residue_label_seq_id 
_pdbx_modification_feature.modified_residue_label_alt_id 
_pdbx_modification_feature.auth_comp_id 
_pdbx_modification_feature.auth_asym_id 
_pdbx_modification_feature.auth_seq_id 
_pdbx_modification_feature.PDB_ins_code 
_pdbx_modification_feature.symmetry 
_pdbx_modification_feature.modified_residue_auth_comp_id 
_pdbx_modification_feature.modified_residue_auth_asym_id 
_pdbx_modification_feature.modified_residue_auth_seq_id 
_pdbx_modification_feature.modified_residue_PDB_ins_code 
_pdbx_modification_feature.modified_residue_symmetry 
_pdbx_modification_feature.comp_id_linking_atom 
_pdbx_modification_feature.modified_residue_id_linking_atom 
_pdbx_modification_feature.modified_residue_id 
_pdbx_modification_feature.ref_pcm_id 
_pdbx_modification_feature.ref_comp_id 
_pdbx_modification_feature.type 
_pdbx_modification_feature.category 
1 CYS A 8  ? CYS A 115 ? CYS A 8  ? 1_555 CYS A 115 ? 1_555 SG SG . . . None 'Disulfide bridge' 
2 CYS A 42 ? CYS A 170 ? CYS A 42 ? 1_555 CYS A 170 ? 1_555 SG SG . . . None 'Disulfide bridge' 
# 
_struct_sheet.id               A 
_struct_sheet.type             ? 
_struct_sheet.number_strands   9 
_struct_sheet.details          ? 
# 
loop_
_struct_sheet_order.sheet_id 
_struct_sheet_order.range_id_1 
_struct_sheet_order.range_id_2 
_struct_sheet_order.offset 
_struct_sheet_order.sense 
A 1 2 ? anti-parallel 
A 2 3 ? anti-parallel 
A 3 4 ? anti-parallel 
A 4 5 ? anti-parallel 
A 5 6 ? anti-parallel 
A 6 7 ? anti-parallel 
A 7 8 ? anti-parallel 
A 8 9 ? anti-parallel 
# 
loop_
_struct_sheet_range.sheet_id 
_struct_sheet_range.id 
_struct_sheet_range.beg_label_comp_id 
_struct_sheet_range.beg_label_asym_id 
_struct_sheet_range.beg_label_seq_id 
_struct_sheet_range.pdbx_beg_PDB_ins_code 
_struct_sheet_range.end_label_comp_id 
_struct_sheet_range.end_label_asym_id 
_struct_sheet_range.end_label_seq_id 
_struct_sheet_range.pdbx_end_PDB_ins_code 
_struct_sheet_range.beg_auth_comp_id 
_struct_sheet_range.beg_auth_asym_id 
_struct_sheet_range.beg_auth_seq_id 
_struct_sheet_range.end_auth_comp_id 
_struct_sheet_range.end_auth_asym_id 
_struct_sheet_range.end_auth_seq_id 
A 1 VAL A 161 ? TYR A 162 ? VAL A 161 TYR A 162 
A 2 GLY A 24  ? ALA A 31  ? GLY A 24  ALA A 31  
A 3 LYS A 41  ? GLU A 50  ? LYS A 41  GLU A 50  
A 4 SER A 53  ? ILE A 62  ? SER A 53  ILE A 62  
A 5 LYS A 65  ? PRO A 75  ? LYS A 65  PRO A 75  
A 6 LYS A 83  ? ILE A 90  ? LYS A 83  ILE A 90  
A 7 VAL A 93  ? THR A 104 ? VAL A 93  THR A 104 
A 8 TYR A 109 ? SER A 116 ? TYR A 109 SER A 116 
A 9 MET A 125 ? SER A 132 ? MET A 125 SER A 132 
# 
loop_
_pdbx_struct_sheet_hbond.sheet_id 
_pdbx_struct_sheet_hbond.range_id_1 
_pdbx_struct_sheet_hbond.range_id_2 
_pdbx_struct_sheet_hbond.range_1_label_atom_id 
_pdbx_struct_sheet_hbond.range_1_label_comp_id 
_pdbx_struct_sheet_hbond.range_1_label_asym_id 
_pdbx_struct_sheet_hbond.range_1_label_seq_id 
_pdbx_struct_sheet_hbond.range_1_PDB_ins_code 
_pdbx_struct_sheet_hbond.range_1_auth_atom_id 
_pdbx_struct_sheet_hbond.range_1_auth_comp_id 
_pdbx_struct_sheet_hbond.range_1_auth_asym_id 
_pdbx_struct_sheet_hbond.range_1_auth_seq_id 
_pdbx_struct_sheet_hbond.range_2_label_atom_id 
_pdbx_struct_sheet_hbond.range_2_label_comp_id 
_pdbx_struct_sheet_hbond.range_2_label_asym_id 
_pdbx_struct_sheet_hbond.range_2_label_seq_id 
_pdbx_struct_sheet_hbond.range_2_PDB_ins_code 
_pdbx_struct_sheet_hbond.range_2_auth_atom_id 
_pdbx_struct_sheet_hbond.range_2_auth_comp_id 
_pdbx_struct_sheet_hbond.range_2_auth_asym_id 
_pdbx_struct_sheet_hbond.range_2_auth_seq_id 
A 1 2 N VAL A 161 ? N VAL A 161 O ALA A 31  ? O ALA A 31  
A 2 3 N GLN A 28  ? N GLN A 28  O GLY A 43  ? O GLY A 43  
A 3 4 N GLU A 50  ? N GLU A 50  O SER A 53  ? O SER A 53  
A 4 5 N ILE A 62  ? N ILE A 62  O LYS A 65  ? O LYS A 65  
A 5 6 O TYR A 74  ? O TYR A 74  N TYR A 85  ? N TYR A 85  
A 6 7 N ILE A 90  ? N ILE A 90  O VAL A 93  ? O VAL A 93  
A 7 8 N LEU A 102 ? N LEU A 102 O ILE A 111 ? O ILE A 111 
A 8 9 O SER A 116 ? O SER A 116 N MET A 125 ? N MET A 125 
# 
_struct_site.id                   AC1 
_struct_site.pdbx_evidence_code   Software 
_struct_site.pdbx_auth_asym_id    A 
_struct_site.pdbx_auth_comp_id    DTX 
_struct_site.pdbx_auth_seq_id     700 
_struct_site.pdbx_auth_ins_code   ? 
_struct_site.pdbx_num_residues    10 
_struct_site.details              'BINDING SITE FOR RESIDUE DTX A 700' 
# 
loop_
_struct_site_gen.id 
_struct_site_gen.site_id 
_struct_site_gen.pdbx_num_res 
_struct_site_gen.label_comp_id 
_struct_site_gen.label_asym_id 
_struct_site_gen.label_seq_id 
_struct_site_gen.pdbx_auth_ins_code 
_struct_site_gen.auth_comp_id 
_struct_site_gen.auth_asym_id 
_struct_site_gen.auth_seq_id 
_struct_site_gen.label_atom_id 
_struct_site_gen.label_alt_id 
_struct_site_gen.symmetry 
_struct_site_gen.details 
1  AC1 10 GLN A 28  ? GLN A 28  . ? 1_555 ? 
2  AC1 10 HIS A 35  ? HIS A 35  . ? 1_555 ? 
3  AC1 10 TYR A 39  ? TYR A 39  . ? 1_555 ? 
4  AC1 10 ALA A 45  ? ALA A 45  . ? 1_555 ? 
5  AC1 10 TYR A 47  ? TYR A 47  . ? 1_555 ? 
6  AC1 10 HIS A 86  ? HIS A 86  . ? 1_555 ? 
7  AC1 10 PHE A 114 ? PHE A 114 . ? 1_555 ? 
8  AC1 10 TRP A 129 ? TRP A 129 . ? 1_555 ? 
9  AC1 10 LEU A 131 ? LEU A 131 . ? 1_555 ? 
10 AC1 10 HOH C .   ? HOH A 702 . ? 1_555 ? 
# 
_pdbx_entry_details.entry_id                   1LNM 
_pdbx_entry_details.compound_details           ? 
_pdbx_entry_details.source_details             ? 
_pdbx_entry_details.nonpolymer_details         ? 
_pdbx_entry_details.sequence_details           ? 
_pdbx_entry_details.has_ligand_of_interest     ? 
_pdbx_entry_details.has_protein_modification   Y 
# 
_pdbx_validate_close_contact.id               1 
_pdbx_validate_close_contact.PDB_model_num    1 
_pdbx_validate_close_contact.auth_atom_id_1   OD2 
_pdbx_validate_close_contact.auth_asym_id_1   A 
_pdbx_validate_close_contact.auth_comp_id_1   ASP 
_pdbx_validate_close_contact.auth_seq_id_1    18 
_pdbx_validate_close_contact.PDB_ins_code_1   ? 
_pdbx_validate_close_contact.label_alt_id_1   ? 
_pdbx_validate_close_contact.auth_atom_id_2   NE2 
_pdbx_validate_close_contact.auth_asym_id_2   A 
_pdbx_validate_close_contact.auth_comp_id_2   GLN 
_pdbx_validate_close_contact.auth_seq_id_2    21 
_pdbx_validate_close_contact.PDB_ins_code_2   ? 
_pdbx_validate_close_contact.label_alt_id_2   ? 
_pdbx_validate_close_contact.dist             1.45 
# 
loop_
_pdbx_validate_rmsd_angle.id 
_pdbx_validate_rmsd_angle.PDB_model_num 
_pdbx_validate_rmsd_angle.auth_atom_id_1 
_pdbx_validate_rmsd_angle.auth_asym_id_1 
_pdbx_validate_rmsd_angle.auth_comp_id_1 
_pdbx_validate_rmsd_angle.auth_seq_id_1 
_pdbx_validate_rmsd_angle.PDB_ins_code_1 
_pdbx_validate_rmsd_angle.label_alt_id_1 
_pdbx_validate_rmsd_angle.auth_atom_id_2 
_pdbx_validate_rmsd_angle.auth_asym_id_2 
_pdbx_validate_rmsd_angle.auth_comp_id_2 
_pdbx_validate_rmsd_angle.auth_seq_id_2 
_pdbx_validate_rmsd_angle.PDB_ins_code_2 
_pdbx_validate_rmsd_angle.label_alt_id_2 
_pdbx_validate_rmsd_angle.auth_atom_id_3 
_pdbx_validate_rmsd_angle.auth_asym_id_3 
_pdbx_validate_rmsd_angle.auth_comp_id_3 
_pdbx_validate_rmsd_angle.auth_seq_id_3 
_pdbx_validate_rmsd_angle.PDB_ins_code_3 
_pdbx_validate_rmsd_angle.label_alt_id_3 
_pdbx_validate_rmsd_angle.angle_value 
_pdbx_validate_rmsd_angle.angle_target_value 
_pdbx_validate_rmsd_angle.angle_deviation 
_pdbx_validate_rmsd_angle.angle_standard_deviation 
_pdbx_validate_rmsd_angle.linker_flag 
1 1 CB A ASP 5  ? ? CG A ASP 5  ? ? OD2 A ASP 5  ? ? 124.00 118.30 5.70 0.90 N 
2 1 CB A ASP 34 ? ? CG A ASP 34 ? ? OD2 A ASP 34 ? ? 124.52 118.30 6.22 0.90 N 
# 
loop_
_pdbx_validate_torsion.id 
_pdbx_validate_torsion.PDB_model_num 
_pdbx_validate_torsion.auth_comp_id 
_pdbx_validate_torsion.auth_asym_id 
_pdbx_validate_torsion.auth_seq_id 
_pdbx_validate_torsion.PDB_ins_code 
_pdbx_validate_torsion.label_alt_id 
_pdbx_validate_torsion.phi 
_pdbx_validate_torsion.psi 
1 1 ASN A 16  ? ? -141.42 26.45  
2 1 LYS A 107 ? ? -148.62 -56.70 
3 1 PHE A 165 ? ? -72.90  20.79  
# 
_pdbx_database_remark.id     999 
_pdbx_database_remark.text   
;SEQUENCE
NWSHPQFEK is the sequence of the Strep-tagII, 
which the authors used to purify the protein. The 
extra S before is a linker.
;
# 
loop_
_pdbx_unobs_or_zero_occ_residues.id 
_pdbx_unobs_or_zero_occ_residues.PDB_model_num 
_pdbx_unobs_or_zero_occ_residues.polymer_flag 
_pdbx_unobs_or_zero_occ_residues.occupancy_flag 
_pdbx_unobs_or_zero_occ_residues.auth_asym_id 
_pdbx_unobs_or_zero_occ_residues.auth_comp_id 
_pdbx_unobs_or_zero_occ_residues.auth_seq_id 
_pdbx_unobs_or_zero_occ_residues.PDB_ins_code 
_pdbx_unobs_or_zero_occ_residues.label_asym_id 
_pdbx_unobs_or_zero_occ_residues.label_comp_id 
_pdbx_unobs_or_zero_occ_residues.label_seq_id 
1  1 Y 1 A ASP 1   ? A ASP 1   
2  1 Y 1 A VAL 2   ? A VAL 2   
3  1 Y 1 A TYR 3   ? A TYR 3   
4  1 Y 1 A HIS 4   ? A HIS 4   
5  1 Y 1 A ASP 118 ? A ASP 118 
6  1 Y 1 A GLU 119 ? A GLU 119 
7  1 Y 1 A ASP 120 ? A ASP 120 
8  1 Y 1 A LYS 121 ? A LYS 121 
9  1 Y 1 A GLU 167 ? A GLU 167 
10 1 Y 1 A ALA 168 ? A ALA 168 
11 1 Y 1 A ALA 169 ? A ALA 169 
12 1 Y 1 A VAL 172 ? A VAL 172 
13 1 Y 1 A ASN 173 ? A ASN 173 
14 1 Y 1 A ASN 174 ? A ASN 174 
15 1 Y 1 A SER 175 ? A SER 175 
16 1 Y 1 A ASN 176 ? A ASN 176 
17 1 Y 1 A TRP 177 ? A TRP 177 
18 1 Y 1 A SER 178 ? A SER 178 
19 1 Y 1 A HIS 179 ? A HIS 179 
20 1 Y 1 A PRO 180 ? A PRO 180 
21 1 Y 1 A GLN 181 ? A GLN 181 
22 1 Y 1 A PHE 182 ? A PHE 182 
23 1 Y 1 A GLU 183 ? A GLU 183 
24 1 Y 1 A LYS 184 ? A LYS 184 
# 
loop_
_chem_comp_atom.comp_id 
_chem_comp_atom.atom_id 
_chem_comp_atom.type_symbol 
_chem_comp_atom.pdbx_aromatic_flag 
_chem_comp_atom.pdbx_stereo_config 
_chem_comp_atom.pdbx_ordinal 
ALA N    N N N 1   
ALA CA   C N S 2   
ALA C    C N N 3   
ALA O    O N N 4   
ALA CB   C N N 5   
ALA OXT  O N N 6   
ALA H    H N N 7   
ALA H2   H N N 8   
ALA HA   H N N 9   
ALA HB1  H N N 10  
ALA HB2  H N N 11  
ALA HB3  H N N 12  
ALA HXT  H N N 13  
ARG N    N N N 14  
ARG CA   C N S 15  
ARG C    C N N 16  
ARG O    O N N 17  
ARG CB   C N N 18  
ARG CG   C N N 19  
ARG CD   C N N 20  
ARG NE   N N N 21  
ARG CZ   C N N 22  
ARG NH1  N N N 23  
ARG NH2  N N N 24  
ARG OXT  O N N 25  
ARG H    H N N 26  
ARG H2   H N N 27  
ARG HA   H N N 28  
ARG HB2  H N N 29  
ARG HB3  H N N 30  
ARG HG2  H N N 31  
ARG HG3  H N N 32  
ARG HD2  H N N 33  
ARG HD3  H N N 34  
ARG HE   H N N 35  
ARG HH11 H N N 36  
ARG HH12 H N N 37  
ARG HH21 H N N 38  
ARG HH22 H N N 39  
ARG HXT  H N N 40  
ASN N    N N N 41  
ASN CA   C N S 42  
ASN C    C N N 43  
ASN O    O N N 44  
ASN CB   C N N 45  
ASN CG   C N N 46  
ASN OD1  O N N 47  
ASN ND2  N N N 48  
ASN OXT  O N N 49  
ASN H    H N N 50  
ASN H2   H N N 51  
ASN HA   H N N 52  
ASN HB2  H N N 53  
ASN HB3  H N N 54  
ASN HD21 H N N 55  
ASN HD22 H N N 56  
ASN HXT  H N N 57  
ASP N    N N N 58  
ASP CA   C N S 59  
ASP C    C N N 60  
ASP O    O N N 61  
ASP CB   C N N 62  
ASP CG   C N N 63  
ASP OD1  O N N 64  
ASP OD2  O N N 65  
ASP OXT  O N N 66  
ASP H    H N N 67  
ASP H2   H N N 68  
ASP HA   H N N 69  
ASP HB2  H N N 70  
ASP HB3  H N N 71  
ASP HD2  H N N 72  
ASP HXT  H N N 73  
CYS N    N N N 74  
CYS CA   C N R 75  
CYS C    C N N 76  
CYS O    O N N 77  
CYS CB   C N N 78  
CYS SG   S N N 79  
CYS OXT  O N N 80  
CYS H    H N N 81  
CYS H2   H N N 82  
CYS HA   H N N 83  
CYS HB2  H N N 84  
CYS HB3  H N N 85  
CYS HG   H N N 86  
CYS HXT  H N N 87  
DTX O23  O N N 88  
DTX C23  C N N 89  
DTX C22  C N N 90  
DTX O21  O N N 91  
DTX C21  C N N 92  
DTX C20  C N N 93  
DTX C17  C N R 94  
DTX C16  C N N 95  
DTX C13  C N R 96  
DTX C12  C N N 97  
DTX C11  C N N 98  
DTX C18  C N N 99  
DTX C14  C N S 100 
DTX C15  C N N 101 
DTX O14  O N N 102 
DTX C8   C N R 103 
DTX C7   C N N 104 
DTX C9   C N S 105 
DTX C10  C N S 106 
DTX C1   C N N 107 
DTX C19  C N N 108 
DTX C5   C N R 109 
DTX C6   C N N 110 
DTX C4   C N N 111 
DTX C3   C N S 112 
DTX C2   C N N 113 
DTX O32  O N N 114 
DTX H22  H N N 115 
DTX H211 H N N 116 
DTX H212 H N N 117 
DTX H17  H N N 118 
DTX H161 H N N 119 
DTX H162 H N N 120 
DTX H121 H N N 121 
DTX H122 H N N 122 
DTX H111 H N N 123 
DTX H112 H N N 124 
DTX H181 H N N 125 
DTX H182 H N N 126 
DTX H183 H N N 127 
DTX H151 H N N 128 
DTX H152 H N N 129 
DTX H14O H N N 130 
DTX HC8  H N N 131 
DTX HC71 H N N 132 
DTX HC72 H N N 133 
DTX HC9  H N N 134 
DTX HC11 H N N 135 
DTX HC12 H N N 136 
DTX H191 H N N 137 
DTX H192 H N N 138 
DTX H193 H N N 139 
DTX HC5  H N N 140 
DTX HC61 H N N 141 
DTX HC62 H N N 142 
DTX HC41 H N N 143 
DTX HC42 H N N 144 
DTX HC3  H N N 145 
DTX HC21 H N N 146 
DTX HC22 H N N 147 
DTX H32O H N N 148 
GLN N    N N N 149 
GLN CA   C N S 150 
GLN C    C N N 151 
GLN O    O N N 152 
GLN CB   C N N 153 
GLN CG   C N N 154 
GLN CD   C N N 155 
GLN OE1  O N N 156 
GLN NE2  N N N 157 
GLN OXT  O N N 158 
GLN H    H N N 159 
GLN H2   H N N 160 
GLN HA   H N N 161 
GLN HB2  H N N 162 
GLN HB3  H N N 163 
GLN HG2  H N N 164 
GLN HG3  H N N 165 
GLN HE21 H N N 166 
GLN HE22 H N N 167 
GLN HXT  H N N 168 
GLU N    N N N 169 
GLU CA   C N S 170 
GLU C    C N N 171 
GLU O    O N N 172 
GLU CB   C N N 173 
GLU CG   C N N 174 
GLU CD   C N N 175 
GLU OE1  O N N 176 
GLU OE2  O N N 177 
GLU OXT  O N N 178 
GLU H    H N N 179 
GLU H2   H N N 180 
GLU HA   H N N 181 
GLU HB2  H N N 182 
GLU HB3  H N N 183 
GLU HG2  H N N 184 
GLU HG3  H N N 185 
GLU HE2  H N N 186 
GLU HXT  H N N 187 
GLY N    N N N 188 
GLY CA   C N N 189 
GLY C    C N N 190 
GLY O    O N N 191 
GLY OXT  O N N 192 
GLY H    H N N 193 
GLY H2   H N N 194 
GLY HA2  H N N 195 
GLY HA3  H N N 196 
GLY HXT  H N N 197 
HIS N    N N N 198 
HIS CA   C N S 199 
HIS C    C N N 200 
HIS O    O N N 201 
HIS CB   C N N 202 
HIS CG   C Y N 203 
HIS ND1  N Y N 204 
HIS CD2  C Y N 205 
HIS CE1  C Y N 206 
HIS NE2  N Y N 207 
HIS OXT  O N N 208 
HIS H    H N N 209 
HIS H2   H N N 210 
HIS HA   H N N 211 
HIS HB2  H N N 212 
HIS HB3  H N N 213 
HIS HD1  H N N 214 
HIS HD2  H N N 215 
HIS HE1  H N N 216 
HIS HE2  H N N 217 
HIS HXT  H N N 218 
HOH O    O N N 219 
HOH H1   H N N 220 
HOH H2   H N N 221 
ILE N    N N N 222 
ILE CA   C N S 223 
ILE C    C N N 224 
ILE O    O N N 225 
ILE CB   C N S 226 
ILE CG1  C N N 227 
ILE CG2  C N N 228 
ILE CD1  C N N 229 
ILE OXT  O N N 230 
ILE H    H N N 231 
ILE H2   H N N 232 
ILE HA   H N N 233 
ILE HB   H N N 234 
ILE HG12 H N N 235 
ILE HG13 H N N 236 
ILE HG21 H N N 237 
ILE HG22 H N N 238 
ILE HG23 H N N 239 
ILE HD11 H N N 240 
ILE HD12 H N N 241 
ILE HD13 H N N 242 
ILE HXT  H N N 243 
LEU N    N N N 244 
LEU CA   C N S 245 
LEU C    C N N 246 
LEU O    O N N 247 
LEU CB   C N N 248 
LEU CG   C N N 249 
LEU CD1  C N N 250 
LEU CD2  C N N 251 
LEU OXT  O N N 252 
LEU H    H N N 253 
LEU H2   H N N 254 
LEU HA   H N N 255 
LEU HB2  H N N 256 
LEU HB3  H N N 257 
LEU HG   H N N 258 
LEU HD11 H N N 259 
LEU HD12 H N N 260 
LEU HD13 H N N 261 
LEU HD21 H N N 262 
LEU HD22 H N N 263 
LEU HD23 H N N 264 
LEU HXT  H N N 265 
LYS N    N N N 266 
LYS CA   C N S 267 
LYS C    C N N 268 
LYS O    O N N 269 
LYS CB   C N N 270 
LYS CG   C N N 271 
LYS CD   C N N 272 
LYS CE   C N N 273 
LYS NZ   N N N 274 
LYS OXT  O N N 275 
LYS H    H N N 276 
LYS H2   H N N 277 
LYS HA   H N N 278 
LYS HB2  H N N 279 
LYS HB3  H N N 280 
LYS HG2  H N N 281 
LYS HG3  H N N 282 
LYS HD2  H N N 283 
LYS HD3  H N N 284 
LYS HE2  H N N 285 
LYS HE3  H N N 286 
LYS HZ1  H N N 287 
LYS HZ2  H N N 288 
LYS HZ3  H N N 289 
LYS HXT  H N N 290 
MET N    N N N 291 
MET CA   C N S 292 
MET C    C N N 293 
MET O    O N N 294 
MET CB   C N N 295 
MET CG   C N N 296 
MET SD   S N N 297 
MET CE   C N N 298 
MET OXT  O N N 299 
MET H    H N N 300 
MET H2   H N N 301 
MET HA   H N N 302 
MET HB2  H N N 303 
MET HB3  H N N 304 
MET HG2  H N N 305 
MET HG3  H N N 306 
MET HE1  H N N 307 
MET HE2  H N N 308 
MET HE3  H N N 309 
MET HXT  H N N 310 
PHE N    N N N 311 
PHE CA   C N S 312 
PHE C    C N N 313 
PHE O    O N N 314 
PHE CB   C N N 315 
PHE CG   C Y N 316 
PHE CD1  C Y N 317 
PHE CD2  C Y N 318 
PHE CE1  C Y N 319 
PHE CE2  C Y N 320 
PHE CZ   C Y N 321 
PHE OXT  O N N 322 
PHE H    H N N 323 
PHE H2   H N N 324 
PHE HA   H N N 325 
PHE HB2  H N N 326 
PHE HB3  H N N 327 
PHE HD1  H N N 328 
PHE HD2  H N N 329 
PHE HE1  H N N 330 
PHE HE2  H N N 331 
PHE HZ   H N N 332 
PHE HXT  H N N 333 
PRO N    N N N 334 
PRO CA   C N S 335 
PRO C    C N N 336 
PRO O    O N N 337 
PRO CB   C N N 338 
PRO CG   C N N 339 
PRO CD   C N N 340 
PRO OXT  O N N 341 
PRO H    H N N 342 
PRO HA   H N N 343 
PRO HB2  H N N 344 
PRO HB3  H N N 345 
PRO HG2  H N N 346 
PRO HG3  H N N 347 
PRO HD2  H N N 348 
PRO HD3  H N N 349 
PRO HXT  H N N 350 
SER N    N N N 351 
SER CA   C N S 352 
SER C    C N N 353 
SER O    O N N 354 
SER CB   C N N 355 
SER OG   O N N 356 
SER OXT  O N N 357 
SER H    H N N 358 
SER H2   H N N 359 
SER HA   H N N 360 
SER HB2  H N N 361 
SER HB3  H N N 362 
SER HG   H N N 363 
SER HXT  H N N 364 
THR N    N N N 365 
THR CA   C N S 366 
THR C    C N N 367 
THR O    O N N 368 
THR CB   C N R 369 
THR OG1  O N N 370 
THR CG2  C N N 371 
THR OXT  O N N 372 
THR H    H N N 373 
THR H2   H N N 374 
THR HA   H N N 375 
THR HB   H N N 376 
THR HG1  H N N 377 
THR HG21 H N N 378 
THR HG22 H N N 379 
THR HG23 H N N 380 
THR HXT  H N N 381 
TRP N    N N N 382 
TRP CA   C N S 383 
TRP C    C N N 384 
TRP O    O N N 385 
TRP CB   C N N 386 
TRP CG   C Y N 387 
TRP CD1  C Y N 388 
TRP CD2  C Y N 389 
TRP NE1  N Y N 390 
TRP CE2  C Y N 391 
TRP CE3  C Y N 392 
TRP CZ2  C Y N 393 
TRP CZ3  C Y N 394 
TRP CH2  C Y N 395 
TRP OXT  O N N 396 
TRP H    H N N 397 
TRP H2   H N N 398 
TRP HA   H N N 399 
TRP HB2  H N N 400 
TRP HB3  H N N 401 
TRP HD1  H N N 402 
TRP HE1  H N N 403 
TRP HE3  H N N 404 
TRP HZ2  H N N 405 
TRP HZ3  H N N 406 
TRP HH2  H N N 407 
TRP HXT  H N N 408 
TYR N    N N N 409 
TYR CA   C N S 410 
TYR C    C N N 411 
TYR O    O N N 412 
TYR CB   C N N 413 
TYR CG   C Y N 414 
TYR CD1  C Y N 415 
TYR CD2  C Y N 416 
TYR CE1  C Y N 417 
TYR CE2  C Y N 418 
TYR CZ   C Y N 419 
TYR OH   O N N 420 
TYR OXT  O N N 421 
TYR H    H N N 422 
TYR H2   H N N 423 
TYR HA   H N N 424 
TYR HB2  H N N 425 
TYR HB3  H N N 426 
TYR HD1  H N N 427 
TYR HD2  H N N 428 
TYR HE1  H N N 429 
TYR HE2  H N N 430 
TYR HH   H N N 431 
TYR HXT  H N N 432 
VAL N    N N N 433 
VAL CA   C N S 434 
VAL C    C N N 435 
VAL O    O N N 436 
VAL CB   C N N 437 
VAL CG1  C N N 438 
VAL CG2  C N N 439 
VAL OXT  O N N 440 
VAL H    H N N 441 
VAL H2   H N N 442 
VAL HA   H N N 443 
VAL HB   H N N 444 
VAL HG11 H N N 445 
VAL HG12 H N N 446 
VAL HG13 H N N 447 
VAL HG21 H N N 448 
VAL HG22 H N N 449 
VAL HG23 H N N 450 
VAL HXT  H N N 451 
# 
loop_
_chem_comp_bond.comp_id 
_chem_comp_bond.atom_id_1 
_chem_comp_bond.atom_id_2 
_chem_comp_bond.value_order 
_chem_comp_bond.pdbx_aromatic_flag 
_chem_comp_bond.pdbx_stereo_config 
_chem_comp_bond.pdbx_ordinal 
ALA N   CA   sing N N 1   
ALA N   H    sing N N 2   
ALA N   H2   sing N N 3   
ALA CA  C    sing N N 4   
ALA CA  CB   sing N N 5   
ALA CA  HA   sing N N 6   
ALA C   O    doub N N 7   
ALA C   OXT  sing N N 8   
ALA CB  HB1  sing N N 9   
ALA CB  HB2  sing N N 10  
ALA CB  HB3  sing N N 11  
ALA OXT HXT  sing N N 12  
ARG N   CA   sing N N 13  
ARG N   H    sing N N 14  
ARG N   H2   sing N N 15  
ARG CA  C    sing N N 16  
ARG CA  CB   sing N N 17  
ARG CA  HA   sing N N 18  
ARG C   O    doub N N 19  
ARG C   OXT  sing N N 20  
ARG CB  CG   sing N N 21  
ARG CB  HB2  sing N N 22  
ARG CB  HB3  sing N N 23  
ARG CG  CD   sing N N 24  
ARG CG  HG2  sing N N 25  
ARG CG  HG3  sing N N 26  
ARG CD  NE   sing N N 27  
ARG CD  HD2  sing N N 28  
ARG CD  HD3  sing N N 29  
ARG NE  CZ   sing N N 30  
ARG NE  HE   sing N N 31  
ARG CZ  NH1  sing N N 32  
ARG CZ  NH2  doub N N 33  
ARG NH1 HH11 sing N N 34  
ARG NH1 HH12 sing N N 35  
ARG NH2 HH21 sing N N 36  
ARG NH2 HH22 sing N N 37  
ARG OXT HXT  sing N N 38  
ASN N   CA   sing N N 39  
ASN N   H    sing N N 40  
ASN N   H2   sing N N 41  
ASN CA  C    sing N N 42  
ASN CA  CB   sing N N 43  
ASN CA  HA   sing N N 44  
ASN C   O    doub N N 45  
ASN C   OXT  sing N N 46  
ASN CB  CG   sing N N 47  
ASN CB  HB2  sing N N 48  
ASN CB  HB3  sing N N 49  
ASN CG  OD1  doub N N 50  
ASN CG  ND2  sing N N 51  
ASN ND2 HD21 sing N N 52  
ASN ND2 HD22 sing N N 53  
ASN OXT HXT  sing N N 54  
ASP N   CA   sing N N 55  
ASP N   H    sing N N 56  
ASP N   H2   sing N N 57  
ASP CA  C    sing N N 58  
ASP CA  CB   sing N N 59  
ASP CA  HA   sing N N 60  
ASP C   O    doub N N 61  
ASP C   OXT  sing N N 62  
ASP CB  CG   sing N N 63  
ASP CB  HB2  sing N N 64  
ASP CB  HB3  sing N N 65  
ASP CG  OD1  doub N N 66  
ASP CG  OD2  sing N N 67  
ASP OD2 HD2  sing N N 68  
ASP OXT HXT  sing N N 69  
CYS N   CA   sing N N 70  
CYS N   H    sing N N 71  
CYS N   H2   sing N N 72  
CYS CA  C    sing N N 73  
CYS CA  CB   sing N N 74  
CYS CA  HA   sing N N 75  
CYS C   O    doub N N 76  
CYS C   OXT  sing N N 77  
CYS CB  SG   sing N N 78  
CYS CB  HB2  sing N N 79  
CYS CB  HB3  sing N N 80  
CYS SG  HG   sing N N 81  
CYS OXT HXT  sing N N 82  
DTX O23 C23  doub N N 83  
DTX C23 C22  sing N N 84  
DTX C23 O21  sing N N 85  
DTX C22 C20  doub N N 86  
DTX C22 H22  sing N N 87  
DTX O21 C21  sing N N 88  
DTX C21 C20  sing N N 89  
DTX C21 H211 sing N N 90  
DTX C21 H212 sing N N 91  
DTX C20 C17  sing N N 92  
DTX C17 C16  sing N N 93  
DTX C17 C13  sing N N 94  
DTX C17 H17  sing N N 95  
DTX C16 C15  sing N N 96  
DTX C16 H161 sing N N 97  
DTX C16 H162 sing N N 98  
DTX C13 C12  sing N N 99  
DTX C13 C18  sing N N 100 
DTX C13 C14  sing N N 101 
DTX C12 C11  sing N N 102 
DTX C12 H121 sing N N 103 
DTX C12 H122 sing N N 104 
DTX C11 C9   sing N N 105 
DTX C11 H111 sing N N 106 
DTX C11 H112 sing N N 107 
DTX C18 H181 sing N N 108 
DTX C18 H182 sing N N 109 
DTX C18 H183 sing N N 110 
DTX C14 C15  sing N N 111 
DTX C14 O14  sing N N 112 
DTX C14 C8   sing N N 113 
DTX C15 H151 sing N N 114 
DTX C15 H152 sing N N 115 
DTX O14 H14O sing N N 116 
DTX C8  C7   sing N N 117 
DTX C8  C9   sing N N 118 
DTX C8  HC8  sing N N 119 
DTX C7  C6   sing N N 120 
DTX C7  HC71 sing N N 121 
DTX C7  HC72 sing N N 122 
DTX C9  C10  sing N N 123 
DTX C9  HC9  sing N N 124 
DTX C10 C1   sing N N 125 
DTX C10 C19  sing N N 126 
DTX C10 C5   sing N N 127 
DTX C1  C2   sing N N 128 
DTX C1  HC11 sing N N 129 
DTX C1  HC12 sing N N 130 
DTX C19 H191 sing N N 131 
DTX C19 H192 sing N N 132 
DTX C19 H193 sing N N 133 
DTX C5  C6   sing N N 134 
DTX C5  C4   sing N N 135 
DTX C5  HC5  sing N N 136 
DTX C6  HC61 sing N N 137 
DTX C6  HC62 sing N N 138 
DTX C4  C3   sing N N 139 
DTX C4  HC41 sing N N 140 
DTX C4  HC42 sing N N 141 
DTX C3  C2   sing N N 142 
DTX C3  O32  sing N N 143 
DTX C3  HC3  sing N N 144 
DTX C2  HC21 sing N N 145 
DTX C2  HC22 sing N N 146 
DTX O32 H32O sing N N 147 
GLN N   CA   sing N N 148 
GLN N   H    sing N N 149 
GLN N   H2   sing N N 150 
GLN CA  C    sing N N 151 
GLN CA  CB   sing N N 152 
GLN CA  HA   sing N N 153 
GLN C   O    doub N N 154 
GLN C   OXT  sing N N 155 
GLN CB  CG   sing N N 156 
GLN CB  HB2  sing N N 157 
GLN CB  HB3  sing N N 158 
GLN CG  CD   sing N N 159 
GLN CG  HG2  sing N N 160 
GLN CG  HG3  sing N N 161 
GLN CD  OE1  doub N N 162 
GLN CD  NE2  sing N N 163 
GLN NE2 HE21 sing N N 164 
GLN NE2 HE22 sing N N 165 
GLN OXT HXT  sing N N 166 
GLU N   CA   sing N N 167 
GLU N   H    sing N N 168 
GLU N   H2   sing N N 169 
GLU CA  C    sing N N 170 
GLU CA  CB   sing N N 171 
GLU CA  HA   sing N N 172 
GLU C   O    doub N N 173 
GLU C   OXT  sing N N 174 
GLU CB  CG   sing N N 175 
GLU CB  HB2  sing N N 176 
GLU CB  HB3  sing N N 177 
GLU CG  CD   sing N N 178 
GLU CG  HG2  sing N N 179 
GLU CG  HG3  sing N N 180 
GLU CD  OE1  doub N N 181 
GLU CD  OE2  sing N N 182 
GLU OE2 HE2  sing N N 183 
GLU OXT HXT  sing N N 184 
GLY N   CA   sing N N 185 
GLY N   H    sing N N 186 
GLY N   H2   sing N N 187 
GLY CA  C    sing N N 188 
GLY CA  HA2  sing N N 189 
GLY CA  HA3  sing N N 190 
GLY C   O    doub N N 191 
GLY C   OXT  sing N N 192 
GLY OXT HXT  sing N N 193 
HIS N   CA   sing N N 194 
HIS N   H    sing N N 195 
HIS N   H2   sing N N 196 
HIS CA  C    sing N N 197 
HIS CA  CB   sing N N 198 
HIS CA  HA   sing N N 199 
HIS C   O    doub N N 200 
HIS C   OXT  sing N N 201 
HIS CB  CG   sing N N 202 
HIS CB  HB2  sing N N 203 
HIS CB  HB3  sing N N 204 
HIS CG  ND1  sing Y N 205 
HIS CG  CD2  doub Y N 206 
HIS ND1 CE1  doub Y N 207 
HIS ND1 HD1  sing N N 208 
HIS CD2 NE2  sing Y N 209 
HIS CD2 HD2  sing N N 210 
HIS CE1 NE2  sing Y N 211 
HIS CE1 HE1  sing N N 212 
HIS NE2 HE2  sing N N 213 
HIS OXT HXT  sing N N 214 
HOH O   H1   sing N N 215 
HOH O   H2   sing N N 216 
ILE N   CA   sing N N 217 
ILE N   H    sing N N 218 
ILE N   H2   sing N N 219 
ILE CA  C    sing N N 220 
ILE CA  CB   sing N N 221 
ILE CA  HA   sing N N 222 
ILE C   O    doub N N 223 
ILE C   OXT  sing N N 224 
ILE CB  CG1  sing N N 225 
ILE CB  CG2  sing N N 226 
ILE CB  HB   sing N N 227 
ILE CG1 CD1  sing N N 228 
ILE CG1 HG12 sing N N 229 
ILE CG1 HG13 sing N N 230 
ILE CG2 HG21 sing N N 231 
ILE CG2 HG22 sing N N 232 
ILE CG2 HG23 sing N N 233 
ILE CD1 HD11 sing N N 234 
ILE CD1 HD12 sing N N 235 
ILE CD1 HD13 sing N N 236 
ILE OXT HXT  sing N N 237 
LEU N   CA   sing N N 238 
LEU N   H    sing N N 239 
LEU N   H2   sing N N 240 
LEU CA  C    sing N N 241 
LEU CA  CB   sing N N 242 
LEU CA  HA   sing N N 243 
LEU C   O    doub N N 244 
LEU C   OXT  sing N N 245 
LEU CB  CG   sing N N 246 
LEU CB  HB2  sing N N 247 
LEU CB  HB3  sing N N 248 
LEU CG  CD1  sing N N 249 
LEU CG  CD2  sing N N 250 
LEU CG  HG   sing N N 251 
LEU CD1 HD11 sing N N 252 
LEU CD1 HD12 sing N N 253 
LEU CD1 HD13 sing N N 254 
LEU CD2 HD21 sing N N 255 
LEU CD2 HD22 sing N N 256 
LEU CD2 HD23 sing N N 257 
LEU OXT HXT  sing N N 258 
LYS N   CA   sing N N 259 
LYS N   H    sing N N 260 
LYS N   H2   sing N N 261 
LYS CA  C    sing N N 262 
LYS CA  CB   sing N N 263 
LYS CA  HA   sing N N 264 
LYS C   O    doub N N 265 
LYS C   OXT  sing N N 266 
LYS CB  CG   sing N N 267 
LYS CB  HB2  sing N N 268 
LYS CB  HB3  sing N N 269 
LYS CG  CD   sing N N 270 
LYS CG  HG2  sing N N 271 
LYS CG  HG3  sing N N 272 
LYS CD  CE   sing N N 273 
LYS CD  HD2  sing N N 274 
LYS CD  HD3  sing N N 275 
LYS CE  NZ   sing N N 276 
LYS CE  HE2  sing N N 277 
LYS CE  HE3  sing N N 278 
LYS NZ  HZ1  sing N N 279 
LYS NZ  HZ2  sing N N 280 
LYS NZ  HZ3  sing N N 281 
LYS OXT HXT  sing N N 282 
MET N   CA   sing N N 283 
MET N   H    sing N N 284 
MET N   H2   sing N N 285 
MET CA  C    sing N N 286 
MET CA  CB   sing N N 287 
MET CA  HA   sing N N 288 
MET C   O    doub N N 289 
MET C   OXT  sing N N 290 
MET CB  CG   sing N N 291 
MET CB  HB2  sing N N 292 
MET CB  HB3  sing N N 293 
MET CG  SD   sing N N 294 
MET CG  HG2  sing N N 295 
MET CG  HG3  sing N N 296 
MET SD  CE   sing N N 297 
MET CE  HE1  sing N N 298 
MET CE  HE2  sing N N 299 
MET CE  HE3  sing N N 300 
MET OXT HXT  sing N N 301 
PHE N   CA   sing N N 302 
PHE N   H    sing N N 303 
PHE N   H2   sing N N 304 
PHE CA  C    sing N N 305 
PHE CA  CB   sing N N 306 
PHE CA  HA   sing N N 307 
PHE C   O    doub N N 308 
PHE C   OXT  sing N N 309 
PHE CB  CG   sing N N 310 
PHE CB  HB2  sing N N 311 
PHE CB  HB3  sing N N 312 
PHE CG  CD1  doub Y N 313 
PHE CG  CD2  sing Y N 314 
PHE CD1 CE1  sing Y N 315 
PHE CD1 HD1  sing N N 316 
PHE CD2 CE2  doub Y N 317 
PHE CD2 HD2  sing N N 318 
PHE CE1 CZ   doub Y N 319 
PHE CE1 HE1  sing N N 320 
PHE CE2 CZ   sing Y N 321 
PHE CE2 HE2  sing N N 322 
PHE CZ  HZ   sing N N 323 
PHE OXT HXT  sing N N 324 
PRO N   CA   sing N N 325 
PRO N   CD   sing N N 326 
PRO N   H    sing N N 327 
PRO CA  C    sing N N 328 
PRO CA  CB   sing N N 329 
PRO CA  HA   sing N N 330 
PRO C   O    doub N N 331 
PRO C   OXT  sing N N 332 
PRO CB  CG   sing N N 333 
PRO CB  HB2  sing N N 334 
PRO CB  HB3  sing N N 335 
PRO CG  CD   sing N N 336 
PRO CG  HG2  sing N N 337 
PRO CG  HG3  sing N N 338 
PRO CD  HD2  sing N N 339 
PRO CD  HD3  sing N N 340 
PRO OXT HXT  sing N N 341 
SER N   CA   sing N N 342 
SER N   H    sing N N 343 
SER N   H2   sing N N 344 
SER CA  C    sing N N 345 
SER CA  CB   sing N N 346 
SER CA  HA   sing N N 347 
SER C   O    doub N N 348 
SER C   OXT  sing N N 349 
SER CB  OG   sing N N 350 
SER CB  HB2  sing N N 351 
SER CB  HB3  sing N N 352 
SER OG  HG   sing N N 353 
SER OXT HXT  sing N N 354 
THR N   CA   sing N N 355 
THR N   H    sing N N 356 
THR N   H2   sing N N 357 
THR CA  C    sing N N 358 
THR CA  CB   sing N N 359 
THR CA  HA   sing N N 360 
THR C   O    doub N N 361 
THR C   OXT  sing N N 362 
THR CB  OG1  sing N N 363 
THR CB  CG2  sing N N 364 
THR CB  HB   sing N N 365 
THR OG1 HG1  sing N N 366 
THR CG2 HG21 sing N N 367 
THR CG2 HG22 sing N N 368 
THR CG2 HG23 sing N N 369 
THR OXT HXT  sing N N 370 
TRP N   CA   sing N N 371 
TRP N   H    sing N N 372 
TRP N   H2   sing N N 373 
TRP CA  C    sing N N 374 
TRP CA  CB   sing N N 375 
TRP CA  HA   sing N N 376 
TRP C   O    doub N N 377 
TRP C   OXT  sing N N 378 
TRP CB  CG   sing N N 379 
TRP CB  HB2  sing N N 380 
TRP CB  HB3  sing N N 381 
TRP CG  CD1  doub Y N 382 
TRP CG  CD2  sing Y N 383 
TRP CD1 NE1  sing Y N 384 
TRP CD1 HD1  sing N N 385 
TRP CD2 CE2  doub Y N 386 
TRP CD2 CE3  sing Y N 387 
TRP NE1 CE2  sing Y N 388 
TRP NE1 HE1  sing N N 389 
TRP CE2 CZ2  sing Y N 390 
TRP CE3 CZ3  doub Y N 391 
TRP CE3 HE3  sing N N 392 
TRP CZ2 CH2  doub Y N 393 
TRP CZ2 HZ2  sing N N 394 
TRP CZ3 CH2  sing Y N 395 
TRP CZ3 HZ3  sing N N 396 
TRP CH2 HH2  sing N N 397 
TRP OXT HXT  sing N N 398 
TYR N   CA   sing N N 399 
TYR N   H    sing N N 400 
TYR N   H2   sing N N 401 
TYR CA  C    sing N N 402 
TYR CA  CB   sing N N 403 
TYR CA  HA   sing N N 404 
TYR C   O    doub N N 405 
TYR C   OXT  sing N N 406 
TYR CB  CG   sing N N 407 
TYR CB  HB2  sing N N 408 
TYR CB  HB3  sing N N 409 
TYR CG  CD1  doub Y N 410 
TYR CG  CD2  sing Y N 411 
TYR CD1 CE1  sing Y N 412 
TYR CD1 HD1  sing N N 413 
TYR CD2 CE2  doub Y N 414 
TYR CD2 HD2  sing N N 415 
TYR CE1 CZ   doub Y N 416 
TYR CE1 HE1  sing N N 417 
TYR CE2 CZ   sing Y N 418 
TYR CE2 HE2  sing N N 419 
TYR CZ  OH   sing N N 420 
TYR OH  HH   sing N N 421 
TYR OXT HXT  sing N N 422 
VAL N   CA   sing N N 423 
VAL N   H    sing N N 424 
VAL N   H2   sing N N 425 
VAL CA  C    sing N N 426 
VAL CA  CB   sing N N 427 
VAL CA  HA   sing N N 428 
VAL C   O    doub N N 429 
VAL C   OXT  sing N N 430 
VAL CB  CG1  sing N N 431 
VAL CB  CG2  sing N N 432 
VAL CB  HB   sing N N 433 
VAL CG1 HG11 sing N N 434 
VAL CG1 HG12 sing N N 435 
VAL CG1 HG13 sing N N 436 
VAL CG2 HG21 sing N N 437 
VAL CG2 HG22 sing N N 438 
VAL CG2 HG23 sing N N 439 
VAL OXT HXT  sing N N 440 
# 
_pdbx_initial_refinement_model.id               1 
_pdbx_initial_refinement_model.entity_id_list   ? 
_pdbx_initial_refinement_model.type             'experimental model' 
_pdbx_initial_refinement_model.source_name      PDB 
_pdbx_initial_refinement_model.accession_code   1LKE 
_pdbx_initial_refinement_model.details          'PDB ENTRY 1LKE' 
# 
_atom_sites.entry_id                    1LNM 
_atom_sites.fract_transf_matrix[1][1]   0.00183116 
_atom_sites.fract_transf_matrix[1][2]   -0.00637852 
_atom_sites.fract_transf_matrix[1][3]   0.01154582 
_atom_sites.fract_transf_matrix[2][1]   -0.00932958 
_atom_sites.fract_transf_matrix[2][2]   -0.01157261 
_atom_sites.fract_transf_matrix[2][3]   -0.00491366 
_atom_sites.fract_transf_matrix[3][1]   0.02023121 
_atom_sites.fract_transf_matrix[3][2]   -0.01243641 
_atom_sites.fract_transf_matrix[3][3]   -0.00912291 
_atom_sites.fract_transf_vector[1]      0.195778 
_atom_sites.fract_transf_vector[2]      -0.361176 
_atom_sites.fract_transf_vector[3]      1.068698 
# 
loop_
_atom_type.symbol 
C 
N 
O 
S 
# 
loop_
_atom_site.group_PDB 
_atom_site.id 
_atom_site.type_symbol 
_atom_site.label_atom_id 
_atom_site.label_alt_id 
_atom_site.label_comp_id 
_atom_site.label_asym_id 
_atom_site.label_entity_id 
_atom_site.label_seq_id 
_atom_site.pdbx_PDB_ins_code 
_atom_site.Cartn_x 
_atom_site.Cartn_y 
_atom_site.Cartn_z 
_atom_site.occupancy 
_atom_site.B_iso_or_equiv 
_atom_site.pdbx_formal_charge 
_atom_site.auth_seq_id 
_atom_site.auth_comp_id 
_atom_site.auth_asym_id 
_atom_site.auth_atom_id 
_atom_site.pdbx_PDB_model_num 
ATOM   1    N N   . ASP A 1 5   ? 16.367  12.864  -7.457  1.00 67.38 ? 5   ASP A N   1 
ATOM   2    C CA  . ASP A 1 5   ? 17.011  13.333  -8.721  1.00 66.03 ? 5   ASP A CA  1 
ATOM   3    C C   . ASP A 1 5   ? 16.940  12.209  -9.767  1.00 58.29 ? 5   ASP A C   1 
ATOM   4    O O   . ASP A 1 5   ? 17.314  11.073  -9.475  1.00 57.76 ? 5   ASP A O   1 
ATOM   5    C CB  . ASP A 1 5   ? 18.448  13.795  -8.425  1.00 69.64 ? 5   ASP A CB  1 
ATOM   6    C CG  . ASP A 1 5   ? 19.064  14.582  -9.567  1.00 71.10 ? 5   ASP A CG  1 
ATOM   7    O OD1 . ASP A 1 5   ? 20.299  14.776  -9.543  1.00 75.40 ? 5   ASP A OD1 1 
ATOM   8    O OD2 . ASP A 1 5   ? 18.413  15.042  -10.531 1.00 70.52 ? 5   ASP A OD2 1 
ATOM   9    N N   . GLY A 1 6   ? 16.448  12.525  -10.965 1.00 50.46 ? 6   GLY A N   1 
ATOM   10   C CA  . GLY A 1 6   ? 16.069  11.531  -11.963 1.00 52.23 ? 6   GLY A CA  1 
ATOM   11   C C   . GLY A 1 6   ? 14.571  11.395  -12.275 1.00 52.53 ? 6   GLY A C   1 
ATOM   12   O O   . GLY A 1 6   ? 13.678  11.952  -11.622 1.00 46.44 ? 6   GLY A O   1 
ATOM   13   N N   . ALA A 1 7   ? 14.262  10.629  -13.311 1.00 50.12 ? 7   ALA A N   1 
ATOM   14   C CA  . ALA A 1 7   ? 12.874  10.352  -13.640 1.00 54.06 ? 7   ALA A CA  1 
ATOM   15   C C   . ALA A 1 7   ? 12.512  9.035   -12.961 1.00 52.88 ? 7   ALA A C   1 
ATOM   16   O O   . ALA A 1 7   ? 13.414  8.365   -12.472 1.00 54.20 ? 7   ALA A O   1 
ATOM   17   C CB  . ALA A 1 7   ? 12.687  10.270  -15.154 1.00 53.80 ? 7   ALA A CB  1 
ATOM   18   N N   . CYS A 1 8   ? 11.232  8.651   -12.939 1.00 52.56 ? 8   CYS A N   1 
ATOM   19   C CA  . CYS A 1 8   ? 10.786  7.446   -12.224 1.00 46.68 ? 8   CYS A CA  1 
ATOM   20   C C   . CYS A 1 8   ? 11.199  6.176   -12.977 1.00 41.18 ? 8   CYS A C   1 
ATOM   21   O O   . CYS A 1 8   ? 11.080  6.140   -14.200 1.00 48.03 ? 8   CYS A O   1 
ATOM   22   C CB  . CYS A 1 8   ? 9.267   7.453   -12.021 1.00 37.49 ? 8   CYS A CB  1 
ATOM   23   S SG  . CYS A 1 8   ? 8.579   8.750   -10.946 1.00 31.44 ? 8   CYS A SG  1 
ATOM   24   N N   . PRO A 1 9   ? 11.667  5.143   -12.275 1.00 47.54 ? 9   PRO A N   1 
ATOM   25   C CA  . PRO A 1 9   ? 12.176  3.931   -12.926 1.00 54.46 ? 9   PRO A CA  1 
ATOM   26   C C   . PRO A 1 9   ? 11.083  3.175   -13.666 1.00 62.59 ? 9   PRO A C   1 
ATOM   27   O O   . PRO A 1 9   ? 9.898   3.423   -13.410 1.00 62.62 ? 9   PRO A O   1 
ATOM   28   C CB  . PRO A 1 9   ? 12.664  3.058   -11.757 1.00 49.92 ? 9   PRO A CB  1 
ATOM   29   C CG  . PRO A 1 9   ? 11.978  3.573   -10.563 1.00 47.52 ? 9   PRO A CG  1 
ATOM   30   C CD  . PRO A 1 9   ? 11.733  5.023   -10.809 1.00 43.98 ? 9   PRO A CD  1 
ATOM   31   N N   . GLU A 1 10  ? 11.499  2.272   -14.551 1.00 65.70 ? 10  GLU A N   1 
ATOM   32   C CA  . GLU A 1 10  ? 10.569  1.353   -15.204 1.00 71.48 ? 10  GLU A CA  1 
ATOM   33   C C   . GLU A 1 10  ? 10.151  0.361   -14.132 1.00 69.05 ? 10  GLU A C   1 
ATOM   34   O O   . GLU A 1 10  ? 10.905  -0.548  -13.787 1.00 67.97 ? 10  GLU A O   1 
ATOM   35   C CB  . GLU A 1 10  ? 11.128  0.603   -16.427 1.00 75.12 ? 10  GLU A CB  1 
ATOM   36   C CG  . GLU A 1 10  ? 12.620  0.722   -16.695 1.00 81.63 ? 10  GLU A CG  1 
ATOM   37   C CD  . GLU A 1 10  ? 13.007  2.096   -17.226 1.00 86.57 ? 10  GLU A CD  1 
ATOM   38   O OE1 . GLU A 1 10  ? 12.593  2.447   -18.361 1.00 86.92 ? 10  GLU A OE1 1 
ATOM   39   O OE2 . GLU A 1 10  ? 13.724  2.820   -16.496 1.00 86.42 ? 10  GLU A OE2 1 
ATOM   40   N N   . VAL A 1 11  ? 8.945   0.576   -13.614 1.00 67.70 ? 11  VAL A N   1 
ATOM   41   C CA  . VAL A 1 11  ? 8.317   -0.325  -12.657 1.00 67.69 ? 11  VAL A CA  1 
ATOM   42   C C   . VAL A 1 11  ? 7.589   -1.340  -13.509 1.00 64.34 ? 11  VAL A C   1 
ATOM   43   O O   . VAL A 1 11  ? 6.932   -0.967  -14.477 1.00 53.54 ? 11  VAL A O   1 
ATOM   44   C CB  . VAL A 1 11  ? 7.247   0.362   -11.775 1.00 68.02 ? 11  VAL A CB  1 
ATOM   45   C CG1 . VAL A 1 11  ? 7.019   -0.434  -10.508 1.00 67.26 ? 11  VAL A CG1 1 
ATOM   46   C CG2 . VAL A 1 11  ? 7.627   1.797   -11.441 1.00 68.25 ? 11  VAL A CG2 1 
ATOM   47   N N   . LYS A 1 12  ? 7.719   -2.602  -13.124 1.00 65.84 ? 12  LYS A N   1 
ATOM   48   C CA  . LYS A 1 12  ? 7.046   -3.716  -13.776 1.00 68.30 ? 12  LYS A CA  1 
ATOM   49   C C   . LYS A 1 12  ? 6.128   -4.320  -12.711 1.00 66.13 ? 12  LYS A C   1 
ATOM   50   O O   . LYS A 1 12  ? 6.580   -5.111  -11.875 1.00 59.07 ? 12  LYS A O   1 
ATOM   51   C CB  . LYS A 1 12  ? 8.067   -4.756  -14.261 1.00 76.10 ? 12  LYS A CB  1 
ATOM   52   C CG  . LYS A 1 12  ? 9.183   -5.123  -13.260 1.00 81.15 ? 12  LYS A CG  1 
ATOM   53   C CD  . LYS A 1 12  ? 10.391  -4.173  -13.297 1.00 84.64 ? 12  LYS A CD  1 
ATOM   54   C CE  . LYS A 1 12  ? 10.862  -3.733  -11.904 1.00 85.85 ? 12  LYS A CE  1 
ATOM   55   N NZ  . LYS A 1 12  ? 11.793  -2.561  -11.970 1.00 84.60 ? 12  LYS A NZ  1 
ATOM   56   N N   . PRO A 1 13  ? 4.849   -3.953  -12.704 1.00 57.58 ? 13  PRO A N   1 
ATOM   57   C CA  . PRO A 1 13  ? 3.955   -4.526  -11.693 1.00 58.41 ? 13  PRO A CA  1 
ATOM   58   C C   . PRO A 1 13  ? 3.756   -6.038  -11.907 1.00 55.63 ? 13  PRO A C   1 
ATOM   59   O O   . PRO A 1 13  ? 4.213   -6.616  -12.900 1.00 52.12 ? 13  PRO A O   1 
ATOM   60   C CB  . PRO A 1 13  ? 2.652   -3.742  -11.872 1.00 55.42 ? 13  PRO A CB  1 
ATOM   61   C CG  . PRO A 1 13  ? 2.710   -3.192  -13.283 1.00 55.70 ? 13  PRO A CG  1 
ATOM   62   C CD  . PRO A 1 13  ? 4.155   -3.020  -13.611 1.00 55.65 ? 13  PRO A CD  1 
ATOM   63   N N   . VAL A 1 14  ? 3.072   -6.682  -10.970 1.00 47.63 ? 14  VAL A N   1 
ATOM   64   C CA  . VAL A 1 14  ? 2.927   -8.133  -11.029 1.00 45.61 ? 14  VAL A CA  1 
ATOM   65   C C   . VAL A 1 14  ? 2.055   -8.563  -12.191 1.00 47.55 ? 14  VAL A C   1 
ATOM   66   O O   . VAL A 1 14  ? 1.378   -7.737  -12.809 1.00 45.62 ? 14  VAL A O   1 
ATOM   67   C CB  . VAL A 1 14  ? 2.394   -8.671  -9.711  1.00 39.90 ? 14  VAL A CB  1 
ATOM   68   C CG1 . VAL A 1 14  ? 3.504   -8.514  -8.669  1.00 35.29 ? 14  VAL A CG1 1 
ATOM   69   C CG2 . VAL A 1 14  ? 1.110   -7.941  -9.260  1.00 37.52 ? 14  VAL A CG2 1 
ATOM   70   N N   . ASP A 1 15  ? 2.098   -9.856  -12.497 1.00 45.23 ? 15  ASP A N   1 
ATOM   71   C CA  . ASP A 1 15  ? 1.321   -10.424 -13.594 1.00 49.67 ? 15  ASP A CA  1 
ATOM   72   C C   . ASP A 1 15  ? 0.427   -11.563 -13.091 1.00 52.56 ? 15  ASP A C   1 
ATOM   73   O O   . ASP A 1 15  ? -0.041  -12.413 -13.855 1.00 58.46 ? 15  ASP A O   1 
ATOM   74   C CB  . ASP A 1 15  ? 2.261   -10.901 -14.710 1.00 52.43 ? 15  ASP A CB  1 
ATOM   75   C CG  . ASP A 1 15  ? 2.937   -12.224 -14.398 1.00 58.47 ? 15  ASP A CG  1 
ATOM   76   O OD1 . ASP A 1 15  ? 3.499   -12.842 -15.332 1.00 63.28 ? 15  ASP A OD1 1 
ATOM   77   O OD2 . ASP A 1 15  ? 2.964   -12.737 -13.256 1.00 61.50 ? 15  ASP A OD2 1 
ATOM   78   N N   . ASN A 1 16  ? 0.181   -11.572 -11.790 1.00 47.08 ? 16  ASN A N   1 
ATOM   79   C CA  . ASN A 1 16  ? -0.444  -12.714 -11.143 1.00 49.37 ? 16  ASN A CA  1 
ATOM   80   C C   . ASN A 1 16  ? -1.427  -12.243 -10.072 1.00 41.68 ? 16  ASN A C   1 
ATOM   81   O O   . ASN A 1 16  ? -1.695  -12.951 -9.123  1.00 45.72 ? 16  ASN A O   1 
ATOM   82   C CB  . ASN A 1 16  ? 0.662   -13.563 -10.512 1.00 55.73 ? 16  ASN A CB  1 
ATOM   83   C CG  . ASN A 1 16  ? 1.687   -12.724 -9.778  1.00 58.78 ? 16  ASN A CG  1 
ATOM   84   O OD1 . ASN A 1 16  ? 2.783   -12.489 -10.283 1.00 69.48 ? 16  ASN A OD1 1 
ATOM   85   N ND2 . ASN A 1 16  ? 1.338   -12.260 -8.585  1.00 59.02 ? 16  ASN A ND2 1 
ATOM   86   N N   . PHE A 1 17  ? -1.972  -11.045 -10.228 1.00 26.90 ? 17  PHE A N   1 
ATOM   87   C CA  . PHE A 1 17  ? -2.703  -10.420 -9.150  1.00 30.88 ? 17  PHE A CA  1 
ATOM   88   C C   . PHE A 1 17  ? -4.090  -10.964 -8.926  1.00 31.22 ? 17  PHE A C   1 
ATOM   89   O O   . PHE A 1 17  ? -4.867  -11.115 -9.842  1.00 19.62 ? 17  PHE A O   1 
ATOM   90   C CB  . PHE A 1 17  ? -2.805  -8.935  -9.410  1.00 31.32 ? 17  PHE A CB  1 
ATOM   91   C CG  . PHE A 1 17  ? -3.219  -8.169  -8.203  1.00 22.54 ? 17  PHE A CG  1 
ATOM   92   C CD1 . PHE A 1 17  ? -2.402  -8.098  -7.090  1.00 24.61 ? 17  PHE A CD1 1 
ATOM   93   C CD2 . PHE A 1 17  ? -4.432  -7.507  -8.177  1.00 26.53 ? 17  PHE A CD2 1 
ATOM   94   C CE1 . PHE A 1 17  ? -2.784  -7.371  -5.982  1.00 32.36 ? 17  PHE A CE1 1 
ATOM   95   C CE2 . PHE A 1 17  ? -4.816  -6.799  -7.085  1.00 25.46 ? 17  PHE A CE2 1 
ATOM   96   C CZ  . PHE A 1 17  ? -4.014  -6.734  -5.964  1.00 27.93 ? 17  PHE A CZ  1 
ATOM   97   N N   . ASP A 1 18  ? -4.433  -11.263 -7.684  1.00 25.44 ? 18  ASP A N   1 
ATOM   98   C CA  . ASP A 1 18  ? -5.730  -11.810 -7.377  1.00 19.54 ? 18  ASP A CA  1 
ATOM   99   C C   . ASP A 1 18  ? -6.536  -10.795 -6.546  1.00 19.12 ? 18  ASP A C   1 
ATOM   100  O O   . ASP A 1 18  ? -6.273  -10.530 -5.386  1.00 15.97 ? 18  ASP A O   1 
ATOM   101  C CB  . ASP A 1 18  ? -5.563  -13.178 -6.700  1.00 18.71 ? 18  ASP A CB  1 
ATOM   102  C CG  . ASP A 1 18  ? -6.839  -13.748 -6.177  1.00 23.44 ? 18  ASP A CG  1 
ATOM   103  O OD1 . ASP A 1 18  ? -7.875  -13.346 -6.720  1.00 23.71 ? 18  ASP A OD1 1 
ATOM   104  O OD2 . ASP A 1 18  ? -6.898  -14.552 -5.185  1.00 24.41 ? 18  ASP A OD2 1 
ATOM   105  N N   . TRP A 1 19  ? -7.527  -10.190 -7.172  1.00 23.43 ? 19  TRP A N   1 
ATOM   106  C CA  . TRP A 1 19  ? -8.362  -9.203  -6.509  1.00 24.08 ? 19  TRP A CA  1 
ATOM   107  C C   . TRP A 1 19  ? -9.290  -9.731  -5.459  1.00 17.52 ? 19  TRP A C   1 
ATOM   108  O O   . TRP A 1 19  ? -9.758  -8.954  -4.602  1.00 18.47 ? 19  TRP A O   1 
ATOM   109  C CB  . TRP A 1 19  ? -9.299  -8.554  -7.551  1.00 24.08 ? 19  TRP A CB  1 
ATOM   110  C CG  . TRP A 1 19  ? -8.641  -7.326  -8.020  1.00 33.11 ? 19  TRP A CG  1 
ATOM   111  C CD1 . TRP A 1 19  ? -7.678  -7.274  -8.973  1.00 40.06 ? 19  TRP A CD1 1 
ATOM   112  C CD2 . TRP A 1 19  ? -8.800  -5.983  -7.526  1.00 17.35 ? 19  TRP A CD2 1 
ATOM   113  N NE1 . TRP A 1 19  ? -7.246  -5.978  -9.137  1.00 35.22 ? 19  TRP A NE1 1 
ATOM   114  C CE2 . TRP A 1 19  ? -7.928  -5.162  -8.276  1.00 36.31 ? 19  TRP A CE2 1 
ATOM   115  C CE3 . TRP A 1 19  ? -9.638  -5.369  -6.594  1.00 30.54 ? 19  TRP A CE3 1 
ATOM   116  C CZ2 . TRP A 1 19  ? -7.844  -3.780  -8.088  1.00 31.28 ? 19  TRP A CZ2 1 
ATOM   117  C CZ3 . TRP A 1 19  ? -9.547  -4.014  -6.389  1.00 30.83 ? 19  TRP A CZ3 1 
ATOM   118  C CH2 . TRP A 1 19  ? -8.665  -3.225  -7.136  1.00 31.51 ? 19  TRP A CH2 1 
ATOM   119  N N   . SER A 1 20  ? -9.578  -11.014 -5.525  1.00 25.08 ? 20  SER A N   1 
ATOM   120  C CA  . SER A 1 20  ? -10.559 -11.596 -4.620  1.00 23.89 ? 20  SER A CA  1 
ATOM   121  C C   . SER A 1 20  ? -9.943  -11.663 -3.240  1.00 30.83 ? 20  SER A C   1 
ATOM   122  O O   . SER A 1 20  ? -10.666 -11.991 -2.314  1.00 27.25 ? 20  SER A O   1 
ATOM   123  C CB  . SER A 1 20  ? -10.981 -13.016 -4.958  1.00 24.82 ? 20  SER A CB  1 
ATOM   124  O OG  . SER A 1 20  ? -9.971  -13.974 -4.679  1.00 21.75 ? 20  SER A OG  1 
ATOM   125  N N   . GLN A 1 21  ? -8.649  -11.396 -3.093  1.00 19.70 ? 21  GLN A N   1 
ATOM   126  C CA  . GLN A 1 21  ? -8.013  -11.545 -1.788  1.00 28.47 ? 21  GLN A CA  1 
ATOM   127  C C   . GLN A 1 21  ? -8.352  -10.324 -0.864  1.00 35.35 ? 21  GLN A C   1 
ATOM   128  O O   . GLN A 1 21  ? -8.327  -10.420 0.363   1.00 30.87 ? 21  GLN A O   1 
ATOM   129  C CB  . GLN A 1 21  ? -6.547  -12.105 -1.945  1.00 31.52 ? 21  GLN A CB  1 
ATOM   130  C CG  . GLN A 1 21  ? -6.360  -13.658 -1.504  1.00 25.22 ? 21  GLN A CG  1 
ATOM   131  C CD  . GLN A 1 21  ? -6.705  -14.814 -2.514  1.00 12.80 ? 21  GLN A CD  1 
ATOM   132  O OE1 . GLN A 1 21  ? -6.603  -15.990 -2.158  1.00 46.72 ? 21  GLN A OE1 1 
ATOM   133  N NE2 . GLN A 1 21  ? -7.079  -14.478 -3.748  1.00 41.14 ? 21  GLN A NE2 1 
ATOM   134  N N   . TYR A 1 22  ? -8.815  -9.204  -1.419  1.00 26.31 ? 22  TYR A N   1 
ATOM   135  C CA  . TYR A 1 22  ? -9.024  -7.982  -0.609  1.00 29.82 ? 22  TYR A CA  1 
ATOM   136  C C   . TYR A 1 22  ? -10.419 -7.707  -0.005  1.00 30.99 ? 22  TYR A C   1 
ATOM   137  O O   . TYR A 1 22  ? -11.287 -7.079  -0.622  1.00 28.04 ? 22  TYR A O   1 
ATOM   138  C CB  . TYR A 1 22  ? -8.402  -6.788  -1.368  1.00 24.34 ? 22  TYR A CB  1 
ATOM   139  C CG  . TYR A 1 22  ? -7.007  -7.202  -1.759  1.00 36.39 ? 22  TYR A CG  1 
ATOM   140  C CD1 . TYR A 1 22  ? -6.680  -7.576  -3.068  1.00 28.40 ? 22  TYR A CD1 1 
ATOM   141  C CD2 . TYR A 1 22  ? -6.028  -7.300  -0.781  1.00 31.48 ? 22  TYR A CD2 1 
ATOM   142  C CE1 . TYR A 1 22  ? -5.406  -8.019  -3.369  1.00 30.15 ? 22  TYR A CE1 1 
ATOM   143  C CE2 . TYR A 1 22  ? -4.758  -7.761  -1.081  1.00 36.73 ? 22  TYR A CE2 1 
ATOM   144  C CZ  . TYR A 1 22  ? -4.447  -8.107  -2.380  1.00 35.37 ? 22  TYR A CZ  1 
ATOM   145  O OH  . TYR A 1 22  ? -3.158  -8.557  -2.617  1.00 37.20 ? 22  TYR A OH  1 
ATOM   146  N N   . HIS A 1 23  ? -10.586 -8.188  1.230   1.00 21.47 ? 23  HIS A N   1 
ATOM   147  C CA  . HIS A 1 23  ? -11.774 -8.027  2.027   1.00 22.52 ? 23  HIS A CA  1 
ATOM   148  C C   . HIS A 1 23  ? -11.288 -8.186  3.451   1.00 28.84 ? 23  HIS A C   1 
ATOM   149  O O   . HIS A 1 23  ? -10.265 -8.790  3.741   1.00 31.32 ? 23  HIS A O   1 
ATOM   150  C CB  . HIS A 1 23  ? -12.821 -9.092  1.655   1.00 31.37 ? 23  HIS A CB  1 
ATOM   151  C CG  . HIS A 1 23  ? -12.416 -10.477 2.038   1.00 30.54 ? 23  HIS A CG  1 
ATOM   152  N ND1 . HIS A 1 23  ? -11.345 -11.130 1.475   1.00 34.34 ? 23  HIS A ND1 1 
ATOM   153  C CD2 . HIS A 1 23  ? -12.934 -11.333 2.952   1.00 38.01 ? 23  HIS A CD2 1 
ATOM   154  C CE1 . HIS A 1 23  ? -11.205 -12.319 2.033   1.00 33.86 ? 23  HIS A CE1 1 
ATOM   155  N NE2 . HIS A 1 23  ? -12.152 -12.461 2.939   1.00 34.26 ? 23  HIS A NE2 1 
ATOM   156  N N   . GLY A 1 24  ? -12.022 -7.621  4.379   1.00 25.29 ? 24  GLY A N   1 
ATOM   157  C CA  . GLY A 1 24  ? -11.619 -7.669  5.780   1.00 20.67 ? 24  GLY A CA  1 
ATOM   158  C C   . GLY A 1 24  ? -10.494 -6.714  6.051   1.00 23.84 ? 24  GLY A C   1 
ATOM   159  O O   . GLY A 1 24  ? -10.185 -5.885  5.194   1.00 22.03 ? 24  GLY A O   1 
ATOM   160  N N   . LYS A 1 25  ? -9.906  -6.829  7.247   1.00 17.87 ? 25  LYS A N   1 
ATOM   161  C CA  . LYS A 1 25  ? -8.921  -5.878  7.703   1.00 19.63 ? 25  LYS A CA  1 
ATOM   162  C C   . LYS A 1 25  ? -7.521  -6.232  7.262   1.00 25.62 ? 25  LYS A C   1 
ATOM   163  O O   . LYS A 1 25  ? -7.081  -7.379  7.340   1.00 30.41 ? 25  LYS A O   1 
ATOM   164  C CB  . LYS A 1 25  ? -9.078  -5.798  9.221   1.00 18.57 ? 25  LYS A CB  1 
ATOM   165  C CG  . LYS A 1 25  ? -8.569  -4.587  9.934   1.00 34.64 ? 25  LYS A CG  1 
ATOM   166  C CD  . LYS A 1 25  ? -8.972  -4.683  11.411  1.00 39.68 ? 25  LYS A CD  1 
ATOM   167  C CE  . LYS A 1 25  ? -8.510  -3.422  12.141  1.00 49.39 ? 25  LYS A CE  1 
ATOM   168  N NZ  . LYS A 1 25  ? -8.819  -3.291  13.601  1.00 45.34 ? 25  LYS A NZ  1 
ATOM   169  N N   . TRP A 1 26  ? -6.821  -5.211  6.783   1.00 18.25 ? 26  TRP A N   1 
ATOM   170  C CA  . TRP A 1 26  ? -5.409  -5.273  6.443   1.00 17.90 ? 26  TRP A CA  1 
ATOM   171  C C   . TRP A 1 26  ? -4.698  -4.179  7.190   1.00 19.31 ? 26  TRP A C   1 
ATOM   172  O O   . TRP A 1 26  ? -5.226  -3.078  7.325   1.00 20.48 ? 26  TRP A O   1 
ATOM   173  C CB  . TRP A 1 26  ? -5.215  -5.119  4.940   1.00 22.53 ? 26  TRP A CB  1 
ATOM   174  C CG  . TRP A 1 26  ? -5.714  -6.272  4.129   1.00 27.50 ? 26  TRP A CG  1 
ATOM   175  C CD1 . TRP A 1 26  ? -7.018  -6.673  3.967   1.00 31.39 ? 26  TRP A CD1 1 
ATOM   176  C CD2 . TRP A 1 26  ? -4.916  -7.181  3.376   1.00 22.15 ? 26  TRP A CD2 1 
ATOM   177  N NE1 . TRP A 1 26  ? -7.060  -7.793  3.174   1.00 30.61 ? 26  TRP A NE1 1 
ATOM   178  C CE2 . TRP A 1 26  ? -5.785  -8.113  2.774   1.00 25.64 ? 26  TRP A CE2 1 
ATOM   179  C CE3 . TRP A 1 26  ? -3.542  -7.315  3.153   1.00 26.84 ? 26  TRP A CE3 1 
ATOM   180  C CZ2 . TRP A 1 26  ? -5.322  -9.148  1.965   1.00 23.08 ? 26  TRP A CZ2 1 
ATOM   181  C CZ3 . TRP A 1 26  ? -3.090  -8.342  2.340   1.00 24.79 ? 26  TRP A CZ3 1 
ATOM   182  C CH2 . TRP A 1 26  ? -3.973  -9.256  1.770   1.00 22.01 ? 26  TRP A CH2 1 
ATOM   183  N N   . TRP A 1 27  ? -3.520  -4.509  7.726   1.00 22.54 ? 27  TRP A N   1 
ATOM   184  C CA  . TRP A 1 27  ? -2.715  -3.623  8.554   1.00 14.39 ? 27  TRP A CA  1 
ATOM   185  C C   . TRP A 1 27  ? -1.602  -3.123  7.703   1.00 13.85 ? 27  TRP A C   1 
ATOM   186  O O   . TRP A 1 27  ? -0.931  -3.898  6.994   1.00 18.30 ? 27  TRP A O   1 
ATOM   187  C CB  . TRP A 1 27  ? -2.118  -4.399  9.786   1.00 13.09 ? 27  TRP A CB  1 
ATOM   188  C CG  . TRP A 1 27  ? -3.187  -5.041  10.586  1.00 29.17 ? 27  TRP A CG  1 
ATOM   189  C CD1 . TRP A 1 27  ? -3.771  -6.256  10.390  1.00 27.35 ? 27  TRP A CD1 1 
ATOM   190  C CD2 . TRP A 1 27  ? -3.823  -4.473  11.731  1.00 26.65 ? 27  TRP A CD2 1 
ATOM   191  N NE1 . TRP A 1 27  ? -4.744  -6.469  11.342  1.00 24.08 ? 27  TRP A NE1 1 
ATOM   192  C CE2 . TRP A 1 27  ? -4.792  -5.386  12.176  1.00 35.64 ? 27  TRP A CE2 1 
ATOM   193  C CE3 . TRP A 1 27  ? -3.670  -3.270  12.414  1.00 23.17 ? 27  TRP A CE3 1 
ATOM   194  C CZ2 . TRP A 1 27  ? -5.588  -5.148  13.291  1.00 36.61 ? 27  TRP A CZ2 1 
ATOM   195  C CZ3 . TRP A 1 27  ? -4.452  -3.019  13.514  1.00 32.11 ? 27  TRP A CZ3 1 
ATOM   196  C CH2 . TRP A 1 27  ? -5.403  -3.966  13.948  1.00 36.45 ? 27  TRP A CH2 1 
ATOM   197  N N   . GLN A 1 28  ? -1.321  -1.832  7.791   1.00 21.93 ? 28  GLN A N   1 
ATOM   198  C CA  . GLN A 1 28  ? -0.093  -1.281  7.233   1.00 21.13 ? 28  GLN A CA  1 
ATOM   199  C C   . GLN A 1 28  ? 1.112   -1.464  8.139   1.00 20.11 ? 28  GLN A C   1 
ATOM   200  O O   . GLN A 1 28  ? 1.374   -0.643  8.991   1.00 22.12 ? 28  GLN A O   1 
ATOM   201  C CB  . GLN A 1 28  ? -0.304  0.216   6.931   1.00 18.92 ? 28  GLN A CB  1 
ATOM   202  C CG  . GLN A 1 28  ? 0.641   0.783   5.908   1.00 22.57 ? 28  GLN A CG  1 
ATOM   203  C CD  . GLN A 1 28  ? 0.332   2.228   5.604   1.00 25.00 ? 28  GLN A CD  1 
ATOM   204  O OE1 . GLN A 1 28  ? -0.740  2.515   5.001   1.00 21.37 ? 28  GLN A OE1 1 
ATOM   205  N NE2 . GLN A 1 28  ? 1.229   3.128   6.050   1.00 18.35 ? 28  GLN A NE2 1 
ATOM   206  N N   . VAL A 1 29  ? 1.852   -2.553  7.921   1.00 18.94 ? 29  VAL A N   1 
ATOM   207  C CA  . VAL A 1 29  ? 2.957   -2.903  8.808   1.00 24.15 ? 29  VAL A CA  1 
ATOM   208  C C   . VAL A 1 29  ? 4.256   -2.222  8.475   1.00 24.73 ? 29  VAL A C   1 
ATOM   209  O O   . VAL A 1 29  ? 5.152   -2.244  9.330   1.00 18.71 ? 29  VAL A O   1 
ATOM   210  C CB  . VAL A 1 29  ? 3.192   -4.432  8.731   1.00 25.56 ? 29  VAL A CB  1 
ATOM   211  C CG1 . VAL A 1 29  ? 1.942   -5.128  9.197   1.00 20.07 ? 29  VAL A CG1 1 
ATOM   212  C CG2 . VAL A 1 29  ? 3.531   -4.866  7.329   1.00 20.34 ? 29  VAL A CG2 1 
ATOM   213  N N   . ALA A 1 30  ? 4.411   -1.647  7.265   1.00 15.31 ? 30  ALA A N   1 
ATOM   214  C CA  . ALA A 1 30  ? 5.601   -0.869  7.031   1.00 15.01 ? 30  ALA A CA  1 
ATOM   215  C C   . ALA A 1 30  ? 5.345   0.133   5.901   1.00 17.57 ? 30  ALA A C   1 
ATOM   216  O O   . ALA A 1 30  ? 4.531   -0.153  4.983   1.00 15.92 ? 30  ALA A O   1 
ATOM   217  C CB  . ALA A 1 30  ? 6.819   -1.757  6.705   1.00 22.02 ? 30  ALA A CB  1 
ATOM   218  N N   . ALA A 1 31  ? 6.068   1.254   5.971   1.00 16.46 ? 31  ALA A N   1 
ATOM   219  C CA  . ALA A 1 31  ? 6.185   2.180   4.829   1.00 21.17 ? 31  ALA A CA  1 
ATOM   220  C C   . ALA A 1 31  ? 7.355   3.126   4.957   1.00 20.74 ? 31  ALA A C   1 
ATOM   221  O O   . ALA A 1 31  ? 8.043   3.210   6.011   1.00 19.97 ? 31  ALA A O   1 
ATOM   222  C CB  . ALA A 1 31  ? 4.923   3.033   4.747   1.00 17.43 ? 31  ALA A CB  1 
ATOM   223  N N   . TYR A 1 32  ? 7.576   3.861   3.868   1.00 19.95 ? 32  TYR A N   1 
ATOM   224  C CA  . TYR A 1 32  ? 8.463   4.994   3.908   1.00 17.04 ? 32  TYR A CA  1 
ATOM   225  C C   . TYR A 1 32  ? 7.934   6.095   4.876   1.00 12.77 ? 32  TYR A C   1 
ATOM   226  O O   . TYR A 1 32  ? 6.755   6.295   5.023   1.00 20.69 ? 32  TYR A O   1 
ATOM   227  C CB  . TYR A 1 32  ? 8.626   5.538   2.464   1.00 18.21 ? 32  TYR A CB  1 
ATOM   228  C CG  . TYR A 1 32  ? 9.516   4.780   1.549   1.00 16.22 ? 32  TYR A CG  1 
ATOM   229  C CD1 . TYR A 1 32  ? 10.170  3.658   1.972   1.00 12.73 ? 32  TYR A CD1 1 
ATOM   230  C CD2 . TYR A 1 32  ? 9.670   5.185   0.206   1.00 12.85 ? 32  TYR A CD2 1 
ATOM   231  C CE1 . TYR A 1 32  ? 11.049  2.998   1.073   1.00 20.48 ? 32  TYR A CE1 1 
ATOM   232  C CE2 . TYR A 1 32  ? 10.487  4.531   -0.657  1.00 22.40 ? 32  TYR A CE2 1 
ATOM   233  C CZ  . TYR A 1 32  ? 11.174  3.442   -0.241  1.00 20.72 ? 32  TYR A CZ  1 
ATOM   234  O OH  . TYR A 1 32  ? 11.965  2.847   -1.217  1.00 23.48 ? 32  TYR A OH  1 
ATOM   235  N N   . PRO A 1 33  ? 8.817   6.819   5.591   1.00 19.49 ? 33  PRO A N   1 
ATOM   236  C CA  . PRO A 1 33  ? 8.381   7.873   6.518   1.00 14.46 ? 33  PRO A CA  1 
ATOM   237  C C   . PRO A 1 33  ? 7.582   8.993   5.839   1.00 11.21 ? 33  PRO A C   1 
ATOM   238  O O   . PRO A 1 33  ? 6.637   9.473   6.497   1.00 21.30 ? 33  PRO A O   1 
ATOM   239  C CB  . PRO A 1 33  ? 9.671   8.371   7.157   1.00 24.47 ? 33  PRO A CB  1 
ATOM   240  C CG  . PRO A 1 33  ? 10.782  7.662   6.473   1.00 26.37 ? 33  PRO A CG  1 
ATOM   241  C CD  . PRO A 1 33  ? 10.280  6.627   5.543   1.00 24.54 ? 33  PRO A CD  1 
ATOM   242  N N   . ASP A 1 34  ? 7.912   9.373   4.606   1.00 17.05 ? 34  ASP A N   1 
ATOM   243  C CA  . ASP A 1 34  ? 7.074   10.349  3.866   1.00 12.59 ? 34  ASP A CA  1 
ATOM   244  C C   . ASP A 1 34  ? 5.624   9.848   3.771   1.00 17.80 ? 34  ASP A C   1 
ATOM   245  O O   . ASP A 1 34  ? 4.670   10.611  3.945   1.00 20.60 ? 34  ASP A O   1 
ATOM   246  C CB  . ASP A 1 34  ? 7.669   10.617  2.483   1.00 16.59 ? 34  ASP A CB  1 
ATOM   247  C CG  . ASP A 1 34  ? 8.890   11.486  2.529   1.00 29.10 ? 34  ASP A CG  1 
ATOM   248  O OD1 . ASP A 1 34  ? 9.807   11.139  1.747   1.00 39.76 ? 34  ASP A OD1 1 
ATOM   249  O OD2 . ASP A 1 34  ? 9.027   12.481  3.280   1.00 36.31 ? 34  ASP A OD2 1 
ATOM   250  N N   . HIS A 1 35  ? 5.420   8.564   3.508   1.00 19.33 ? 35  HIS A N   1 
ATOM   251  C CA  . HIS A 1 35  ? 4.086   8.000   3.538   1.00 18.20 ? 35  HIS A CA  1 
ATOM   252  C C   . HIS A 1 35  ? 3.475   8.054   4.921   1.00 15.79 ? 35  HIS A C   1 
ATOM   253  O O   . HIS A 1 35  ? 2.310   8.442   5.039   1.00 16.68 ? 35  HIS A O   1 
ATOM   254  C CB  . HIS A 1 35  ? 4.089   6.583   2.956   1.00 16.74 ? 35  HIS A CB  1 
ATOM   255  C CG  . HIS A 1 35  ? 2.737   6.026   2.632   1.00 22.22 ? 35  HIS A CG  1 
ATOM   256  N ND1 . HIS A 1 35  ? 1.966   5.305   3.529   1.00 21.44 ? 35  HIS A ND1 1 
ATOM   257  C CD2 . HIS A 1 35  ? 2.068   5.995   1.455   1.00 14.32 ? 35  HIS A CD2 1 
ATOM   258  C CE1 . HIS A 1 35  ? 0.860   4.899   2.924   1.00 29.22 ? 35  HIS A CE1 1 
ATOM   259  N NE2 . HIS A 1 35  ? 0.902   5.299   1.660   1.00 13.57 ? 35  HIS A NE2 1 
ATOM   260  N N   . ILE A 1 36  ? 4.201   7.735   5.994   1.00 19.73 ? 36  ILE A N   1 
ATOM   261  C CA  . ILE A 1 36  ? 3.637   7.786   7.334   1.00 16.49 ? 36  ILE A CA  1 
ATOM   262  C C   . ILE A 1 36  ? 3.256   9.207   7.778   1.00 15.50 ? 36  ILE A C   1 
ATOM   263  O O   . ILE A 1 36  ? 2.255   9.406   8.453   1.00 17.06 ? 36  ILE A O   1 
ATOM   264  C CB  . ILE A 1 36  ? 4.626   7.096   8.363   1.00 15.85 ? 36  ILE A CB  1 
ATOM   265  C CG1 . ILE A 1 36  ? 4.833   5.628   8.046   1.00 23.44 ? 36  ILE A CG1 1 
ATOM   266  C CG2 . ILE A 1 36  ? 4.228   7.414   9.820   1.00 21.39 ? 36  ILE A CG2 1 
ATOM   267  C CD1 . ILE A 1 36  ? 6.247   5.120   8.321   1.00 26.56 ? 36  ILE A CD1 1 
ATOM   268  N N   . THR A 1 37  ? 3.973   10.245  7.361   1.00 19.32 ? 37  THR A N   1 
ATOM   269  C CA  . THR A 1 37  ? 3.653   11.602  7.794   1.00 26.10 ? 37  THR A CA  1 
ATOM   270  C C   . THR A 1 37  ? 2.507   12.183  6.969   1.00 20.37 ? 37  THR A C   1 
ATOM   271  O O   . THR A 1 37  ? 1.722   12.976  7.449   1.00 23.29 ? 37  THR A O   1 
ATOM   272  C CB  . THR A 1 37  ? 4.867   12.523  7.839   1.00 25.78 ? 37  THR A CB  1 
ATOM   273  O OG1 . THR A 1 37  ? 5.585   12.574  6.602   1.00 24.43 ? 37  THR A OG1 1 
ATOM   274  C CG2 . THR A 1 37  ? 5.855   11.982  8.790   1.00 19.37 ? 37  THR A CG2 1 
ATOM   275  N N   . LYS A 1 38  ? 2.450   11.786  5.715   1.00 21.48 ? 38  LYS A N   1 
ATOM   276  C CA  . LYS A 1 38  ? 1.376   12.287  4.844   1.00 23.68 ? 38  LYS A CA  1 
ATOM   277  C C   . LYS A 1 38  ? 0.047   11.574  4.984   1.00 22.39 ? 38  LYS A C   1 
ATOM   278  O O   . LYS A 1 38  ? -0.986  12.226  5.066   1.00 19.90 ? 38  LYS A O   1 
ATOM   279  C CB  . LYS A 1 38  ? 1.850   12.244  3.404   1.00 19.42 ? 38  LYS A CB  1 
ATOM   280  C CG  . LYS A 1 38  ? 2.809   13.274  2.922   1.00 27.86 ? 38  LYS A CG  1 
ATOM   281  C CD  . LYS A 1 38  ? 2.763   13.152  1.382   1.00 32.77 ? 38  LYS A CD  1 
ATOM   282  C CE  . LYS A 1 38  ? 4.159   13.260  0.754   1.00 40.23 ? 38  LYS A CE  1 
ATOM   283  N NZ  . LYS A 1 38  ? 4.138   13.100  -0.757  1.00 42.97 ? 38  LYS A NZ  1 
ATOM   284  N N   . TYR A 1 39  ? 0.043   10.235  5.109   1.00 21.65 ? 39  TYR A N   1 
ATOM   285  C CA  . TYR A 1 39  ? -1.154  9.458   5.292   1.00 18.59 ? 39  TYR A CA  1 
ATOM   286  C C   . TYR A 1 39  ? -1.346  8.820   6.683   1.00 23.88 ? 39  TYR A C   1 
ATOM   287  O O   . TYR A 1 39  ? -2.329  8.177   6.898   1.00 19.36 ? 39  TYR A O   1 
ATOM   288  C CB  . TYR A 1 39  ? -1.142  8.414   4.142   1.00 16.40 ? 39  TYR A CB  1 
ATOM   289  C CG  . TYR A 1 39  ? -0.912  9.152   2.829   1.00 20.90 ? 39  TYR A CG  1 
ATOM   290  C CD1 . TYR A 1 39  ? 0.276   8.976   2.111   1.00 25.56 ? 39  TYR A CD1 1 
ATOM   291  C CD2 . TYR A 1 39  ? -1.859  10.025  2.323   1.00 21.34 ? 39  TYR A CD2 1 
ATOM   292  C CE1 . TYR A 1 39  ? 0.532   9.678   0.958   1.00 25.50 ? 39  TYR A CE1 1 
ATOM   293  C CE2 . TYR A 1 39  ? -1.623  10.740  1.122   1.00 26.27 ? 39  TYR A CE2 1 
ATOM   294  C CZ  . TYR A 1 39  ? -0.432  10.547  0.453   1.00 31.72 ? 39  TYR A CZ  1 
ATOM   295  O OH  . TYR A 1 39  ? -0.130  11.225  -0.701  1.00 34.11 ? 39  TYR A OH  1 
ATOM   296  N N   . GLY A 1 40  ? -0.417  8.982   7.619   1.00 15.11 ? 40  GLY A N   1 
ATOM   297  C CA  . GLY A 1 40  ? -0.651  8.634   9.009   1.00 17.25 ? 40  GLY A CA  1 
ATOM   298  C C   . GLY A 1 40  ? 0.077   7.397   9.438   1.00 13.56 ? 40  GLY A C   1 
ATOM   299  O O   . GLY A 1 40  ? 0.402   6.511   8.632   1.00 15.96 ? 40  GLY A O   1 
ATOM   300  N N   . LYS A 1 41  ? 0.318   7.368   10.745  1.00 18.02 ? 41  LYS A N   1 
ATOM   301  C CA  . LYS A 1 41  ? 0.718   6.177   11.479  1.00 14.80 ? 41  LYS A CA  1 
ATOM   302  C C   . LYS A 1 41  ? -0.431  5.372   11.979  1.00 18.92 ? 41  LYS A C   1 
ATOM   303  O O   . LYS A 1 41  ? -1.616  5.739   11.913  1.00 17.18 ? 41  LYS A O   1 
ATOM   304  C CB  . LYS A 1 41  ? 1.641   6.558   12.657  1.00 22.72 ? 41  LYS A CB  1 
ATOM   305  C CG  . LYS A 1 41  ? 1.050   7.569   13.615  1.00 16.85 ? 41  LYS A CG  1 
ATOM   306  C CD  . LYS A 1 41  ? 1.913   7.655   14.909  1.00 19.12 ? 41  LYS A CD  1 
ATOM   307  C CE  . LYS A 1 41  ? 1.286   8.565   15.957  1.00 28.76 ? 41  LYS A CE  1 
ATOM   308  N NZ  . LYS A 1 41  ? 2.368   9.004   16.909  1.00 18.64 ? 41  LYS A NZ  1 
ATOM   309  N N   . CYS A 1 42  ? -0.052  4.203   12.475  1.00 20.73 ? 42  CYS A N   1 
ATOM   310  C CA  . CYS A 1 42  ? -1.037  3.294   13.019  1.00 21.36 ? 42  CYS A CA  1 
ATOM   311  C C   . CYS A 1 42  ? -2.091  2.889   12.002  1.00 24.06 ? 42  CYS A C   1 
ATOM   312  O O   . CYS A 1 42  ? -3.248  2.774   12.366  1.00 20.57 ? 42  CYS A O   1 
ATOM   313  C CB  . CYS A 1 42  ? -1.735  4.015   14.172  1.00 14.77 ? 42  CYS A CB  1 
ATOM   314  S SG  . CYS A 1 42  ? -0.699  4.492   15.549  1.00 27.17 ? 42  CYS A SG  1 
ATOM   315  N N   . GLY A 1 43  ? -1.715  2.660   10.741  1.00 25.31 ? 43  GLY A N   1 
ATOM   316  C CA  . GLY A 1 43  ? -2.687  2.676   9.660   1.00 22.12 ? 43  GLY A CA  1 
ATOM   317  C C   . GLY A 1 43  ? -3.301  1.301   9.473   1.00 21.75 ? 43  GLY A C   1 
ATOM   318  O O   . GLY A 1 43  ? -2.580  0.327   9.429   1.00 21.35 ? 43  GLY A O   1 
ATOM   319  N N   . TRP A 1 44  ? -4.624  1.189   9.416   1.00 15.05 ? 44  TRP A N   1 
ATOM   320  C CA  . TRP A 1 44  ? -5.262  -0.082  8.992   1.00 14.39 ? 44  TRP A CA  1 
ATOM   321  C C   . TRP A 1 44  ? -6.486  0.209   8.127   1.00 21.47 ? 44  TRP A C   1 
ATOM   322  O O   . TRP A 1 44  ? -7.039  1.319   8.134   1.00 21.63 ? 44  TRP A O   1 
ATOM   323  C CB  . TRP A 1 44  ? -5.634  -1.041  10.168  1.00 24.93 ? 44  TRP A CB  1 
ATOM   324  C CG  . TRP A 1 44  ? -6.487  -0.402  11.206  1.00 22.41 ? 44  TRP A CG  1 
ATOM   325  C CD1 . TRP A 1 44  ? -6.045  0.199   12.353  1.00 24.15 ? 44  TRP A CD1 1 
ATOM   326  C CD2 . TRP A 1 44  ? -7.909  -0.238  11.181  1.00 25.73 ? 44  TRP A CD2 1 
ATOM   327  N NE1 . TRP A 1 44  ? -7.108  0.727   13.032  1.00 25.58 ? 44  TRP A NE1 1 
ATOM   328  C CE2 . TRP A 1 44  ? -8.266  0.463   12.352  1.00 23.07 ? 44  TRP A CE2 1 
ATOM   329  C CE3 . TRP A 1 44  ? -8.933  -0.609  10.286  1.00 29.08 ? 44  TRP A CE3 1 
ATOM   330  C CZ2 . TRP A 1 44  ? -9.599  0.781   12.677  1.00 32.59 ? 44  TRP A CZ2 1 
ATOM   331  C CZ3 . TRP A 1 44  ? -10.269 -0.280  10.602  1.00 31.16 ? 44  TRP A CZ3 1 
ATOM   332  C CH2 . TRP A 1 44  ? -10.580 0.422   11.804  1.00 23.78 ? 44  TRP A CH2 1 
ATOM   333  N N   . ALA A 1 45  ? -6.900  -0.779  7.339   1.00 20.63 ? 45  ALA A N   1 
ATOM   334  C CA  . ALA A 1 45  ? -7.993  -0.512  6.396   1.00 26.01 ? 45  ALA A CA  1 
ATOM   335  C C   . ALA A 1 45  ? -8.960  -1.688  6.358   1.00 18.44 ? 45  ALA A C   1 
ATOM   336  O O   . ALA A 1 45  ? -8.530  -2.803  6.495   1.00 25.01 ? 45  ALA A O   1 
ATOM   337  C CB  . ALA A 1 45  ? -7.397  -0.180  5.023   1.00 21.13 ? 45  ALA A CB  1 
ATOM   338  N N   . GLU A 1 46  ? -10.266 -1.473  6.237   1.00 20.70 ? 46  GLU A N   1 
ATOM   339  C CA  . GLU A 1 46  ? -11.264 -2.530  6.071   1.00 18.73 ? 46  GLU A CA  1 
ATOM   340  C C   . GLU A 1 46  ? -11.756 -2.334  4.636   1.00 17.67 ? 46  GLU A C   1 
ATOM   341  O O   . GLU A 1 46  ? -12.136 -1.227  4.265   1.00 23.20 ? 46  GLU A O   1 
ATOM   342  C CB  . GLU A 1 46  ? -12.419 -2.463  7.081   1.00 26.18 ? 46  GLU A CB  1 
ATOM   343  C CG  . GLU A 1 46  ? -12.954 -3.803  7.598   1.00 40.22 ? 46  GLU A CG  1 
ATOM   344  C CD  . GLU A 1 46  ? -13.128 -3.813  9.106   1.00 46.16 ? 46  GLU A CD  1 
ATOM   345  O OE1 . GLU A 1 46  ? -12.490 -4.643  9.798   1.00 45.03 ? 46  GLU A OE1 1 
ATOM   346  O OE2 . GLU A 1 46  ? -13.912 -2.963  9.607   1.00 54.90 ? 46  GLU A OE2 1 
ATOM   347  N N   . TYR A 1 47  ? -11.641 -3.396  3.845   1.00 21.13 ? 47  TYR A N   1 
ATOM   348  C CA  . TYR A 1 47  ? -12.081 -3.489  2.447   1.00 22.33 ? 47  TYR A CA  1 
ATOM   349  C C   . TYR A 1 47  ? -13.369 -4.268  2.320   1.00 25.44 ? 47  TYR A C   1 
ATOM   350  O O   . TYR A 1 47  ? -13.583 -5.278  3.016   1.00 24.99 ? 47  TYR A O   1 
ATOM   351  C CB  . TYR A 1 47  ? -11.076 -4.271  1.652   1.00 19.16 ? 47  TYR A CB  1 
ATOM   352  C CG  . TYR A 1 47  ? -9.746  -3.651  1.622   1.00 29.82 ? 47  TYR A CG  1 
ATOM   353  C CD1 . TYR A 1 47  ? -8.706  -4.225  2.307   1.00 31.34 ? 47  TYR A CD1 1 
ATOM   354  C CD2 . TYR A 1 47  ? -9.535  -2.477  0.923   1.00 31.97 ? 47  TYR A CD2 1 
ATOM   355  C CE1 . TYR A 1 47  ? -7.437  -3.637  2.278   1.00 41.94 ? 47  TYR A CE1 1 
ATOM   356  C CE2 . TYR A 1 47  ? -8.290  -1.897  0.897   1.00 42.10 ? 47  TYR A CE2 1 
ATOM   357  C CZ  . TYR A 1 47  ? -7.232  -2.466  1.578   1.00 33.76 ? 47  TYR A CZ  1 
ATOM   358  O OH  . TYR A 1 47  ? -5.988  -1.845  1.528   1.00 46.53 ? 47  TYR A OH  1 
ATOM   359  N N   . THR A 1 48  ? -14.238 -3.786  1.444   1.00 18.58 ? 48  THR A N   1 
ATOM   360  C CA  . THR A 1 48  ? -15.570 -4.342  1.284   1.00 19.46 ? 48  THR A CA  1 
ATOM   361  C C   . THR A 1 48  ? -15.784 -4.387  -0.236  1.00 20.26 ? 48  THR A C   1 
ATOM   362  O O   . THR A 1 48  ? -15.857 -3.299  -0.839  1.00 22.09 ? 48  THR A O   1 
ATOM   363  C CB  . THR A 1 48  ? -16.607 -3.348  1.884   1.00 22.68 ? 48  THR A CB  1 
ATOM   364  O OG1 . THR A 1 48  ? -16.407 -3.246  3.297   1.00 27.25 ? 48  THR A OG1 1 
ATOM   365  C CG2 . THR A 1 48  ? -17.998 -3.961  1.784   1.00 32.10 ? 48  THR A CG2 1 
ATOM   366  N N   . PRO A 1 49  ? -15.823 -5.576  -0.836  1.00 22.90 ? 49  PRO A N   1 
ATOM   367  C CA  . PRO A 1 49  ? -15.955 -5.737  -2.300  1.00 27.89 ? 49  PRO A CA  1 
ATOM   368  C C   . PRO A 1 49  ? -17.321 -5.228  -2.706  1.00 23.04 ? 49  PRO A C   1 
ATOM   369  O O   . PRO A 1 49  ? -18.221 -5.436  -1.922  1.00 23.05 ? 49  PRO A O   1 
ATOM   370  C CB  . PRO A 1 49  ? -15.942 -7.252  -2.499  1.00 32.37 ? 49  PRO A CB  1 
ATOM   371  C CG  . PRO A 1 49  ? -15.442 -7.811  -1.181  1.00 26.90 ? 49  PRO A CG  1 
ATOM   372  C CD  . PRO A 1 49  ? -15.677 -6.844  -0.110  1.00 28.03 ? 49  PRO A CD  1 
ATOM   373  N N   . GLU A 1 50  ? -17.501 -4.600  -3.863  1.00 24.38 ? 50  GLU A N   1 
ATOM   374  C CA  . GLU A 1 50  ? -18.769 -4.038  -4.221  1.00 24.61 ? 50  GLU A CA  1 
ATOM   375  C C   . GLU A 1 50  ? -18.663 -4.222  -5.712  1.00 35.77 ? 50  GLU A C   1 
ATOM   376  O O   . GLU A 1 50  ? -18.312 -3.265  -6.377  1.00 25.23 ? 50  GLU A O   1 
ATOM   377  C CB  . GLU A 1 50  ? -18.812 -2.556  -3.865  1.00 37.32 ? 50  GLU A CB  1 
ATOM   378  C CG  . GLU A 1 50  ? -20.164 -1.906  -3.599  1.00 50.01 ? 50  GLU A CG  1 
ATOM   379  C CD  . GLU A 1 50  ? -19.990 -0.664  -2.730  1.00 58.97 ? 50  GLU A CD  1 
ATOM   380  O OE1 . GLU A 1 50  ? -20.875 -0.366  -1.893  1.00 65.72 ? 50  GLU A OE1 1 
ATOM   381  O OE2 . GLU A 1 50  ? -18.945 0.023   -2.865  1.00 58.28 ? 50  GLU A OE2 1 
ATOM   382  N N   . GLY A 1 51  ? -18.906 -5.437  -6.209  1.00 31.11 ? 51  GLY A N   1 
ATOM   383  C CA  . GLY A 1 51  ? -18.770 -5.747  -7.616  1.00 37.18 ? 51  GLY A CA  1 
ATOM   384  C C   . GLY A 1 51  ? -17.336 -5.775  -8.103  1.00 36.18 ? 51  GLY A C   1 
ATOM   385  O O   . GLY A 1 51  ? -16.490 -6.483  -7.551  1.00 32.82 ? 51  GLY A O   1 
ATOM   386  N N   . LYS A 1 52  ? -17.064 -4.985  -9.142  1.00 32.66 ? 52  LYS A N   1 
ATOM   387  C CA  . LYS A 1 52  ? -15.721 -4.812  -9.642  1.00 40.22 ? 52  LYS A CA  1 
ATOM   388  C C   . LYS A 1 52  ? -14.885 -3.932  -8.707  1.00 38.60 ? 52  LYS A C   1 
ATOM   389  O O   . LYS A 1 52  ? -13.674 -3.927  -8.831  1.00 41.99 ? 52  LYS A O   1 
ATOM   390  C CB  . LYS A 1 52  ? -15.773 -4.228  -11.060 1.00 50.30 ? 52  LYS A CB  1 
ATOM   391  C CG  . LYS A 1 52  ? -16.440 -5.171  -12.060 1.00 55.82 ? 52  LYS A CG  1 
ATOM   392  C CD  . LYS A 1 52  ? -16.613 -4.484  -13.407 1.00 65.17 ? 52  LYS A CD  1 
ATOM   393  C CE  . LYS A 1 52  ? -16.692 -5.464  -14.581 1.00 67.68 ? 52  LYS A CE  1 
ATOM   394  N NZ  . LYS A 1 52  ? -16.753 -4.688  -15.863 1.00 68.17 ? 52  LYS A NZ  1 
ATOM   395  N N   . SER A 1 53  ? -15.496 -3.198  -7.788  1.00 34.46 ? 53  SER A N   1 
ATOM   396  C CA  . SER A 1 53  ? -14.687 -2.311  -6.953  1.00 32.96 ? 53  SER A CA  1 
ATOM   397  C C   . SER A 1 53  ? -14.512 -2.911  -5.556  1.00 24.39 ? 53  SER A C   1 
ATOM   398  O O   . SER A 1 53  ? -15.149 -3.899  -5.187  1.00 28.17 ? 53  SER A O   1 
ATOM   399  C CB  . SER A 1 53  ? -15.288 -0.908  -6.861  1.00 34.44 ? 53  SER A CB  1 
ATOM   400  O OG  . SER A 1 53  ? -16.439 -0.912  -6.036  1.00 37.73 ? 53  SER A OG  1 
ATOM   401  N N   . VAL A 1 54  ? -13.632 -2.281  -4.795  1.00 14.88 ? 54  VAL A N   1 
ATOM   402  C CA  . VAL A 1 54  ? -13.468 -2.509  -3.390  1.00 28.74 ? 54  VAL A CA  1 
ATOM   403  C C   . VAL A 1 54  ? -13.546 -1.126  -2.781  1.00 25.96 ? 54  VAL A C   1 
ATOM   404  O O   . VAL A 1 54  ? -12.769 -0.232  -3.132  1.00 23.38 ? 54  VAL A O   1 
ATOM   405  C CB  . VAL A 1 54  ? -12.095 -3.129  -3.118  1.00 35.79 ? 54  VAL A CB  1 
ATOM   406  C CG1 . VAL A 1 54  ? -11.716 -3.026  -1.648  1.00 37.17 ? 54  VAL A CG1 1 
ATOM   407  C CG2 . VAL A 1 54  ? -12.028 -4.558  -3.671  1.00 37.39 ? 54  VAL A CG2 1 
ATOM   408  N N   . LYS A 1 55  ? -14.470 -0.969  -1.847  1.00 25.11 ? 55  LYS A N   1 
ATOM   409  C CA  . LYS A 1 55  ? -14.621 0.238   -1.030  1.00 20.19 ? 55  LYS A CA  1 
ATOM   410  C C   . LYS A 1 55  ? -13.744 0.110   0.225   1.00 25.58 ? 55  LYS A C   1 
ATOM   411  O O   . LYS A 1 55  ? -13.746 -0.918  0.910   1.00 21.62 ? 55  LYS A O   1 
ATOM   412  C CB  . LYS A 1 55  ? -16.117 0.387   -0.716  1.00 29.80 ? 55  LYS A CB  1 
ATOM   413  C CG  . LYS A 1 55  ? -16.495 1.260   0.463   1.00 43.18 ? 55  LYS A CG  1 
ATOM   414  C CD  . LYS A 1 55  ? -17.233 2.547   0.048   1.00 51.75 ? 55  LYS A CD  1 
ATOM   415  C CE  . LYS A 1 55  ? -17.075 3.597   1.147   1.00 55.10 ? 55  LYS A CE  1 
ATOM   416  N NZ  . LYS A 1 55  ? -17.020 2.993   2.542   1.00 55.67 ? 55  LYS A NZ  1 
ATOM   417  N N   . VAL A 1 56  ? -13.032 1.192   0.508   1.00 19.84 ? 56  VAL A N   1 
ATOM   418  C CA  . VAL A 1 56  ? -11.980 1.268   1.498   1.00 25.06 ? 56  VAL A CA  1 
ATOM   419  C C   . VAL A 1 56  ? -12.397 2.237   2.586   1.00 27.39 ? 56  VAL A C   1 
ATOM   420  O O   . VAL A 1 56  ? -12.871 3.353   2.349   1.00 27.89 ? 56  VAL A O   1 
ATOM   421  C CB  . VAL A 1 56  ? -10.581 1.651   0.892   1.00 24.55 ? 56  VAL A CB  1 
ATOM   422  C CG1 . VAL A 1 56  ? -9.460  1.251   1.854   1.00 28.62 ? 56  VAL A CG1 1 
ATOM   423  C CG2 . VAL A 1 56  ? -10.387 1.032   -0.425  1.00 24.51 ? 56  VAL A CG2 1 
ATOM   424  N N   . SER A 1 57  ? -12.222 1.782   3.817   1.00 22.57 ? 57  SER A N   1 
ATOM   425  C CA  . SER A 1 57  ? -12.392 2.631   5.005   1.00 24.91 ? 57  SER A CA  1 
ATOM   426  C C   . SER A 1 57  ? -11.136 2.443   5.824   1.00 20.05 ? 57  SER A C   1 
ATOM   427  O O   . SER A 1 57  ? -10.883 1.331   6.277   1.00 19.28 ? 57  SER A O   1 
ATOM   428  C CB  . SER A 1 57  ? -13.543 2.208   5.913   1.00 26.93 ? 57  SER A CB  1 
ATOM   429  O OG  . SER A 1 57  ? -14.745 1.893   5.241   1.00 42.63 ? 57  SER A OG  1 
ATOM   430  N N   . ARG A 1 58  ? -10.404 3.518   6.031   1.00 23.25 ? 58  ARG A N   1 
ATOM   431  C CA  . ARG A 1 58  ? -9.099  3.472   6.619   1.00 22.17 ? 58  ARG A CA  1 
ATOM   432  C C   . ARG A 1 58  ? -8.960  4.449   7.786   1.00 19.24 ? 58  ARG A C   1 
ATOM   433  O O   . ARG A 1 58  ? -9.444  5.590   7.821   1.00 25.65 ? 58  ARG A O   1 
ATOM   434  C CB  . ARG A 1 58  ? -8.136  3.840   5.508   1.00 22.18 ? 58  ARG A CB  1 
ATOM   435  C CG  . ARG A 1 58  ? -6.708  3.887   5.962   1.00 20.21 ? 58  ARG A CG  1 
ATOM   436  C CD  . ARG A 1 58  ? -5.840  4.288   4.814   1.00 19.53 ? 58  ARG A CD  1 
ATOM   437  N NE  . ARG A 1 58  ? -4.438  4.113   5.130   1.00 25.10 ? 58  ARG A NE  1 
ATOM   438  C CZ  . ARG A 1 58  ? -3.583  5.104   5.379   1.00 27.86 ? 58  ARG A CZ  1 
ATOM   439  N NH1 . ARG A 1 58  ? -3.950  6.380   5.400   1.00 21.30 ? 58  ARG A NH1 1 
ATOM   440  N NH2 . ARG A 1 58  ? -2.314  4.791   5.587   1.00 25.05 ? 58  ARG A NH2 1 
ATOM   441  N N   . TYR A 1 59  ? -8.281  3.944   8.782   1.00 18.72 ? 59  TYR A N   1 
ATOM   442  C CA  . TYR A 1 59  ? -7.973  4.605   10.025  1.00 16.87 ? 59  TYR A CA  1 
ATOM   443  C C   . TYR A 1 59  ? -6.510  4.942   10.062  1.00 17.29 ? 59  TYR A C   1 
ATOM   444  O O   . TYR A 1 59  ? -5.697  4.108   9.699   1.00 19.44 ? 59  TYR A O   1 
ATOM   445  C CB  . TYR A 1 59  ? -8.237  3.618   11.135  1.00 14.20 ? 59  TYR A CB  1 
ATOM   446  C CG  . TYR A 1 59  ? -7.802  4.235   12.468  1.00 23.17 ? 59  TYR A CG  1 
ATOM   447  C CD1 . TYR A 1 59  ? -8.668  5.060   13.153  1.00 30.75 ? 59  TYR A CD1 1 
ATOM   448  C CD2 . TYR A 1 59  ? -6.509  4.068   12.980  1.00 22.56 ? 59  TYR A CD2 1 
ATOM   449  C CE1 . TYR A 1 59  ? -8.310  5.656   14.359  1.00 30.57 ? 59  TYR A CE1 1 
ATOM   450  C CE2 . TYR A 1 59  ? -6.141  4.683   14.195  1.00 24.10 ? 59  TYR A CE2 1 
ATOM   451  C CZ  . TYR A 1 59  ? -7.065  5.456   14.872  1.00 27.61 ? 59  TYR A CZ  1 
ATOM   452  O OH  . TYR A 1 59  ? -6.797  6.110   16.060  1.00 35.91 ? 59  TYR A OH  1 
ATOM   453  N N   . SER A 1 60  ? -6.143  6.148   10.454  1.00 15.59 ? 60  SER A N   1 
ATOM   454  C CA  . SER A 1 60  ? -4.720  6.447   10.686  1.00 17.44 ? 60  SER A CA  1 
ATOM   455  C C   . SER A 1 60  ? -4.688  7.636   11.613  1.00 17.56 ? 60  SER A C   1 
ATOM   456  O O   . SER A 1 60  ? -5.733  8.304   11.745  1.00 21.05 ? 60  SER A O   1 
ATOM   457  C CB  . SER A 1 60  ? -3.968  6.858   9.410   1.00 17.02 ? 60  SER A CB  1 
ATOM   458  O OG  . SER A 1 60  ? -4.474  8.036   8.810   1.00 22.73 ? 60  SER A OG  1 
ATOM   459  N N   . VAL A 1 61  ? -3.514  7.918   12.178  1.00 24.35 ? 61  VAL A N   1 
ATOM   460  C CA  . VAL A 1 61  ? -3.240  9.108   13.006  1.00 22.35 ? 61  VAL A CA  1 
ATOM   461  C C   . VAL A 1 61  ? -2.301  10.041  12.193  1.00 20.26 ? 61  VAL A C   1 
ATOM   462  O O   . VAL A 1 61  ? -1.170  9.679   11.887  1.00 23.35 ? 61  VAL A O   1 
ATOM   463  C CB  . VAL A 1 61  ? -2.576  8.707   14.313  1.00 17.06 ? 61  VAL A CB  1 
ATOM   464  C CG1 . VAL A 1 61  ? -2.142  9.890   15.095  1.00 17.73 ? 61  VAL A CG1 1 
ATOM   465  C CG2 . VAL A 1 61  ? -3.491  7.834   15.225  1.00 17.76 ? 61  VAL A CG2 1 
ATOM   466  N N   . ILE A 1 62  ? -2.773  11.227  11.811  1.00 23.40 ? 62  ILE A N   1 
ATOM   467  C CA  . ILE A 1 62  ? -2.153  12.184  10.889  1.00 19.17 ? 62  ILE A CA  1 
ATOM   468  C C   . ILE A 1 62  ? -1.971  13.426  11.753  1.00 28.86 ? 62  ILE A C   1 
ATOM   469  O O   . ILE A 1 62  ? -2.920  14.026  12.252  1.00 29.22 ? 62  ILE A O   1 
ATOM   470  C CB  . ILE A 1 62  ? -2.977  12.546  9.621   1.00 17.58 ? 62  ILE A CB  1 
ATOM   471  C CG1 . ILE A 1 62  ? -3.453  11.242  8.934   1.00 22.45 ? 62  ILE A CG1 1 
ATOM   472  C CG2 . ILE A 1 62  ? -2.199  13.389  8.632   1.00 22.26 ? 62  ILE A CG2 1 
ATOM   473  C CD1 . ILE A 1 62  ? -3.888  11.461  7.464   1.00 33.74 ? 62  ILE A CD1 1 
ATOM   474  N N   . HIS A 1 63  ? -0.701  13.779  11.902  1.00 29.91 ? 63  HIS A N   1 
ATOM   475  C CA  . HIS A 1 63  ? -0.254  14.926  12.655  1.00 26.98 ? 63  HIS A CA  1 
ATOM   476  C C   . HIS A 1 63  ? -0.843  14.922  14.065  1.00 30.18 ? 63  HIS A C   1 
ATOM   477  O O   . HIS A 1 63  ? -1.367  15.923  14.542  1.00 27.59 ? 63  HIS A O   1 
ATOM   478  C CB  . HIS A 1 63  ? -0.572  16.184  11.866  1.00 26.95 ? 63  HIS A CB  1 
ATOM   479  C CG  . HIS A 1 63  ? 0.082   16.229  10.519  1.00 26.62 ? 63  HIS A CG  1 
ATOM   480  N ND1 . HIS A 1 63  ? 1.441   16.080  10.322  1.00 32.72 ? 63  HIS A ND1 1 
ATOM   481  C CD2 . HIS A 1 63  ? -0.449  16.421  9.290   1.00 27.70 ? 63  HIS A CD2 1 
ATOM   482  C CE1 . HIS A 1 63  ? 1.721   16.188  9.033   1.00 30.93 ? 63  HIS A CE1 1 
ATOM   483  N NE2 . HIS A 1 63  ? 0.584   16.380  8.389   1.00 24.43 ? 63  HIS A NE2 1 
ATOM   484  N N   . GLY A 1 64  ? -0.715  13.779  14.723  1.00 26.98 ? 64  GLY A N   1 
ATOM   485  C CA  . GLY A 1 64  ? -1.268  13.527  16.038  1.00 24.34 ? 64  GLY A CA  1 
ATOM   486  C C   . GLY A 1 64  ? -2.776  13.412  16.208  1.00 27.69 ? 64  GLY A C   1 
ATOM   487  O O   . GLY A 1 64  ? -3.211  13.101  17.318  1.00 32.48 ? 64  GLY A O   1 
ATOM   488  N N   . LYS A 1 65  ? -3.559  13.624  15.152  1.00 29.16 ? 65  LYS A N   1 
ATOM   489  C CA  . LYS A 1 65  ? -5.022  13.458  15.200  1.00 26.53 ? 65  LYS A CA  1 
ATOM   490  C C   . LYS A 1 65  ? -5.567  12.221  14.444  1.00 21.96 ? 65  LYS A C   1 
ATOM   491  O O   . LYS A 1 65  ? -5.182  11.883  13.326  1.00 21.72 ? 65  LYS A O   1 
ATOM   492  C CB  . LYS A 1 65  ? -5.649  14.712  14.599  1.00 30.56 ? 65  LYS A CB  1 
ATOM   493  C CG  . LYS A 1 65  ? -7.159  14.716  14.592  1.00 39.79 ? 65  LYS A CG  1 
ATOM   494  C CD  . LYS A 1 65  ? -7.762  15.834  15.452  1.00 42.47 ? 65  LYS A CD  1 
ATOM   495  C CE  . LYS A 1 65  ? -9.271  15.927  15.219  1.00 49.96 ? 65  LYS A CE  1 
ATOM   496  N NZ  . LYS A 1 65  ? -9.571  16.370  13.811  1.00 51.97 ? 65  LYS A NZ  1 
ATOM   497  N N   . GLU A 1 66  ? -6.478  11.497  15.078  1.00 24.92 ? 66  GLU A N   1 
ATOM   498  C CA  . GLU A 1 66  ? -7.151  10.413  14.372  1.00 24.76 ? 66  GLU A CA  1 
ATOM   499  C C   . GLU A 1 66  ? -8.195  10.808  13.337  1.00 18.00 ? 66  GLU A C   1 
ATOM   500  O O   . GLU A 1 66  ? -9.044  11.673  13.518  1.00 22.14 ? 66  GLU A O   1 
ATOM   501  C CB  . GLU A 1 66  ? -7.827  9.422   15.343  1.00 20.31 ? 66  GLU A CB  1 
ATOM   502  C CG  . GLU A 1 66  ? -8.604  10.003  16.479  1.00 33.57 ? 66  GLU A CG  1 
ATOM   503  C CD  . GLU A 1 66  ? -8.618  8.986   17.613  1.00 45.09 ? 66  GLU A CD  1 
ATOM   504  O OE1 . GLU A 1 66  ? -8.157  7.827   17.416  1.00 32.68 ? 66  GLU A OE1 1 
ATOM   505  O OE2 . GLU A 1 66  ? -9.087  9.369   18.698  1.00 49.56 ? 66  GLU A OE2 1 
ATOM   506  N N   . TYR A 1 67  ? -8.132  10.063  12.234  1.00 14.34 ? 67  TYR A N   1 
ATOM   507  C CA  . TYR A 1 67  ? -9.044  10.201  11.095  1.00 25.11 ? 67  TYR A CA  1 
ATOM   508  C C   . TYR A 1 67  ? -9.507  8.866   10.524  1.00 26.55 ? 67  TYR A C   1 
ATOM   509  O O   . TYR A 1 67  ? -8.779  7.873   10.524  1.00 20.73 ? 67  TYR A O   1 
ATOM   510  C CB  . TYR A 1 67  ? -8.377  11.016  9.982   1.00 22.63 ? 67  TYR A CB  1 
ATOM   511  C CG  . TYR A 1 67  ? -8.108  12.454  10.279  1.00 28.73 ? 67  TYR A CG  1 
ATOM   512  C CD1 . TYR A 1 67  ? -6.826  12.857  10.639  1.00 28.18 ? 67  TYR A CD1 1 
ATOM   513  C CD2 . TYR A 1 67  ? -9.081  13.439  10.114  1.00 39.93 ? 67  TYR A CD2 1 
ATOM   514  C CE1 . TYR A 1 67  ? -6.542  14.161  10.888  1.00 28.18 ? 67  TYR A CE1 1 
ATOM   515  C CE2 . TYR A 1 67  ? -8.776  14.777  10.353  1.00 41.19 ? 67  TYR A CE2 1 
ATOM   516  C CZ  . TYR A 1 67  ? -7.493  15.121  10.751  1.00 40.30 ? 67  TYR A CZ  1 
ATOM   517  O OH  . TYR A 1 67  ? -7.059  16.389  11.040  1.00 47.34 ? 67  TYR A OH  1 
ATOM   518  N N   . PHE A 1 68  ? -10.760 8.838   10.084  1.00 21.77 ? 68  PHE A N   1 
ATOM   519  C CA  . PHE A 1 68  ? -11.169 7.887   9.062   1.00 22.48 ? 68  PHE A CA  1 
ATOM   520  C C   . PHE A 1 68  ? -11.172 8.561   7.703   1.00 32.68 ? 68  PHE A C   1 
ATOM   521  O O   . PHE A 1 68  ? -11.681 9.670   7.549   1.00 27.32 ? 68  PHE A O   1 
ATOM   522  C CB  . PHE A 1 68  ? -12.594 7.385   9.327   1.00 26.89 ? 68  PHE A CB  1 
ATOM   523  C CG  . PHE A 1 68  ? -12.605 6.260   10.274  1.00 29.54 ? 68  PHE A CG  1 
ATOM   524  C CD1 . PHE A 1 68  ? -12.920 6.479   11.602  1.00 39.22 ? 68  PHE A CD1 1 
ATOM   525  C CD2 . PHE A 1 68  ? -12.256 5.000   9.853   1.00 35.86 ? 68  PHE A CD2 1 
ATOM   526  C CE1 . PHE A 1 68  ? -12.897 5.427   12.510  1.00 43.67 ? 68  PHE A CE1 1 
ATOM   527  C CE2 . PHE A 1 68  ? -12.235 3.938   10.744  1.00 42.00 ? 68  PHE A CE2 1 
ATOM   528  C CZ  . PHE A 1 68  ? -12.554 4.157   12.071  1.00 38.89 ? 68  PHE A CZ  1 
ATOM   529  N N   . SER A 1 69  ? -10.622 7.872   6.712   1.00 21.75 ? 69  SER A N   1 
ATOM   530  C CA  . SER A 1 69  ? -10.867 8.296   5.324   1.00 21.97 ? 69  SER A CA  1 
ATOM   531  C C   . SER A 1 69  ? -11.602 7.174   4.611   1.00 22.09 ? 69  SER A C   1 
ATOM   532  O O   . SER A 1 69  ? -11.728 6.044   5.089   1.00 20.46 ? 69  SER A O   1 
ATOM   533  C CB  . SER A 1 69  ? -9.552  8.606   4.687   1.00 22.02 ? 69  SER A CB  1 
ATOM   534  O OG  . SER A 1 69  ? -8.830  7.424   4.454   1.00 27.90 ? 69  SER A OG  1 
ATOM   535  N N   . GLU A 1 70  ? -12.083 7.491   3.408   1.00 19.71 ? 70  GLU A N   1 
ATOM   536  C CA  . GLU A 1 70  ? -12.795 6.536   2.612   1.00 24.52 ? 70  GLU A CA  1 
ATOM   537  C C   . GLU A 1 70  ? -12.259 6.655   1.225   1.00 25.44 ? 70  GLU A C   1 
ATOM   538  O O   . GLU A 1 70  ? -11.797 7.724   0.841   1.00 25.62 ? 70  GLU A O   1 
ATOM   539  C CB  . GLU A 1 70  ? -14.306 6.771   2.646   1.00 35.42 ? 70  GLU A CB  1 
ATOM   540  C CG  . GLU A 1 70  ? -14.810 8.095   2.110   1.00 50.61 ? 70  GLU A CG  1 
ATOM   541  C CD  . GLU A 1 70  ? -16.204 8.429   2.626   1.00 56.85 ? 70  GLU A CD  1 
ATOM   542  O OE1 . GLU A 1 70  ? -16.759 7.644   3.433   1.00 63.09 ? 70  GLU A OE1 1 
ATOM   543  O OE2 . GLU A 1 70  ? -16.736 9.485   2.217   1.00 54.75 ? 70  GLU A OE2 1 
ATOM   544  N N   . GLY A 1 71  ? -12.331 5.552   0.494   1.00 28.10 ? 71  GLY A N   1 
ATOM   545  C CA  . GLY A 1 71  ? -11.792 5.489   -0.856  1.00 31.03 ? 71  GLY A CA  1 
ATOM   546  C C   . GLY A 1 71  ? -12.516 4.397   -1.614  1.00 23.14 ? 71  GLY A C   1 
ATOM   547  O O   . GLY A 1 71  ? -13.196 3.589   -0.981  1.00 21.99 ? 71  GLY A O   1 
ATOM   548  N N   . THR A 1 72  ? -12.397 4.416   -2.935  1.00 20.82 ? 72  THR A N   1 
ATOM   549  C CA  . THR A 1 72  ? -12.756 3.301   -3.815  1.00 18.10 ? 72  THR A CA  1 
ATOM   550  C C   . THR A 1 72  ? -11.513 2.847   -4.559  1.00 20.47 ? 72  THR A C   1 
ATOM   551  O O   . THR A 1 72  ? -10.719 3.692   -4.983  1.00 20.99 ? 72  THR A O   1 
ATOM   552  C CB  . THR A 1 72  ? -13.795 3.826   -4.779  1.00 25.63 ? 72  THR A CB  1 
ATOM   553  O OG1 . THR A 1 72  ? -14.925 4.319   -4.028  1.00 28.81 ? 72  THR A OG1 1 
ATOM   554  C CG2 . THR A 1 72  ? -14.315 2.712   -5.672  1.00 20.70 ? 72  THR A CG2 1 
ATOM   555  N N   . ALA A 1 73  ? -11.395 1.547   -4.787  1.00 16.48 ? 73  ALA A N   1 
ATOM   556  C CA  . ALA A 1 73  ? -10.319 0.961   -5.610  1.00 12.49 ? 73  ALA A CA  1 
ATOM   557  C C   . ALA A 1 73  ? -10.861 0.208   -6.838  1.00 18.73 ? 73  ALA A C   1 
ATOM   558  O O   . ALA A 1 73  ? -11.823 -0.547  -6.757  1.00 20.86 ? 73  ALA A O   1 
ATOM   559  C CB  . ALA A 1 73  ? -9.439  0.037   -4.795  1.00 23.73 ? 73  ALA A CB  1 
ATOM   560  N N   . TYR A 1 74  ? -10.223 0.420   -7.985  1.00 20.75 ? 74  TYR A N   1 
ATOM   561  C CA  . TYR A 1 74  ? -10.587 -0.342  -9.188  1.00 15.99 ? 74  TYR A CA  1 
ATOM   562  C C   . TYR A 1 74  ? -9.349  -0.884  -9.900  1.00 18.64 ? 74  TYR A C   1 
ATOM   563  O O   . TYR A 1 74  ? -8.258  -0.293  -9.842  1.00 18.19 ? 74  TYR A O   1 
ATOM   564  C CB  . TYR A 1 74  ? -11.346 0.513   -10.182 1.00 22.59 ? 74  TYR A CB  1 
ATOM   565  C CG  . TYR A 1 74  ? -12.779 0.891   -9.941  1.00 27.06 ? 74  TYR A CG  1 
ATOM   566  C CD1 . TYR A 1 74  ? -13.101 2.200   -9.612  1.00 37.74 ? 74  TYR A CD1 1 
ATOM   567  C CD2 . TYR A 1 74  ? -13.811 -0.032  -10.099 1.00 27.72 ? 74  TYR A CD2 1 
ATOM   568  C CE1 . TYR A 1 74  ? -14.407 2.596   -9.415  1.00 43.95 ? 74  TYR A CE1 1 
ATOM   569  C CE2 . TYR A 1 74  ? -15.123 0.372   -9.904  1.00 44.71 ? 74  TYR A CE2 1 
ATOM   570  C CZ  . TYR A 1 74  ? -15.411 1.676   -9.568  1.00 40.02 ? 74  TYR A CZ  1 
ATOM   571  O OH  . TYR A 1 74  ? -16.711 2.076   -9.352  1.00 50.42 ? 74  TYR A OH  1 
ATOM   572  N N   . PRO A 1 75  ? -9.494  -1.987  -10.627 1.00 18.60 ? 75  PRO A N   1 
ATOM   573  C CA  . PRO A 1 75  ? -8.379  -2.391  -11.473 1.00 25.40 ? 75  PRO A CA  1 
ATOM   574  C C   . PRO A 1 75  ? -8.353  -1.523  -12.723 1.00 27.54 ? 75  PRO A C   1 
ATOM   575  O O   . PRO A 1 75  ? -9.378  -1.061  -13.212 1.00 22.91 ? 75  PRO A O   1 
ATOM   576  C CB  . PRO A 1 75  ? -8.713  -3.844  -11.843 1.00 27.15 ? 75  PRO A CB  1 
ATOM   577  C CG  . PRO A 1 75  ? -10.007 -4.147  -11.368 1.00 27.23 ? 75  PRO A CG  1 
ATOM   578  C CD  . PRO A 1 75  ? -10.596 -2.976  -10.666 1.00 20.86 ? 75  PRO A CD  1 
ATOM   579  N N   . VAL A 1 76  ? -7.145  -1.321  -13.220 1.00 14.96 ? 76  VAL A N   1 
ATOM   580  C CA  . VAL A 1 76  ? -6.895  -0.712  -14.509 1.00 21.28 ? 76  VAL A CA  1 
ATOM   581  C C   . VAL A 1 76  ? -6.416  -1.806  -15.442 1.00 24.23 ? 76  VAL A C   1 
ATOM   582  O O   . VAL A 1 76  ? -5.407  -2.450  -15.162 1.00 30.37 ? 76  VAL A O   1 
ATOM   583  C CB  . VAL A 1 76  ? -5.758  0.296   -14.380 1.00 27.75 ? 76  VAL A CB  1 
ATOM   584  C CG1 . VAL A 1 76  ? -5.358  0.821   -15.764 1.00 36.04 ? 76  VAL A CG1 1 
ATOM   585  C CG2 . VAL A 1 76  ? -6.188  1.415   -13.486 1.00 26.68 ? 76  VAL A CG2 1 
ATOM   586  N N   . GLY A 1 77  ? -7.133  -1.981  -16.545 1.00 28.88 ? 77  GLY A N   1 
ATOM   587  C CA  . GLY A 1 77  ? -6.820  -3.012  -17.497 1.00 37.11 ? 77  GLY A CA  1 
ATOM   588  C C   . GLY A 1 77  ? -7.148  -4.377  -16.940 1.00 30.23 ? 77  GLY A C   1 
ATOM   589  O O   . GLY A 1 77  ? -8.062  -4.576  -16.153 1.00 36.09 ? 77  GLY A O   1 
ATOM   590  N N   . ASP A 1 78  ? -6.373  -5.334  -17.428 1.00 34.49 ? 78  ASP A N   1 
ATOM   591  C CA  . ASP A 1 78  ? -6.478  -6.711  -16.995 1.00 35.85 ? 78  ASP A CA  1 
ATOM   592  C C   . ASP A 1 78  ? -6.150  -6.722  -15.508 1.00 30.27 ? 78  ASP A C   1 
ATOM   593  O O   . ASP A 1 78  ? -4.992  -6.423  -15.199 1.00 30.00 ? 78  ASP A O   1 
ATOM   594  C CB  . ASP A 1 78  ? -5.426  -7.515  -17.755 1.00 42.52 ? 78  ASP A CB  1 
ATOM   595  C CG  . ASP A 1 78  ? -5.405  -8.968  -17.324 1.00 50.73 ? 78  ASP A CG  1 
ATOM   596  O OD1 . ASP A 1 78  ? -6.446  -9.448  -16.817 1.00 58.86 ? 78  ASP A OD1 1 
ATOM   597  O OD2 . ASP A 1 78  ? -4.402  -9.696  -17.456 1.00 56.95 ? 78  ASP A OD2 1 
ATOM   598  N N   . SER A 1 79  ? -7.130  -7.024  -14.639 1.00 36.42 ? 79  SER A N   1 
ATOM   599  C CA  . SER A 1 79  ? -6.921  -7.104  -13.182 1.00 46.04 ? 79  SER A CA  1 
ATOM   600  C C   . SER A 1 79  ? -5.728  -7.943  -12.724 1.00 50.27 ? 79  SER A C   1 
ATOM   601  O O   . SER A 1 79  ? -5.228  -7.756  -11.615 1.00 52.66 ? 79  SER A O   1 
ATOM   602  C CB  . SER A 1 79  ? -8.149  -7.659  -12.477 1.00 45.28 ? 79  SER A CB  1 
ATOM   603  O OG  . SER A 1 79  ? -8.510  -8.929  -12.986 1.00 52.01 ? 79  SER A OG  1 
ATOM   604  N N   . LYS A 1 80  ? -5.276  -8.864  -13.571 1.00 50.01 ? 80  LYS A N   1 
ATOM   605  C CA  . LYS A 1 80  ? -4.144  -9.719  -13.237 1.00 47.27 ? 80  LYS A CA  1 
ATOM   606  C C   . LYS A 1 80  ? -2.832  -8.956  -13.125 1.00 41.20 ? 80  LYS A C   1 
ATOM   607  O O   . LYS A 1 80  ? -1.894  -9.497  -12.547 1.00 41.83 ? 80  LYS A O   1 
ATOM   608  C CB  . LYS A 1 80  ? -3.963  -10.827 -14.298 1.00 53.63 ? 80  LYS A CB  1 
ATOM   609  C CG  . LYS A 1 80  ? -4.857  -12.052 -14.145 1.00 61.10 ? 80  LYS A CG  1 
ATOM   610  C CD  . LYS A 1 80  ? -5.002  -12.819 -15.466 1.00 65.21 ? 80  LYS A CD  1 
ATOM   611  C CE  . LYS A 1 80  ? -3.647  -13.191 -16.081 1.00 66.25 ? 80  LYS A CE  1 
ATOM   612  N NZ  . LYS A 1 80  ? -3.157  -12.208 -17.095 1.00 63.57 ? 80  LYS A NZ  1 
ATOM   613  N N   . ILE A 1 81  ? -2.721  -7.746  -13.679 1.00 35.91 ? 81  ILE A N   1 
ATOM   614  C CA  . ILE A 1 81  ? -1.401  -7.071  -13.764 1.00 38.99 ? 81  ILE A CA  1 
ATOM   615  C C   . ILE A 1 81  ? -1.047  -6.217  -12.546 1.00 34.77 ? 81  ILE A C   1 
ATOM   616  O O   . ILE A 1 81  ? 0.101   -5.819  -12.332 1.00 45.09 ? 81  ILE A O   1 
ATOM   617  C CB  . ILE A 1 81  ? -1.229  -6.211  -15.069 1.00 38.82 ? 81  ILE A CB  1 
ATOM   618  C CG1 . ILE A 1 81  ? 0.178   -5.631  -15.186 1.00 40.35 ? 81  ILE A CG1 1 
ATOM   619  C CG2 . ILE A 1 81  ? -2.162  -5.021  -15.099 1.00 40.78 ? 81  ILE A CG2 1 
ATOM   620  C CD1 . ILE A 1 81  ? 0.471   -5.009  -16.555 1.00 51.22 ? 81  ILE A CD1 1 
ATOM   621  N N   . GLY A 1 82  ? -2.011  -5.892  -11.712 1.00 28.28 ? 82  GLY A N   1 
ATOM   622  C CA  . GLY A 1 82  ? -1.559  -5.203  -10.494 1.00 20.51 ? 82  GLY A CA  1 
ATOM   623  C C   . GLY A 1 82  ? -1.303  -3.698  -10.600 1.00 23.93 ? 82  GLY A C   1 
ATOM   624  O O   . GLY A 1 82  ? -0.459  -3.147  -9.917  1.00 23.61 ? 82  GLY A O   1 
ATOM   625  N N   . LYS A 1 83  ? -2.060  -3.033  -11.477 1.00 18.13 ? 83  LYS A N   1 
ATOM   626  C CA  . LYS A 1 83  ? -2.135  -1.592  -11.599 1.00 21.51 ? 83  LYS A CA  1 
ATOM   627  C C   . LYS A 1 83  ? -3.501  -1.255  -11.033 1.00 15.06 ? 83  LYS A C   1 
ATOM   628  O O   . LYS A 1 83  ? -4.501  -1.761  -11.528 1.00 16.11 ? 83  LYS A O   1 
ATOM   629  C CB  . LYS A 1 83  ? -2.160  -1.228  -13.097 1.00 19.03 ? 83  LYS A CB  1 
ATOM   630  C CG  . LYS A 1 83  ? -1.922  0.234   -13.370 1.00 25.37 ? 83  LYS A CG  1 
ATOM   631  C CD  . LYS A 1 83  ? -1.293  0.516   -14.753 1.00 34.28 ? 83  LYS A CD  1 
ATOM   632  C CE  . LYS A 1 83  ? 0.146   0.013   -14.914 1.00 32.60 ? 83  LYS A CE  1 
ATOM   633  N NZ  . LYS A 1 83  ? 1.325   0.900   -14.679 1.00 22.58 ? 83  LYS A NZ  1 
ATOM   634  N N   . ILE A 1 84  ? -3.574  -0.366  -10.050 1.00 17.44 ? 84  ILE A N   1 
ATOM   635  C CA  . ILE A 1 84  ? -4.754  -0.264  -9.230  1.00 18.57 ? 84  ILE A CA  1 
ATOM   636  C C   . ILE A 1 84  ? -5.076  1.219   -9.273  1.00 15.10 ? 84  ILE A C   1 
ATOM   637  O O   . ILE A 1 84  ? -4.225  2.050   -9.027  1.00 19.01 ? 84  ILE A O   1 
ATOM   638  C CB  . ILE A 1 84  ? -4.502  -0.723  -7.784  1.00 24.91 ? 84  ILE A CB  1 
ATOM   639  C CG1 . ILE A 1 84  ? -4.079  -2.206  -7.788  1.00 28.22 ? 84  ILE A CG1 1 
ATOM   640  C CG2 . ILE A 1 84  ? -5.719  -0.339  -6.965  1.00 30.04 ? 84  ILE A CG2 1 
ATOM   641  C CD1 . ILE A 1 84  ? -4.074  -2.846  -6.427  1.00 32.05 ? 84  ILE A CD1 1 
ATOM   642  N N   . TYR A 1 85  ? -6.330  1.555   -9.541  1.00 17.71 ? 85  TYR A N   1 
ATOM   643  C CA  . TYR A 1 85  ? -6.749  2.934   -9.316  1.00 26.32 ? 85  TYR A CA  1 
ATOM   644  C C   . TYR A 1 85  ? -7.306  3.054   -7.926  1.00 15.02 ? 85  TYR A C   1 
ATOM   645  O O   . TYR A 1 85  ? -7.972  2.134   -7.431  1.00 22.16 ? 85  TYR A O   1 
ATOM   646  C CB  . TYR A 1 85  ? -7.856  3.325   -10.269 1.00 20.14 ? 85  TYR A CB  1 
ATOM   647  C CG  . TYR A 1 85  ? -8.663  4.539   -9.928  1.00 22.58 ? 85  TYR A CG  1 
ATOM   648  C CD1 . TYR A 1 85  ? -9.802  4.427   -9.118  1.00 21.61 ? 85  TYR A CD1 1 
ATOM   649  C CD2 . TYR A 1 85  ? -8.309  5.805   -10.388 1.00 19.69 ? 85  TYR A CD2 1 
ATOM   650  C CE1 . TYR A 1 85  ? -10.588 5.501   -8.795  1.00 24.27 ? 85  TYR A CE1 1 
ATOM   651  C CE2 . TYR A 1 85  ? -9.118  6.906   -10.051 1.00 16.53 ? 85  TYR A CE2 1 
ATOM   652  C CZ  . TYR A 1 85  ? -10.236 6.732   -9.259  1.00 24.52 ? 85  TYR A CZ  1 
ATOM   653  O OH  . TYR A 1 85  ? -11.060 7.775   -8.903  1.00 20.57 ? 85  TYR A OH  1 
ATOM   654  N N   . HIS A 1 86  ? -7.146  4.244   -7.346  1.00 18.57 ? 86  HIS A N   1 
ATOM   655  C CA  . HIS A 1 86  ? -7.702  4.438   -6.022  1.00 20.07 ? 86  HIS A CA  1 
ATOM   656  C C   . HIS A 1 86  ? -8.023  5.885   -5.778  1.00 18.31 ? 86  HIS A C   1 
ATOM   657  O O   . HIS A 1 86  ? -7.175  6.727   -6.053  1.00 19.26 ? 86  HIS A O   1 
ATOM   658  C CB  . HIS A 1 86  ? -6.596  4.057   -5.120  1.00 20.28 ? 86  HIS A CB  1 
ATOM   659  C CG  . HIS A 1 86  ? -6.954  3.417   -3.823  1.00 19.10 ? 86  HIS A CG  1 
ATOM   660  N ND1 . HIS A 1 86  ? -7.215  4.150   -2.690  1.00 38.93 ? 86  HIS A ND1 1 
ATOM   661  C CD2 . HIS A 1 86  ? -6.922  2.127   -3.435  1.00 27.24 ? 86  HIS A CD2 1 
ATOM   662  C CE1 . HIS A 1 86  ? -7.418  3.324   -1.679  1.00 22.12 ? 86  HIS A CE1 1 
ATOM   663  N NE2 . HIS A 1 86  ? -7.225  2.100   -2.104  1.00 17.28 ? 86  HIS A NE2 1 
ATOM   664  N N   . SER A 1 87  ? -9.226  6.149   -5.272  1.00 20.46 ? 87  SER A N   1 
ATOM   665  C CA  . SER A 1 87  ? -9.572  7.500   -4.826  1.00 15.23 ? 87  SER A CA  1 
ATOM   666  C C   . SER A 1 87  ? -9.324  7.529   -3.310  1.00 30.23 ? 87  SER A C   1 
ATOM   667  O O   . SER A 1 87  ? -9.354  6.495   -2.622  1.00 18.21 ? 87  SER A O   1 
ATOM   668  C CB  . SER A 1 87  ? -11.016 7.884   -5.058  1.00 19.91 ? 87  SER A CB  1 
ATOM   669  O OG  . SER A 1 87  ? -11.900 7.135   -4.226  1.00 27.91 ? 87  SER A OG  1 
ATOM   670  N N   . TYR A 1 88  ? -9.148  8.726   -2.777  1.00 23.98 ? 88  TYR A N   1 
ATOM   671  C CA  . TYR A 1 88  ? -8.772  8.931   -1.378  1.00 26.85 ? 88  TYR A CA  1 
ATOM   672  C C   . TYR A 1 88  ? -9.394  10.220  -0.880  1.00 20.05 ? 88  TYR A C   1 
ATOM   673  O O   . TYR A 1 88  ? -8.958  11.303  -1.312  1.00 20.31 ? 88  TYR A O   1 
ATOM   674  C CB  . TYR A 1 88  ? -7.238  9.040   -1.265  1.00 17.26 ? 88  TYR A CB  1 
ATOM   675  C CG  . TYR A 1 88  ? -6.674  9.251   0.124   1.00 29.80 ? 88  TYR A CG  1 
ATOM   676  C CD1 . TYR A 1 88  ? -6.705  8.233   1.090   1.00 25.08 ? 88  TYR A CD1 1 
ATOM   677  C CD2 . TYR A 1 88  ? -6.074  10.459  0.480   1.00 31.81 ? 88  TYR A CD2 1 
ATOM   678  C CE1 . TYR A 1 88  ? -6.165  8.405   2.370   1.00 25.31 ? 88  TYR A CE1 1 
ATOM   679  C CE2 . TYR A 1 88  ? -5.517  10.641  1.771   1.00 31.48 ? 88  TYR A CE2 1 
ATOM   680  C CZ  . TYR A 1 88  ? -5.570  9.627   2.722   1.00 24.67 ? 88  TYR A CZ  1 
ATOM   681  O OH  . TYR A 1 88  ? -5.031  9.857   3.959   1.00 29.54 ? 88  TYR A OH  1 
ATOM   682  N N   . THR A 1 89  ? -10.366 10.108  0.029   1.00 18.97 ? 89  THR A N   1 
ATOM   683  C CA  . THR A 1 89  ? -11.085 11.243  0.544   1.00 15.57 ? 89  THR A CA  1 
ATOM   684  C C   . THR A 1 89  ? -10.848 11.316  2.053   1.00 19.35 ? 89  THR A C   1 
ATOM   685  O O   . THR A 1 89  ? -11.048 10.343  2.776   1.00 16.03 ? 89  THR A O   1 
ATOM   686  C CB  . THR A 1 89  ? -12.599 11.116  0.223   1.00 28.57 ? 89  THR A CB  1 
ATOM   687  O OG1 . THR A 1 89  ? -12.836 10.892  -1.181  1.00 28.88 ? 89  THR A OG1 1 
ATOM   688  C CG2 . THR A 1 89  ? -13.307 12.440  0.500   1.00 30.98 ? 89  THR A CG2 1 
ATOM   689  N N   . ILE A 1 90  ? -10.302 12.445  2.496   1.00 15.00 ? 90  ILE A N   1 
ATOM   690  C CA  . ILE A 1 90  ? -10.186 12.739  3.892   1.00 29.65 ? 90  ILE A CA  1 
ATOM   691  C C   . ILE A 1 90  ? -10.398 14.234  4.116   1.00 34.65 ? 90  ILE A C   1 
ATOM   692  O O   . ILE A 1 90  ? -9.972  15.061  3.309   1.00 40.52 ? 90  ILE A O   1 
ATOM   693  C CB  . ILE A 1 90  ? -8.898  12.160  4.392   1.00 25.05 ? 90  ILE A CB  1 
ATOM   694  C CG1 . ILE A 1 90  ? -8.756  12.408  5.890   1.00 37.08 ? 90  ILE A CG1 1 
ATOM   695  C CG2 . ILE A 1 90  ? -7.695  12.552  3.555   1.00 32.05 ? 90  ILE A CG2 1 
ATOM   696  C CD1 . ILE A 1 90  ? -7.813  11.411  6.472   1.00 35.47 ? 90  ILE A CD1 1 
ATOM   697  N N   . GLY A 1 91  ? -11.107 14.565  5.188   1.00 34.74 ? 91  GLY A N   1 
ATOM   698  C CA  . GLY A 1 91  ? -11.534 15.930  5.442   1.00 38.97 ? 91  GLY A CA  1 
ATOM   699  C C   . GLY A 1 91  ? -12.066 16.736  4.274   1.00 39.67 ? 91  GLY A C   1 
ATOM   700  O O   . GLY A 1 91  ? -11.656 17.893  4.094   1.00 44.22 ? 91  GLY A O   1 
ATOM   701  N N   . GLY A 1 92  ? -12.947 16.148  3.472   1.00 42.27 ? 92  GLY A N   1 
ATOM   702  C CA  . GLY A 1 92  ? -13.689 16.894  2.466   1.00 43.47 ? 92  GLY A CA  1 
ATOM   703  C C   . GLY A 1 92  ? -12.936 17.194  1.172   1.00 48.88 ? 92  GLY A C   1 
ATOM   704  O O   . GLY A 1 92  ? -13.423 17.895  0.270   1.00 49.55 ? 92  GLY A O   1 
ATOM   705  N N   . VAL A 1 93  ? -11.731 16.641  1.085   1.00 42.18 ? 93  VAL A N   1 
ATOM   706  C CA  . VAL A 1 93  ? -10.871 16.767  -0.084  1.00 36.86 ? 93  VAL A CA  1 
ATOM   707  C C   . VAL A 1 93  ? -10.613 15.373  -0.696  1.00 34.70 ? 93  VAL A C   1 
ATOM   708  O O   . VAL A 1 93  ? -10.279 14.396  -0.012  1.00 28.41 ? 93  VAL A O   1 
ATOM   709  C CB  . VAL A 1 93  ? -9.582  17.455  0.373   1.00 36.57 ? 93  VAL A CB  1 
ATOM   710  C CG1 . VAL A 1 93  ? -8.425  17.322  -0.645  1.00 41.75 ? 93  VAL A CG1 1 
ATOM   711  C CG2 . VAL A 1 93  ? -9.862  18.935  0.760   1.00 42.66 ? 93  VAL A CG2 1 
ATOM   712  N N   . THR A 1 94  ? -10.772 15.277  -2.010  1.00 25.12 ? 94  THR A N   1 
ATOM   713  C CA  . THR A 1 94  ? -10.607 14.000  -2.688  1.00 26.89 ? 94  THR A CA  1 
ATOM   714  C C   . THR A 1 94  ? -9.357  14.035  -3.538  1.00 27.29 ? 94  THR A C   1 
ATOM   715  O O   . THR A 1 94  ? -9.086  15.036  -4.170  1.00 33.17 ? 94  THR A O   1 
ATOM   716  C CB  . THR A 1 94  ? -11.841 13.649  -3.499  1.00 31.08 ? 94  THR A CB  1 
ATOM   717  O OG1 . THR A 1 94  ? -12.881 13.255  -2.590  1.00 35.56 ? 94  THR A OG1 1 
ATOM   718  C CG2 . THR A 1 94  ? -11.617 12.399  -4.308  1.00 29.89 ? 94  THR A CG2 1 
ATOM   719  N N   . GLN A 1 95  ? -8.596  12.945  -3.552  1.00 21.41 ? 95  GLN A N   1 
ATOM   720  C CA  . GLN A 1 95  ? -7.424  12.824  -4.409  1.00 12.49 ? 95  GLN A CA  1 
ATOM   721  C C   . GLN A 1 95  ? -7.637  11.489  -5.066  1.00 19.95 ? 95  GLN A C   1 
ATOM   722  O O   . GLN A 1 95  ? -8.409  10.651  -4.527  1.00 21.71 ? 95  GLN A O   1 
ATOM   723  C CB  . GLN A 1 95  ? -6.124  12.862  -3.608  1.00 26.13 ? 95  GLN A CB  1 
ATOM   724  C CG  . GLN A 1 95  ? -5.647  14.262  -3.181  1.00 34.52 ? 95  GLN A CG  1 
ATOM   725  C CD  . GLN A 1 95  ? -4.565  14.146  -2.136  1.00 38.00 ? 95  GLN A CD  1 
ATOM   726  O OE1 . GLN A 1 95  ? -4.865  13.963  -0.954  1.00 46.39 ? 95  GLN A OE1 1 
ATOM   727  N NE2 . GLN A 1 95  ? -3.312  14.214  -2.567  1.00 44.09 ? 95  GLN A NE2 1 
ATOM   728  N N   . GLU A 1 96  ? -6.977  11.309  -6.211  1.00 18.82 ? 96  GLU A N   1 
ATOM   729  C CA  . GLU A 1 96  ? -7.042  10.066  -6.958  1.00 15.09 ? 96  GLU A CA  1 
ATOM   730  C C   . GLU A 1 96  ? -5.762  9.792   -7.704  1.00 19.38 ? 96  GLU A C   1 
ATOM   731  O O   . GLU A 1 96  ? -5.012  10.707  -8.017  1.00 19.33 ? 96  GLU A O   1 
ATOM   732  C CB  . GLU A 1 96  ? -8.251  9.982   -7.863  1.00 20.55 ? 96  GLU A CB  1 
ATOM   733  C CG  . GLU A 1 96  ? -8.091  10.698  -9.187  1.00 23.99 ? 96  GLU A CG  1 
ATOM   734  C CD  . GLU A 1 96  ? -9.411  10.796  -9.907  1.00 20.55 ? 96  GLU A CD  1 
ATOM   735  O OE1 . GLU A 1 96  ? -9.490  11.737  -10.728 1.00 24.98 ? 96  GLU A OE1 1 
ATOM   736  O OE2 . GLU A 1 96  ? -10.344 9.971   -9.711  1.00 14.69 ? 96  GLU A OE2 1 
ATOM   737  N N   . GLY A 1 97  ? -5.555  8.512   -7.969  1.00 19.69 ? 97  GLY A N   1 
ATOM   738  C CA  . GLY A 1 97  ? -4.348  8.064   -8.622  1.00 15.49 ? 97  GLY A CA  1 
ATOM   739  C C   . GLY A 1 97  ? -4.264  6.608   -8.889  1.00 16.54 ? 97  GLY A C   1 
ATOM   740  O O   . GLY A 1 97  ? -5.109  5.820   -8.478  1.00 25.46 ? 97  GLY A O   1 
ATOM   741  N N   . VAL A 1 98  ? -3.180  6.276   -9.575  1.00 16.02 ? 98  VAL A N   1 
ATOM   742  C CA  . VAL A 1 98  ? -2.875  4.883   -9.875  1.00 20.16 ? 98  VAL A CA  1 
ATOM   743  C C   . VAL A 1 98  ? -1.556  4.549   -9.234  1.00 19.43 ? 98  VAL A C   1 
ATOM   744  O O   . VAL A 1 98  ? -0.625  5.354   -9.246  1.00 20.07 ? 98  VAL A O   1 
ATOM   745  C CB  . VAL A 1 98  ? -2.651  4.733   -11.392 1.00 27.15 ? 98  VAL A CB  1 
ATOM   746  C CG1 . VAL A 1 98  ? -2.281  3.302   -11.779 1.00 25.09 ? 98  VAL A CG1 1 
ATOM   747  C CG2 . VAL A 1 98  ? -3.869  5.274   -12.099 1.00 23.62 ? 98  VAL A CG2 1 
ATOM   748  N N   . PHE A 1 99  ? -1.532  3.347   -8.652  1.00 20.87 ? 99  PHE A N   1 
ATOM   749  C CA  . PHE A 1 99  ? -0.288  2.779   -8.144  1.00 15.80 ? 99  PHE A CA  1 
ATOM   750  C C   . PHE A 1 99  ? -0.158  1.351   -8.631  1.00 13.47 ? 99  PHE A C   1 
ATOM   751  O O   . PHE A 1 99  ? -1.049  0.765   -9.246  1.00 17.89 ? 99  PHE A O   1 
ATOM   752  C CB  . PHE A 1 99  ? -0.246  2.876   -6.615  1.00 16.77 ? 99  PHE A CB  1 
ATOM   753  C CG  . PHE A 1 99  ? -1.127  1.908   -5.889  1.00 12.05 ? 99  PHE A CG  1 
ATOM   754  C CD1 . PHE A 1 99  ? -0.631  0.654   -5.531  1.00 22.84 ? 99  PHE A CD1 1 
ATOM   755  C CD2 . PHE A 1 99  ? -2.443  2.280   -5.485  1.00 13.72 ? 99  PHE A CD2 1 
ATOM   756  C CE1 . PHE A 1 99  ? -1.411  -0.290  -4.867  1.00 23.50 ? 99  PHE A CE1 1 
ATOM   757  C CE2 . PHE A 1 99  ? -3.208  1.362   -4.822  1.00 18.67 ? 99  PHE A CE2 1 
ATOM   758  C CZ  . PHE A 1 99  ? -2.715  0.070   -4.519  1.00 21.20 ? 99  PHE A CZ  1 
ATOM   759  N N   . ASN A 1 100 ? 1.058   0.857   -8.371  1.00 17.66 ? 100 ASN A N   1 
ATOM   760  C CA  . ASN A 1 100 ? 1.467   -0.403  -8.872  1.00 15.71 ? 100 ASN A CA  1 
ATOM   761  C C   . ASN A 1 100 ? 1.905   -1.342  -7.720  1.00 16.61 ? 100 ASN A C   1 
ATOM   762  O O   . ASN A 1 100 ? 2.598   -0.928  -6.770  1.00 15.24 ? 100 ASN A O   1 
ATOM   763  C CB  . ASN A 1 100 ? 2.592   -0.238  -9.864  1.00 15.41 ? 100 ASN A CB  1 
ATOM   764  C CG  . ASN A 1 100 ? 2.133   0.428   -11.184 1.00 21.38 ? 100 ASN A CG  1 
ATOM   765  O OD1 . ASN A 1 100 ? 1.512   -0.185  -12.049 1.00 23.54 ? 100 ASN A OD1 1 
ATOM   766  N ND2 . ASN A 1 100 ? 2.444   1.682   -11.309 1.00 25.42 ? 100 ASN A ND2 1 
ATOM   767  N N   . VAL A 1 101 ? 1.481   -2.576  -7.907  1.00 21.53 ? 101 VAL A N   1 
ATOM   768  C CA  . VAL A 1 101 ? 1.809   -3.665  -6.976  1.00 17.93 ? 101 VAL A CA  1 
ATOM   769  C C   . VAL A 1 101 ? 3.155   -4.267  -7.441  1.00 22.42 ? 101 VAL A C   1 
ATOM   770  O O   . VAL A 1 101 ? 3.294   -4.869  -8.531  1.00 23.39 ? 101 VAL A O   1 
ATOM   771  C CB  . VAL A 1 101 ? 0.717   -4.709  -6.944  1.00 21.46 ? 101 VAL A CB  1 
ATOM   772  C CG1 . VAL A 1 101 ? 1.095   -5.845  -5.968  1.00 28.95 ? 101 VAL A CG1 1 
ATOM   773  C CG2 . VAL A 1 101 ? -0.572  -4.091  -6.464  1.00 24.46 ? 101 VAL A CG2 1 
ATOM   774  N N   . LEU A 1 102 ? 4.147   -4.109  -6.570  1.00 19.60 ? 102 LEU A N   1 
ATOM   775  C CA  . LEU A 1 102 ? 5.508   -4.607  -6.731  1.00 23.40 ? 102 LEU A CA  1 
ATOM   776  C C   . LEU A 1 102 ? 5.707   -6.088  -6.450  1.00 24.92 ? 102 LEU A C   1 
ATOM   777  O O   . LEU A 1 102 ? 6.496   -6.762  -7.130  1.00 17.15 ? 102 LEU A O   1 
ATOM   778  C CB  . LEU A 1 102 ? 6.480   -3.828  -5.833  1.00 25.99 ? 102 LEU A CB  1 
ATOM   779  C CG  . LEU A 1 102 ? 6.661   -2.318  -6.061  1.00 34.06 ? 102 LEU A CG  1 
ATOM   780  C CD1 . LEU A 1 102 ? 7.676   -1.769  -5.045  1.00 29.60 ? 102 LEU A CD1 1 
ATOM   781  C CD2 . LEU A 1 102 ? 7.056   -2.015  -7.467  1.00 37.33 ? 102 LEU A CD2 1 
ATOM   782  N N   . SER A 1 103 ? 4.955   -6.587  -5.494  1.00 20.57 ? 103 SER A N   1 
ATOM   783  C CA  . SER A 1 103 ? 5.107   -7.939  -4.936  1.00 25.71 ? 103 SER A CA  1 
ATOM   784  C C   . SER A 1 103 ? 3.870   -8.299  -4.111  1.00 25.73 ? 103 SER A C   1 
ATOM   785  O O   . SER A 1 103 ? 3.265   -7.446  -3.445  1.00 20.18 ? 103 SER A O   1 
ATOM   786  C CB  . SER A 1 103 ? 6.402   -8.024  -4.131  1.00 25.75 ? 103 SER A CB  1 
ATOM   787  O OG  . SER A 1 103 ? 6.610   -9.225  -3.426  1.00 25.54 ? 103 SER A OG  1 
ATOM   788  N N   . THR A 1 104 ? 3.450   -9.568  -4.190  1.00 19.83 ? 104 THR A N   1 
ATOM   789  C CA  . THR A 1 104 ? 2.362   -10.116 -3.343  1.00 17.72 ? 104 THR A CA  1 
ATOM   790  C C   . THR A 1 104 ? 2.431   -11.623 -3.440  1.00 24.50 ? 104 THR A C   1 
ATOM   791  O O   . THR A 1 104 ? 2.899   -12.129 -4.456  1.00 27.02 ? 104 THR A O   1 
ATOM   792  C CB  . THR A 1 104 ? 0.883   -9.776  -3.763  1.00 15.07 ? 104 THR A CB  1 
ATOM   793  O OG1 . THR A 1 104 ? -0.053  -10.371 -2.867  1.00 25.75 ? 104 THR A OG1 1 
ATOM   794  C CG2 . THR A 1 104 ? 0.539   -10.352 -5.089  1.00 22.95 ? 104 THR A CG2 1 
ATOM   795  N N   . ASP A 1 105 ? 1.914   -12.306 -2.427  1.00 25.75 ? 105 ASP A N   1 
ATOM   796  C CA  . ASP A 1 105 ? 1.813   -13.767 -2.497  1.00 29.36 ? 105 ASP A CA  1 
ATOM   797  C C   . ASP A 1 105 ? 0.364   -14.187 -2.710  1.00 27.21 ? 105 ASP A C   1 
ATOM   798  O O   . ASP A 1 105 ? 0.051   -15.371 -2.635  1.00 19.11 ? 105 ASP A O   1 
ATOM   799  C CB  . ASP A 1 105 ? 2.375   -14.473 -1.245  1.00 28.42 ? 105 ASP A CB  1 
ATOM   800  C CG  . ASP A 1 105 ? 1.817   -13.942 0.055   1.00 29.45 ? 105 ASP A CG  1 
ATOM   801  O OD1 . ASP A 1 105 ? 1.024   -12.981 0.023   1.00 21.54 ? 105 ASP A OD1 1 
ATOM   802  O OD2 . ASP A 1 105 ? 2.103   -14.423 1.171   1.00 34.19 ? 105 ASP A OD2 1 
ATOM   803  N N   . ASN A 1 106 ? -0.522  -13.220 -2.969  1.00 23.84 ? 106 ASN A N   1 
ATOM   804  C CA  . ASN A 1 106 ? -1.947  -13.504 -3.078  1.00 17.41 ? 106 ASN A CA  1 
ATOM   805  C C   . ASN A 1 106 ? -2.570  -14.223 -1.880  1.00 27.58 ? 106 ASN A C   1 
ATOM   806  O O   . ASN A 1 106 ? -3.501  -14.995 -2.069  1.00 28.63 ? 106 ASN A O   1 
ATOM   807  C CB  . ASN A 1 106 ? -2.208  -14.280 -4.382  1.00 20.45 ? 106 ASN A CB  1 
ATOM   808  C CG  . ASN A 1 106 ? -1.978  -13.407 -5.612  1.00 21.30 ? 106 ASN A CG  1 
ATOM   809  O OD1 . ASN A 1 106 ? -2.364  -12.257 -5.632  1.00 18.23 ? 106 ASN A OD1 1 
ATOM   810  N ND2 . ASN A 1 106 ? -1.318  -13.955 -6.625  1.00 24.24 ? 106 ASN A ND2 1 
ATOM   811  N N   . LYS A 1 107 ? -2.058  -13.954 -0.680  1.00 22.82 ? 107 LYS A N   1 
ATOM   812  C CA  . LYS A 1 107 ? -2.534  -14.538 0.580   1.00 25.42 ? 107 LYS A CA  1 
ATOM   813  C C   . LYS A 1 107 ? -2.376  -13.605 1.777   1.00 25.89 ? 107 LYS A C   1 
ATOM   814  O O   . LYS A 1 107 ? -3.353  -13.319 2.463   1.00 31.99 ? 107 LYS A O   1 
ATOM   815  C CB  . LYS A 1 107 ? -1.882  -15.870 0.978   1.00 30.45 ? 107 LYS A CB  1 
ATOM   816  C CG  . LYS A 1 107 ? -0.757  -16.440 0.126   1.00 45.89 ? 107 LYS A CG  1 
ATOM   817  C CD  . LYS A 1 107 ? 0.087   -17.514 0.896   1.00 52.29 ? 107 LYS A CD  1 
ATOM   818  C CE  . LYS A 1 107 ? 1.387   -17.938 0.160   1.00 53.99 ? 107 LYS A CE  1 
ATOM   819  N NZ  . LYS A 1 107 ? 2.705   -17.564 0.811   1.00 47.52 ? 107 LYS A NZ  1 
ATOM   820  N N   . ASN A 1 108 ? -1.154  -13.151 2.033   1.00 20.20 ? 108 ASN A N   1 
ATOM   821  C CA  . ASN A 1 108 ? -0.802  -12.492 3.281   1.00 24.72 ? 108 ASN A CA  1 
ATOM   822  C C   . ASN A 1 108 ? -0.387  -11.028 3.220   1.00 23.31 ? 108 ASN A C   1 
ATOM   823  O O   . ASN A 1 108 ? -0.490  -10.329 4.219   1.00 27.03 ? 108 ASN A O   1 
ATOM   824  C CB  . ASN A 1 108 ? 0.477   -13.147 3.847   1.00 31.57 ? 108 ASN A CB  1 
ATOM   825  C CG  . ASN A 1 108 ? 0.273   -14.601 4.270   1.00 33.04 ? 108 ASN A CG  1 
ATOM   826  O OD1 . ASN A 1 108 ? -0.569  -14.893 5.117   1.00 36.12 ? 108 ASN A OD1 1 
ATOM   827  N ND2 . ASN A 1 108 ? 1.027   -15.512 3.648   1.00 32.16 ? 108 ASN A ND2 1 
ATOM   828  N N   . TYR A 1 109 ? 0.176   -10.599 2.099   1.00 15.72 ? 109 TYR A N   1 
ATOM   829  C CA  . TYR A 1 109 ? 0.859   -9.287  1.971   1.00 20.16 ? 109 TYR A CA  1 
ATOM   830  C C   . TYR A 1 109 ? 0.779   -8.747  0.551   1.00 19.59 ? 109 TYR A C   1 
ATOM   831  O O   . TYR A 1 109 ? 0.499   -9.504  -0.372  1.00 16.99 ? 109 TYR A O   1 
ATOM   832  C CB  . TYR A 1 109 ? 2.333   -9.327  2.392   1.00 18.79 ? 109 TYR A CB  1 
ATOM   833  C CG  . TYR A 1 109 ? 3.287   -9.812  1.317   1.00 19.08 ? 109 TYR A CG  1 
ATOM   834  C CD1 . TYR A 1 109 ? 3.802   -8.937  0.390   1.00 25.23 ? 109 TYR A CD1 1 
ATOM   835  C CD2 . TYR A 1 109 ? 3.642   -11.143 1.208   1.00 19.19 ? 109 TYR A CD2 1 
ATOM   836  C CE1 . TYR A 1 109 ? 4.650   -9.404  -0.597  1.00 21.36 ? 109 TYR A CE1 1 
ATOM   837  C CE2 . TYR A 1 109 ? 4.457   -11.612 0.260   1.00 24.26 ? 109 TYR A CE2 1 
ATOM   838  C CZ  . TYR A 1 109 ? 4.966   -10.738 -0.656  1.00 27.02 ? 109 TYR A CZ  1 
ATOM   839  O OH  . TYR A 1 109 ? 5.805   -11.253 -1.606  1.00 26.22 ? 109 TYR A OH  1 
ATOM   840  N N   . ILE A 1 110 ? 1.026   -7.441  0.431   1.00 15.76 ? 110 ILE A N   1 
ATOM   841  C CA  . ILE A 1 110 ? 1.051   -6.697  -0.824  1.00 21.83 ? 110 ILE A CA  1 
ATOM   842  C C   . ILE A 1 110 ? 2.039   -5.580  -0.608  1.00 19.88 ? 110 ILE A C   1 
ATOM   843  O O   . ILE A 1 110 ? 1.959   -4.881  0.429   1.00 26.45 ? 110 ILE A O   1 
ATOM   844  C CB  . ILE A 1 110 ? -0.317  -6.022  -1.129  1.00 20.59 ? 110 ILE A CB  1 
ATOM   845  C CG1 . ILE A 1 110 ? -1.547  -6.867  -1.001  1.00 34.42 ? 110 ILE A CG1 1 
ATOM   846  C CG2 . ILE A 1 110 ? -0.315  -5.550  -2.601  1.00 24.36 ? 110 ILE A CG2 1 
ATOM   847  C CD1 . ILE A 1 110 ? -2.783  -5.964  -1.360  1.00 44.13 ? 110 ILE A CD1 1 
ATOM   848  N N   . ILE A 1 111 ? 2.968   -5.340  -1.518  1.00 17.83 ? 111 ILE A N   1 
ATOM   849  C CA  . ILE A 1 111 ? 3.782   -4.158  -1.423  1.00 15.04 ? 111 ILE A CA  1 
ATOM   850  C C   . ILE A 1 111 ? 3.317   -3.140  -2.504  1.00 22.61 ? 111 ILE A C   1 
ATOM   851  O O   . ILE A 1 111 ? 3.306   -3.478  -3.682  1.00 18.24 ? 111 ILE A O   1 
ATOM   852  C CB  . ILE A 1 111 ? 5.212   -4.581  -1.606  1.00 14.48 ? 111 ILE A CB  1 
ATOM   853  C CG1 . ILE A 1 111 ? 5.702   -5.391  -0.368  1.00 22.32 ? 111 ILE A CG1 1 
ATOM   854  C CG2 . ILE A 1 111 ? 5.999   -3.270  -1.749  1.00 17.90 ? 111 ILE A CG2 1 
ATOM   855  C CD1 . ILE A 1 111 ? 7.078   -6.051  -0.518  1.00 26.23 ? 111 ILE A CD1 1 
ATOM   856  N N   . GLY A 1 112 ? 2.857   -1.942  -2.130  1.00 22.38 ? 112 GLY A N   1 
ATOM   857  C CA  . GLY A 1 112 ? 2.480   -0.959  -3.133  1.00 17.29 ? 112 GLY A CA  1 
ATOM   858  C C   . GLY A 1 112 ? 3.518   0.125   -3.321  1.00 13.24 ? 112 GLY A C   1 
ATOM   859  O O   . GLY A 1 112 ? 4.291   0.416   -2.406  1.00 14.66 ? 112 GLY A O   1 
ATOM   860  N N   . TYR A 1 113 ? 3.489   0.769   -4.480  1.00 15.99 ? 113 TYR A N   1 
ATOM   861  C CA  . TYR A 1 113 ? 4.508   1.721   -4.916  1.00 10.96 ? 113 TYR A CA  1 
ATOM   862  C C   . TYR A 1 113 ? 3.835   2.782   -5.802  1.00 20.86 ? 113 TYR A C   1 
ATOM   863  O O   . TYR A 1 113 ? 3.058   2.462   -6.687  1.00 23.03 ? 113 TYR A O   1 
ATOM   864  C CB  . TYR A 1 113 ? 5.659   0.996   -5.667  1.00 14.87 ? 113 TYR A CB  1 
ATOM   865  C CG  . TYR A 1 113 ? 6.727   1.895   -6.229  1.00 21.25 ? 113 TYR A CG  1 
ATOM   866  C CD1 . TYR A 1 113 ? 7.739   2.440   -5.426  1.00 26.13 ? 113 TYR A CD1 1 
ATOM   867  C CD2 . TYR A 1 113 ? 6.706   2.242   -7.599  1.00 27.26 ? 113 TYR A CD2 1 
ATOM   868  C CE1 . TYR A 1 113 ? 8.705   3.265   -5.967  1.00 34.33 ? 113 TYR A CE1 1 
ATOM   869  C CE2 . TYR A 1 113 ? 7.664   3.097   -8.120  1.00 29.31 ? 113 TYR A CE2 1 
ATOM   870  C CZ  . TYR A 1 113 ? 8.654   3.600   -7.321  1.00 31.93 ? 113 TYR A CZ  1 
ATOM   871  O OH  . TYR A 1 113 ? 9.571   4.430   -7.968  1.00 34.62 ? 113 TYR A OH  1 
ATOM   872  N N   . PHE A 1 114 ? 4.170   4.037   -5.515  1.00 22.15 ? 114 PHE A N   1 
ATOM   873  C CA  . PHE A 1 114 ? 3.815   5.208   -6.301  1.00 20.21 ? 114 PHE A CA  1 
ATOM   874  C C   . PHE A 1 114 ? 5.039   6.108   -6.442  1.00 20.79 ? 114 PHE A C   1 
ATOM   875  O O   . PHE A 1 114 ? 5.784   6.285   -5.490  1.00 17.03 ? 114 PHE A O   1 
ATOM   876  C CB  . PHE A 1 114 ? 2.688   5.902   -5.534  1.00 22.01 ? 114 PHE A CB  1 
ATOM   877  C CG  . PHE A 1 114 ? 2.235   7.191   -6.142  1.00 26.58 ? 114 PHE A CG  1 
ATOM   878  C CD1 . PHE A 1 114 ? 2.661   8.407   -5.613  1.00 31.56 ? 114 PHE A CD1 1 
ATOM   879  C CD2 . PHE A 1 114 ? 1.385   7.193   -7.223  1.00 29.15 ? 114 PHE A CD2 1 
ATOM   880  C CE1 . PHE A 1 114 ? 2.246   9.598   -6.168  1.00 26.11 ? 114 PHE A CE1 1 
ATOM   881  C CE2 . PHE A 1 114 ? 0.981   8.396   -7.802  1.00 30.97 ? 114 PHE A CE2 1 
ATOM   882  C CZ  . PHE A 1 114 ? 1.414   9.591   -7.273  1.00 32.01 ? 114 PHE A CZ  1 
ATOM   883  N N   . CYS A 1 115 ? 5.201   6.745   -7.602  1.00 16.93 ? 115 CYS A N   1 
ATOM   884  C CA  . CYS A 1 115 ? 6.246   7.706   -7.891  1.00 22.75 ? 115 CYS A CA  1 
ATOM   885  C C   . CYS A 1 115 ? 5.660   8.816   -8.771  1.00 34.51 ? 115 CYS A C   1 
ATOM   886  O O   . CYS A 1 115 ? 4.908   8.538   -9.696  1.00 25.26 ? 115 CYS A O   1 
ATOM   887  C CB  . CYS A 1 115 ? 7.379   7.024   -8.678  1.00 28.68 ? 115 CYS A CB  1 
ATOM   888  S SG  . CYS A 1 115 ? 8.892   7.954   -9.098  1.00 28.30 ? 115 CYS A SG  1 
ATOM   889  N N   . SER A 1 116 ? 5.997   10.049  -8.424  1.00 46.72 ? 116 SER A N   1 
ATOM   890  C CA  . SER A 1 116 ? 5.636   11.258  -9.162  1.00 52.11 ? 116 SER A CA  1 
ATOM   891  C C   . SER A 1 116 ? 6.936   11.952  -9.595  1.00 55.03 ? 116 SER A C   1 
ATOM   892  O O   . SER A 1 116 ? 7.883   12.036  -8.816  1.00 37.65 ? 116 SER A O   1 
ATOM   893  C CB  . SER A 1 116 ? 4.826   12.196  -8.257  1.00 50.80 ? 116 SER A CB  1 
ATOM   894  O OG  . SER A 1 116 ? 5.340   12.206  -6.928  1.00 48.77 ? 116 SER A OG  1 
ATOM   895  N N   . TYR A 1 117 ? 6.966   12.439  -10.833 1.00 69.47 ? 117 TYR A N   1 
ATOM   896  C CA  . TYR A 1 117 ? 8.176   12.951  -11.469 1.00 78.55 ? 117 TYR A CA  1 
ATOM   897  C C   . TYR A 1 117 ? 7.988   14.427  -11.773 1.00 76.97 ? 117 TYR A C   1 
ATOM   898  O O   . TYR A 1 117 ? 8.843   15.231  -11.407 1.00 83.82 ? 117 TYR A O   1 
ATOM   899  C CB  . TYR A 1 117 ? 8.468   12.133  -12.739 1.00 85.74 ? 117 TYR A CB  1 
ATOM   900  C CG  . TYR A 1 117 ? 9.409   12.722  -13.779 1.00 91.01 ? 117 TYR A CG  1 
ATOM   901  C CD1 . TYR A 1 117 ? 10.473  13.553  -13.434 1.00 94.16 ? 117 TYR A CD1 1 
ATOM   902  C CD2 . TYR A 1 117 ? 9.230   12.423  -15.123 1.00 93.74 ? 117 TYR A CD2 1 
ATOM   903  C CE1 . TYR A 1 117 ? 11.318  14.075  -14.399 1.00 96.11 ? 117 TYR A CE1 1 
ATOM   904  C CE2 . TYR A 1 117 ? 10.068  12.938  -16.092 1.00 96.30 ? 117 TYR A CE2 1 
ATOM   905  C CZ  . TYR A 1 117 ? 11.109  13.762  -15.729 1.00 96.52 ? 117 TYR A CZ  1 
ATOM   906  O OH  . TYR A 1 117 ? 11.934  14.261  -16.711 1.00 94.63 ? 117 TYR A OH  1 
ATOM   907  N N   . LYS A 1 122 ? 12.475  17.222  -12.903 1.00 77.20 ? 122 LYS A N   1 
ATOM   908  C CA  . LYS A 1 122 ? 13.904  17.170  -12.637 1.00 75.38 ? 122 LYS A CA  1 
ATOM   909  C C   . LYS A 1 122 ? 14.258  16.299  -11.433 1.00 73.42 ? 122 LYS A C   1 
ATOM   910  O O   . LYS A 1 122 ? 15.426  15.949  -11.238 1.00 71.34 ? 122 LYS A O   1 
ATOM   911  C CB  . LYS A 1 122 ? 14.436  18.583  -12.428 1.00 80.54 ? 122 LYS A CB  1 
ATOM   912  C CG  . LYS A 1 122 ? 15.916  18.751  -12.784 1.00 83.46 ? 122 LYS A CG  1 
ATOM   913  C CD  . LYS A 1 122 ? 16.211  18.627  -14.289 1.00 80.61 ? 122 LYS A CD  1 
ATOM   914  C CE  . LYS A 1 122 ? 17.652  19.044  -14.633 1.00 77.85 ? 122 LYS A CE  1 
ATOM   915  N NZ  . LYS A 1 122 ? 17.794  19.614  -16.011 1.00 72.61 ? 122 LYS A NZ  1 
ATOM   916  N N   . GLY A 1 123 ? 13.248  15.954  -10.636 1.00 68.72 ? 123 GLY A N   1 
ATOM   917  C CA  . GLY A 1 123 ? 13.376  14.996  -9.547  1.00 64.71 ? 123 GLY A CA  1 
ATOM   918  C C   . GLY A 1 123 ? 12.283  13.935  -9.511  1.00 63.51 ? 123 GLY A C   1 
ATOM   919  O O   . GLY A 1 123 ? 11.375  13.901  -10.348 1.00 60.38 ? 123 GLY A O   1 
ATOM   920  N N   . HIS A 1 124 ? 12.370  13.029  -8.542  1.00 61.22 ? 124 HIS A N   1 
ATOM   921  C CA  . HIS A 1 124 ? 11.235  12.161  -8.237  1.00 49.90 ? 124 HIS A CA  1 
ATOM   922  C C   . HIS A 1 124 ? 11.105  11.781  -6.763  1.00 45.37 ? 124 HIS A C   1 
ATOM   923  O O   . HIS A 1 124 ? 12.082  11.618  -6.016  1.00 36.58 ? 124 HIS A O   1 
ATOM   924  C CB  . HIS A 1 124 ? 11.173  10.949  -9.170  1.00 49.38 ? 124 HIS A CB  1 
ATOM   925  C CG  . HIS A 1 124 ? 12.272  9.946   -8.993  1.00 50.14 ? 124 HIS A CG  1 
ATOM   926  N ND1 . HIS A 1 124 ? 12.781  9.233   -10.056 1.00 48.50 ? 124 HIS A ND1 1 
ATOM   927  C CD2 . HIS A 1 124 ? 12.936  9.503   -7.901  1.00 54.45 ? 124 HIS A CD2 1 
ATOM   928  C CE1 . HIS A 1 124 ? 13.714  8.403   -9.629  1.00 49.88 ? 124 HIS A CE1 1 
ATOM   929  N NE2 . HIS A 1 124 ? 13.826  8.543   -8.323  1.00 50.69 ? 124 HIS A NE2 1 
ATOM   930  N N   . MET A 1 125 ? 9.845   11.653  -6.363  1.00 41.01 ? 125 MET A N   1 
ATOM   931  C CA  . MET A 1 125 ? 9.488   11.192  -5.026  1.00 42.25 ? 125 MET A CA  1 
ATOM   932  C C   . MET A 1 125 ? 8.755   9.861   -5.196  1.00 40.17 ? 125 MET A C   1 
ATOM   933  O O   . MET A 1 125 ? 7.965   9.699   -6.113  1.00 33.79 ? 125 MET A O   1 
ATOM   934  C CB  . MET A 1 125 ? 8.546   12.206  -4.379  1.00 43.60 ? 125 MET A CB  1 
ATOM   935  C CG  . MET A 1 125 ? 8.925   12.634  -2.991  1.00 52.67 ? 125 MET A CG  1 
ATOM   936  S SD  . MET A 1 125 ? 7.472   12.920  -1.979  1.00 65.98 ? 125 MET A SD  1 
ATOM   937  C CE  . MET A 1 125 ? 7.923   12.050  -0.488  1.00 61.23 ? 125 MET A CE  1 
ATOM   938  N N   . ASP A 1 126 ? 9.044   8.935   -4.291  1.00 28.77 ? 126 ASP A N   1 
ATOM   939  C CA  . ASP A 1 126 ? 8.675   7.540   -4.327  1.00 22.77 ? 126 ASP A CA  1 
ATOM   940  C C   . ASP A 1 126 ? 8.039   7.259   -2.965  1.00 20.94 ? 126 ASP A C   1 
ATOM   941  O O   . ASP A 1 126 ? 8.507   7.815   -1.979  1.00 16.37 ? 126 ASP A O   1 
ATOM   942  C CB  . ASP A 1 126 ? 9.960   6.731   -4.270  1.00 32.01 ? 126 ASP A CB  1 
ATOM   943  C CG  . ASP A 1 126 ? 10.428  6.287   -5.589  1.00 37.48 ? 126 ASP A CG  1 
ATOM   944  O OD1 . ASP A 1 126 ? 9.872   6.720   -6.639  1.00 36.76 ? 126 ASP A OD1 1 
ATOM   945  O OD2 . ASP A 1 126 ? 11.377  5.472   -5.592  1.00 31.80 ? 126 ASP A OD2 1 
ATOM   946  N N   . LEU A 1 127 ? 7.003   6.418   -2.935  1.00 22.22 ? 127 LEU A N   1 
ATOM   947  C CA  . LEU A 1 127 ? 6.257   6.160   -1.715  1.00 23.30 ? 127 LEU A CA  1 
ATOM   948  C C   . LEU A 1 127 ? 6.053   4.687   -1.791  1.00 26.48 ? 127 LEU A C   1 
ATOM   949  O O   . LEU A 1 127 ? 5.681   4.171   -2.819  1.00 14.88 ? 127 LEU A O   1 
ATOM   950  C CB  . LEU A 1 127 ? 4.869   6.814   -1.689  1.00 22.64 ? 127 LEU A CB  1 
ATOM   951  C CG  . LEU A 1 127 ? 4.813   8.337   -1.468  1.00 14.87 ? 127 LEU A CG  1 
ATOM   952  C CD1 . LEU A 1 127 ? 3.472   9.083   -1.619  1.00 19.97 ? 127 LEU A CD1 1 
ATOM   953  C CD2 . LEU A 1 127 ? 5.515   8.802   -0.121  1.00 30.50 ? 127 LEU A CD2 1 
ATOM   954  N N   . VAL A 1 128 ? 6.294   4.008   -0.681  1.00 15.54 ? 128 VAL A N   1 
ATOM   955  C CA  . VAL A 1 128 ? 6.180   2.599   -0.677  1.00 10.02 ? 128 VAL A CA  1 
ATOM   956  C C   . VAL A 1 128 ? 5.448   2.347   0.649   1.00 13.61 ? 128 VAL A C   1 
ATOM   957  O O   . VAL A 1 128 ? 5.812   2.939   1.686   1.00 18.78 ? 128 VAL A O   1 
ATOM   958  C CB  . VAL A 1 128 ? 7.588   1.940   -0.589  1.00 15.28 ? 128 VAL A CB  1 
ATOM   959  C CG1 . VAL A 1 128 ? 7.445   0.527   -0.067  1.00 26.75 ? 128 VAL A CG1 1 
ATOM   960  C CG2 . VAL A 1 128 ? 8.196   1.928   -1.983  1.00 23.66 ? 128 VAL A CG2 1 
ATOM   961  N N   . TRP A 1 129 ? 4.455   1.464   0.600   1.00 16.71 ? 129 TRP A N   1 
ATOM   962  C CA  . TRP A 1 129 ? 3.776   0.932   1.767   1.00 13.56 ? 129 TRP A CA  1 
ATOM   963  C C   . TRP A 1 129 ? 3.485   -0.590  1.670   1.00 23.32 ? 129 TRP A C   1 
ATOM   964  O O   . TRP A 1 129 ? 3.293   -1.189  0.611   1.00 18.01 ? 129 TRP A O   1 
ATOM   965  C CB  . TRP A 1 129 ? 2.458   1.708   1.937   1.00 13.41 ? 129 TRP A CB  1 
ATOM   966  C CG  . TRP A 1 129 ? 1.488   1.533   0.849   1.00 19.46 ? 129 TRP A CG  1 
ATOM   967  C CD1 . TRP A 1 129 ? 0.423   0.710   0.839   1.00 14.60 ? 129 TRP A CD1 1 
ATOM   968  C CD2 . TRP A 1 129 ? 1.452   2.248   -0.370  1.00 12.66 ? 129 TRP A CD2 1 
ATOM   969  N NE1 . TRP A 1 129 ? -0.286  0.848   -0.327  1.00 20.64 ? 129 TRP A NE1 1 
ATOM   970  C CE2 . TRP A 1 129 ? 0.319   1.802   -1.087  1.00 11.36 ? 129 TRP A CE2 1 
ATOM   971  C CE3 . TRP A 1 129 ? 2.241   3.252   -0.912  1.00 13.44 ? 129 TRP A CE3 1 
ATOM   972  C CZ2 . TRP A 1 129 ? -0.012  2.279   -2.355  1.00 10.41 ? 129 TRP A CZ2 1 
ATOM   973  C CZ3 . TRP A 1 129 ? 1.893   3.729   -2.206  1.00 13.09 ? 129 TRP A CZ3 1 
ATOM   974  C CH2 . TRP A 1 129 ? 0.800   3.246   -2.879  1.00 12.62 ? 129 TRP A CH2 1 
ATOM   975  N N   . VAL A 1 130 ? 3.444   -1.243  2.825   1.00 17.65 ? 130 VAL A N   1 
ATOM   976  C CA  . VAL A 1 130 ? 3.319   -2.676  2.927   1.00 16.60 ? 130 VAL A CA  1 
ATOM   977  C C   . VAL A 1 130 ? 2.068   -2.984  3.747   1.00 15.78 ? 130 VAL A C   1 
ATOM   978  O O   . VAL A 1 130 ? 1.926   -2.505  4.876   1.00 19.22 ? 130 VAL A O   1 
ATOM   979  C CB  . VAL A 1 130 ? 4.559   -3.310  3.585   1.00 21.69 ? 130 VAL A CB  1 
ATOM   980  C CG1 . VAL A 1 130 ? 4.437   -4.846  3.567   1.00 19.72 ? 130 VAL A CG1 1 
ATOM   981  C CG2 . VAL A 1 130 ? 5.797   -2.842  2.848   1.00 28.39 ? 130 VAL A CG2 1 
ATOM   982  N N   . LEU A 1 131 ? 1.137   -3.710  3.133   1.00 15.57 ? 131 LEU A N   1 
ATOM   983  C CA  . LEU A 1 131 ? -0.041  -4.215  3.852   1.00 22.84 ? 131 LEU A CA  1 
ATOM   984  C C   . LEU A 1 131 ? 0.049   -5.722  4.127   1.00 24.43 ? 131 LEU A C   1 
ATOM   985  O O   . LEU A 1 131 ? 0.566   -6.498  3.312   1.00 21.84 ? 131 LEU A O   1 
ATOM   986  C CB  . LEU A 1 131 ? -1.310  -3.928  3.070   1.00 19.43 ? 131 LEU A CB  1 
ATOM   987  C CG  . LEU A 1 131 ? -1.541  -2.442  2.758   1.00 31.02 ? 131 LEU A CG  1 
ATOM   988  C CD1 . LEU A 1 131 ? -2.483  -2.301  1.593   1.00 39.89 ? 131 LEU A CD1 1 
ATOM   989  C CD2 . LEU A 1 131 ? -2.050  -1.741  3.995   1.00 38.73 ? 131 LEU A CD2 1 
ATOM   990  N N   . SER A 1 132 ? -0.438  -6.119  5.298   1.00 24.18 ? 132 SER A N   1 
ATOM   991  C CA  . SER A 1 132 ? -0.543  -7.538  5.627   1.00 21.42 ? 132 SER A CA  1 
ATOM   992  C C   . SER A 1 132 ? -1.889  -7.862  6.335   1.00 15.33 ? 132 SER A C   1 
ATOM   993  O O   . SER A 1 132 ? -2.485  -7.027  7.025   1.00 25.48 ? 132 SER A O   1 
ATOM   994  C CB  . SER A 1 132 ? 0.702   -7.985  6.397   1.00 26.37 ? 132 SER A CB  1 
ATOM   995  O OG  . SER A 1 132 ? 0.379   -8.797  7.516   1.00 22.67 ? 132 SER A OG  1 
ATOM   996  N N   . ARG A 1 133 ? -2.405  -9.082  6.197   1.00 18.04 ? 133 ARG A N   1 
ATOM   997  C CA  . ARG A 1 133 ? -3.514  -9.572  6.995   1.00 26.62 ? 133 ARG A CA  1 
ATOM   998  C C   . ARG A 1 133 ? -3.208  -9.676  8.509   1.00 26.07 ? 133 ARG A C   1 
ATOM   999  O O   . ARG A 1 133 ? -4.088  -9.621  9.365   1.00 31.42 ? 133 ARG A O   1 
ATOM   1000 C CB  . ARG A 1 133 ? -3.868  -10.986 6.490   1.00 32.84 ? 133 ARG A CB  1 
ATOM   1001 C CG  . ARG A 1 133 ? -4.467  -11.034 5.150   1.00 38.31 ? 133 ARG A CG  1 
ATOM   1002 C CD  . ARG A 1 133 ? -5.597  -12.049 5.076   1.00 47.72 ? 133 ARG A CD  1 
ATOM   1003 N NE  . ARG A 1 133 ? -6.897  -11.391 5.194   1.00 57.35 ? 133 ARG A NE  1 
ATOM   1004 C CZ  . ARG A 1 133 ? -7.798  -11.259 4.217   1.00 55.91 ? 133 ARG A CZ  1 
ATOM   1005 N NH1 . ARG A 1 133 ? -7.620  -11.738 2.992   1.00 48.96 ? 133 ARG A NH1 1 
ATOM   1006 N NH2 . ARG A 1 133 ? -8.927  -10.626 4.485   1.00 62.72 ? 133 ARG A NH2 1 
ATOM   1007 N N   . SER A 1 134 ? -1.947  -9.818  8.852   1.00 29.71 ? 134 SER A N   1 
ATOM   1008 C CA  . SER A 1 134 ? -1.622  -9.878  10.280  1.00 36.77 ? 134 SER A CA  1 
ATOM   1009 C C   . SER A 1 134 ? -0.875  -8.644  10.820  1.00 37.11 ? 134 SER A C   1 
ATOM   1010 O O   . SER A 1 134 ? -0.201  -7.920  10.107  1.00 25.33 ? 134 SER A O   1 
ATOM   1011 C CB  . SER A 1 134 ? -0.861  -11.175 10.523  1.00 37.29 ? 134 SER A CB  1 
ATOM   1012 O OG  . SER A 1 134 ? 0.523   -10.938 10.544  1.00 43.50 ? 134 SER A OG  1 
ATOM   1013 N N   . MET A 1 135 ? -0.960  -8.394  12.121  1.00 39.09 ? 135 MET A N   1 
ATOM   1014 C CA  . MET A 1 135 ? -0.461  -7.137  12.664  1.00 39.56 ? 135 MET A CA  1 
ATOM   1015 C C   . MET A 1 135 ? 1.064   -7.086  12.602  1.00 40.80 ? 135 MET A C   1 
ATOM   1016 O O   . MET A 1 135 ? 1.649   -5.999  12.651  1.00 45.43 ? 135 MET A O   1 
ATOM   1017 C CB  . MET A 1 135 ? -0.908  -6.949  14.119  1.00 34.78 ? 135 MET A CB  1 
ATOM   1018 C CG  . MET A 1 135 ? -2.294  -6.335  14.355  1.00 44.52 ? 135 MET A CG  1 
ATOM   1019 S SD  . MET A 1 135 ? -2.385  -5.970  16.140  1.00 51.77 ? 135 MET A SD  1 
ATOM   1020 C CE  . MET A 1 135 ? -4.060  -5.548  16.503  1.00 46.67 ? 135 MET A CE  1 
ATOM   1021 N N   . VAL A 1 136 ? 1.673   -8.270  12.492  1.00 33.72 ? 136 VAL A N   1 
ATOM   1022 C CA  . VAL A 1 136 ? 3.111   -8.482  12.337  1.00 40.49 ? 136 VAL A CA  1 
ATOM   1023 C C   . VAL A 1 136 ? 3.383   -9.450  11.176  1.00 42.89 ? 136 VAL A C   1 
ATOM   1024 O O   . VAL A 1 136 ? 2.708   -10.478 11.059  1.00 39.94 ? 136 VAL A O   1 
ATOM   1025 C CB  . VAL A 1 136 ? 3.711   -9.118  13.642  1.00 41.21 ? 136 VAL A CB  1 
ATOM   1026 C CG1 . VAL A 1 136 ? 5.043   -8.512  13.951  1.00 42.13 ? 136 VAL A CG1 1 
ATOM   1027 C CG2 . VAL A 1 136 ? 2.793   -8.939  14.840  1.00 44.59 ? 136 VAL A CG2 1 
ATOM   1028 N N   . LEU A 1 137 ? 4.362   -9.151  10.325  1.00 50.60 ? 137 LEU A N   1 
ATOM   1029 C CA  . LEU A 1 137 ? 4.837   -10.153 9.366   1.00 48.14 ? 137 LEU A CA  1 
ATOM   1030 C C   . LEU A 1 137 ? 5.605   -11.251 10.103  1.00 46.58 ? 137 LEU A C   1 
ATOM   1031 O O   . LEU A 1 137 ? 6.669   -11.023 10.685  1.00 41.01 ? 137 LEU A O   1 
ATOM   1032 C CB  . LEU A 1 137 ? 5.772   -9.582  8.300   1.00 46.43 ? 137 LEU A CB  1 
ATOM   1033 C CG  . LEU A 1 137 ? 5.381   -8.641  7.160   1.00 47.74 ? 137 LEU A CG  1 
ATOM   1034 C CD1 . LEU A 1 137 ? 6.627   -8.421  6.301   1.00 45.28 ? 137 LEU A CD1 1 
ATOM   1035 C CD2 . LEU A 1 137 ? 4.231   -9.117  6.302   1.00 44.64 ? 137 LEU A CD2 1 
ATOM   1036 N N   . THR A 1 138 ? 5.070   -12.459 10.061  1.00 49.58 ? 138 THR A N   1 
ATOM   1037 C CA  . THR A 1 138 ? 5.879   -13.613 10.426  1.00 57.44 ? 138 THR A CA  1 
ATOM   1038 C C   . THR A 1 138 ? 6.017   -14.622 9.293   1.00 54.43 ? 138 THR A C   1 
ATOM   1039 O O   . THR A 1 138 ? 5.304   -14.579 8.282   1.00 43.99 ? 138 THR A O   1 
ATOM   1040 C CB  . THR A 1 138 ? 5.316   -14.330 11.668  1.00 59.15 ? 138 THR A CB  1 
ATOM   1041 O OG1 . THR A 1 138 ? 4.059   -14.923 11.315  1.00 63.57 ? 138 THR A OG1 1 
ATOM   1042 C CG2 . THR A 1 138 ? 5.018   -13.344 12.805  1.00 56.49 ? 138 THR A CG2 1 
ATOM   1043 N N   . GLY A 1 139 ? 6.982   -15.512 9.523   1.00 53.89 ? 139 GLY A N   1 
ATOM   1044 C CA  . GLY A 1 139 ? 7.181   -16.737 8.768   1.00 55.82 ? 139 GLY A CA  1 
ATOM   1045 C C   . GLY A 1 139 ? 7.243   -16.649 7.261   1.00 52.59 ? 139 GLY A C   1 
ATOM   1046 O O   . GLY A 1 139 ? 8.187   -16.127 6.673   1.00 54.84 ? 139 GLY A O   1 
ATOM   1047 N N   . GLU A 1 140 ? 6.205   -17.199 6.650   1.00 49.39 ? 140 GLU A N   1 
ATOM   1048 C CA  . GLU A 1 140 ? 6.046   -17.256 5.205   1.00 48.71 ? 140 GLU A CA  1 
ATOM   1049 C C   . GLU A 1 140 ? 6.156   -15.881 4.558   1.00 43.81 ? 140 GLU A C   1 
ATOM   1050 O O   . GLU A 1 140 ? 6.976   -15.637 3.654   1.00 39.75 ? 140 GLU A O   1 
ATOM   1051 C CB  . GLU A 1 140 ? 4.630   -17.771 4.939   1.00 48.91 ? 140 GLU A CB  1 
ATOM   1052 C CG  . GLU A 1 140 ? 4.533   -18.764 3.802   1.00 53.32 ? 140 GLU A CG  1 
ATOM   1053 C CD  . GLU A 1 140 ? 3.175   -19.421 3.785   1.00 52.72 ? 140 GLU A CD  1 
ATOM   1054 O OE1 . GLU A 1 140 ? 2.405   -19.124 2.840   1.00 55.61 ? 140 GLU A OE1 1 
ATOM   1055 O OE2 . GLU A 1 140 ? 2.914   -20.200 4.729   1.00 46.32 ? 140 GLU A OE2 1 
ATOM   1056 N N   . ALA A 1 141 ? 5.311   -14.988 5.069   1.00 45.50 ? 141 ALA A N   1 
ATOM   1057 C CA  . ALA A 1 141 ? 5.183   -13.628 4.546   1.00 45.75 ? 141 ALA A CA  1 
ATOM   1058 C C   . ALA A 1 141 ? 6.493   -12.857 4.700   1.00 43.39 ? 141 ALA A C   1 
ATOM   1059 O O   . ALA A 1 141 ? 6.928   -12.156 3.790   1.00 34.43 ? 141 ALA A O   1 
ATOM   1060 C CB  . ALA A 1 141 ? 4.082   -12.904 5.280   1.00 44.36 ? 141 ALA A CB  1 
ATOM   1061 N N   . LYS A 1 142 ? 7.134   -12.991 5.858   1.00 37.81 ? 142 LYS A N   1 
ATOM   1062 C CA  . LYS A 1 142 ? 8.404   -12.309 6.090   1.00 37.69 ? 142 LYS A CA  1 
ATOM   1063 C C   . LYS A 1 142 ? 9.541   -12.690 5.158   1.00 33.55 ? 142 LYS A C   1 
ATOM   1064 O O   . LYS A 1 142 ? 10.267  -11.839 4.672   1.00 32.93 ? 142 LYS A O   1 
ATOM   1065 C CB  . LYS A 1 142 ? 8.847   -12.516 7.534   1.00 38.64 ? 142 LYS A CB  1 
ATOM   1066 C CG  . LYS A 1 142 ? 9.468   -11.300 8.189   1.00 48.42 ? 142 LYS A CG  1 
ATOM   1067 C CD  . LYS A 1 142 ? 9.678   -11.541 9.679   1.00 51.33 ? 142 LYS A CD  1 
ATOM   1068 C CE  . LYS A 1 142 ? 11.153  -11.559 10.070  1.00 56.15 ? 142 LYS A CE  1 
ATOM   1069 N NZ  . LYS A 1 142 ? 11.393  -10.702 11.260  1.00 54.45 ? 142 LYS A NZ  1 
ATOM   1070 N N   . THR A 1 143 ? 9.710   -13.978 4.912   1.00 30.42 ? 143 THR A N   1 
ATOM   1071 C CA  . THR A 1 143 ? 10.782  -14.502 4.086   1.00 38.43 ? 143 THR A CA  1 
ATOM   1072 C C   . THR A 1 143 ? 10.511  -14.080 2.634   1.00 39.29 ? 143 THR A C   1 
ATOM   1073 O O   . THR A 1 143 ? 11.421  -13.892 1.840   1.00 45.33 ? 143 THR A O   1 
ATOM   1074 C CB  . THR A 1 143 ? 10.776  -16.035 4.234   1.00 45.66 ? 143 THR A CB  1 
ATOM   1075 O OG1 . THR A 1 143 ? 11.061  -16.394 5.599   1.00 46.31 ? 143 THR A OG1 1 
ATOM   1076 C CG2 . THR A 1 143 ? 11.853  -16.693 3.396   1.00 40.09 ? 143 THR A CG2 1 
ATOM   1077 N N   . ALA A 1 144 ? 9.240   -13.947 2.288   1.00 41.89 ? 144 ALA A N   1 
ATOM   1078 C CA  . ALA A 1 144 ? 8.838   -13.543 0.944   1.00 38.22 ? 144 ALA A CA  1 
ATOM   1079 C C   . ALA A 1 144 ? 9.189   -12.077 0.804   1.00 34.02 ? 144 ALA A C   1 
ATOM   1080 O O   . ALA A 1 144 ? 9.877   -11.687 -0.142  1.00 32.51 ? 144 ALA A O   1 
ATOM   1081 C CB  . ALA A 1 144 ? 7.360   -13.726 0.772   1.00 39.84 ? 144 ALA A CB  1 
ATOM   1082 N N   . VAL A 1 145 ? 8.754   -11.275 1.778   1.00 31.44 ? 145 VAL A N   1 
ATOM   1083 C CA  . VAL A 1 145 ? 8.999   -9.841  1.717   1.00 22.95 ? 145 VAL A CA  1 
ATOM   1084 C C   . VAL A 1 145 ? 10.518  -9.547  1.685   1.00 28.20 ? 145 VAL A C   1 
ATOM   1085 O O   . VAL A 1 145 ? 11.012  -8.703  0.919   1.00 30.03 ? 145 VAL A O   1 
ATOM   1086 C CB  . VAL A 1 145 ? 8.243   -9.127  2.884   1.00 25.57 ? 145 VAL A CB  1 
ATOM   1087 C CG1 . VAL A 1 145 ? 8.816   -7.745  3.126   1.00 26.85 ? 145 VAL A CG1 1 
ATOM   1088 C CG2 . VAL A 1 145 ? 6.732   -9.061  2.603   1.00 28.54 ? 145 VAL A CG2 1 
ATOM   1089 N N   . GLU A 1 146 ? 11.311  -10.250 2.491   1.00 31.86 ? 146 GLU A N   1 
ATOM   1090 C CA  . GLU A 1 146 ? 12.746  -9.989  2.474   1.00 30.85 ? 146 GLU A CA  1 
ATOM   1091 C C   . GLU A 1 146 ? 13.494  -10.365 1.199   1.00 32.87 ? 146 GLU A C   1 
ATOM   1092 O O   . GLU A 1 146 ? 14.411  -9.649  0.764   1.00 34.18 ? 146 GLU A O   1 
ATOM   1093 C CB  . GLU A 1 146 ? 13.408  -10.692 3.656   1.00 35.36 ? 146 GLU A CB  1 
ATOM   1094 C CG  . GLU A 1 146 ? 12.981  -10.054 4.971   1.00 44.79 ? 146 GLU A CG  1 
ATOM   1095 C CD  . GLU A 1 146 ? 13.431  -10.811 6.216   1.00 52.28 ? 146 GLU A CD  1 
ATOM   1096 O OE1 . GLU A 1 146 ? 13.360  -10.190 7.298   1.00 48.16 ? 146 GLU A OE1 1 
ATOM   1097 O OE2 . GLU A 1 146 ? 13.848  -11.991 6.128   1.00 57.33 ? 146 GLU A OE2 1 
ATOM   1098 N N   . ASN A 1 147 ? 13.141  -11.504 0.610   1.00 32.87 ? 147 ASN A N   1 
ATOM   1099 C CA  . ASN A 1 147 ? 13.824  -11.931 -0.616  1.00 39.30 ? 147 ASN A CA  1 
ATOM   1100 C C   . ASN A 1 147 ? 13.495  -10.926 -1.732  1.00 42.80 ? 147 ASN A C   1 
ATOM   1101 O O   . ASN A 1 147 ? 14.334  -10.611 -2.587  1.00 40.07 ? 147 ASN A O   1 
ATOM   1102 C CB  . ASN A 1 147 ? 13.458  -13.372 -0.981  1.00 43.97 ? 147 ASN A CB  1 
ATOM   1103 C CG  . ASN A 1 147 ? 13.872  -14.366 0.109   1.00 54.71 ? 147 ASN A CG  1 
ATOM   1104 O OD1 . ASN A 1 147 ? 14.638  -14.022 1.012   1.00 54.86 ? 147 ASN A OD1 1 
ATOM   1105 N ND2 . ASN A 1 147 ? 13.363  -15.593 0.034   1.00 54.02 ? 147 ASN A ND2 1 
ATOM   1106 N N   . TYR A 1 148 ? 12.274  -10.393 -1.703  1.00 38.00 ? 148 TYR A N   1 
ATOM   1107 C CA  . TYR A 1 148 ? 11.899  -9.352  -2.643  1.00 35.10 ? 148 TYR A CA  1 
ATOM   1108 C C   . TYR A 1 148 ? 12.731  -8.070  -2.524  1.00 32.66 ? 148 TYR A C   1 
ATOM   1109 O O   . TYR A 1 148 ? 13.098  -7.480  -3.546  1.00 31.70 ? 148 TYR A O   1 
ATOM   1110 C CB  . TYR A 1 148 ? 10.403  -9.005  -2.579  1.00 28.22 ? 148 TYR A CB  1 
ATOM   1111 C CG  . TYR A 1 148 ? 10.194  -7.876  -3.570  1.00 27.39 ? 148 TYR A CG  1 
ATOM   1112 C CD1 . TYR A 1 148 ? 10.175  -8.083  -4.942  1.00 22.79 ? 148 TYR A CD1 1 
ATOM   1113 C CD2 . TYR A 1 148 ? 10.127  -6.577  -3.108  1.00 27.04 ? 148 TYR A CD2 1 
ATOM   1114 C CE1 . TYR A 1 148 ? 10.039  -7.005  -5.841  1.00 26.90 ? 148 TYR A CE1 1 
ATOM   1115 C CE2 . TYR A 1 148 ? 9.999   -5.525  -3.957  1.00 24.58 ? 148 TYR A CE2 1 
ATOM   1116 C CZ  . TYR A 1 148 ? 9.929   -5.733  -5.318  1.00 22.62 ? 148 TYR A CZ  1 
ATOM   1117 O OH  . TYR A 1 148 ? 9.830   -4.581  -6.045  1.00 28.96 ? 148 TYR A OH  1 
ATOM   1118 N N   . LEU A 1 149 ? 12.977  -7.623  -1.287  1.00 33.71 ? 149 LEU A N   1 
ATOM   1119 C CA  . LEU A 1 149 ? 13.634  -6.344  -1.000  1.00 20.07 ? 149 LEU A CA  1 
ATOM   1120 C C   . LEU A 1 149 ? 15.105  -6.541  -1.432  1.00 26.63 ? 149 LEU A C   1 
ATOM   1121 O O   . LEU A 1 149 ? 15.779  -5.647  -1.942  1.00 35.72 ? 149 LEU A O   1 
ATOM   1122 C CB  . LEU A 1 149 ? 13.573  -6.070  0.494   1.00 23.69 ? 149 LEU A CB  1 
ATOM   1123 C CG  . LEU A 1 149 ? 12.169  -5.691  1.028   1.00 18.50 ? 149 LEU A CG  1 
ATOM   1124 C CD1 . LEU A 1 149 ? 12.022  -5.501  2.550   1.00 31.55 ? 149 LEU A CD1 1 
ATOM   1125 C CD2 . LEU A 1 149 ? 11.527  -4.570  0.221   1.00 22.65 ? 149 LEU A CD2 1 
ATOM   1126 N N   . ILE A 1 150 ? 15.625  -7.741  -1.262  1.00 29.05 ? 150 ILE A N   1 
ATOM   1127 C CA  . ILE A 1 150 ? 17.030  -7.940  -1.643  1.00 27.03 ? 150 ILE A CA  1 
ATOM   1128 C C   . ILE A 1 150 ? 17.223  -7.798  -3.145  1.00 27.62 ? 150 ILE A C   1 
ATOM   1129 O O   . ILE A 1 150 ? 18.211  -7.219  -3.595  1.00 30.72 ? 150 ILE A O   1 
ATOM   1130 C CB  . ILE A 1 150 ? 17.581  -9.258  -1.033  1.00 39.23 ? 150 ILE A CB  1 
ATOM   1131 C CG1 . ILE A 1 150 ? 17.512  -9.186  0.494   1.00 36.70 ? 150 ILE A CG1 1 
ATOM   1132 C CG2 . ILE A 1 150 ? 19.067  -9.534  -1.391  1.00 39.67 ? 150 ILE A CG2 1 
ATOM   1133 C CD1 . ILE A 1 150 ? 17.549  -10.511 1.190   1.00 40.93 ? 150 ILE A CD1 1 
ATOM   1134 N N   . GLY A 1 151 ? 16.300  -8.312  -3.938  1.00 27.94 ? 151 GLY A N   1 
ATOM   1135 C CA  . GLY A 1 151 ? 16.460  -8.241  -5.385  1.00 34.99 ? 151 GLY A CA  1 
ATOM   1136 C C   . GLY A 1 151 ? 15.823  -7.016  -5.993  1.00 32.02 ? 151 GLY A C   1 
ATOM   1137 O O   . GLY A 1 151 ? 15.829  -6.799  -7.210  1.00 36.99 ? 151 GLY A O   1 
ATOM   1138 N N   . SER A 1 152 ? 15.225  -6.178  -5.152  1.00 35.96 ? 152 SER A N   1 
ATOM   1139 C CA  . SER A 1 152 ? 14.399  -5.147  -5.746  1.00 30.92 ? 152 SER A CA  1 
ATOM   1140 C C   . SER A 1 152 ? 15.210  -3.999  -6.322  1.00 32.58 ? 152 SER A C   1 
ATOM   1141 O O   . SER A 1 152 ? 16.094  -3.496  -5.645  1.00 29.28 ? 152 SER A O   1 
ATOM   1142 C CB  . SER A 1 152 ? 13.469  -4.505  -4.727  1.00 30.28 ? 152 SER A CB  1 
ATOM   1143 O OG  . SER A 1 152 ? 12.757  -3.509  -5.428  1.00 27.15 ? 152 SER A OG  1 
ATOM   1144 N N   . PRO A 1 153 ? 14.895  -3.547  -7.532  1.00 37.23 ? 153 PRO A N   1 
ATOM   1145 C CA  . PRO A 1 153 ? 15.539  -2.340  -8.070  1.00 42.43 ? 153 PRO A CA  1 
ATOM   1146 C C   . PRO A 1 153 ? 15.038  -0.995  -7.541  1.00 44.67 ? 153 PRO A C   1 
ATOM   1147 O O   . PRO A 1 153 ? 15.802  -0.037  -7.618  1.00 53.54 ? 153 PRO A O   1 
ATOM   1148 C CB  . PRO A 1 153 ? 15.233  -2.404  -9.565  1.00 46.37 ? 153 PRO A CB  1 
ATOM   1149 C CG  . PRO A 1 153 ? 14.035  -3.252  -9.689  1.00 44.95 ? 153 PRO A CG  1 
ATOM   1150 C CD  . PRO A 1 153 ? 13.913  -4.112  -8.472  1.00 39.02 ? 153 PRO A CD  1 
ATOM   1151 N N   . VAL A 1 154 ? 13.807  -0.906  -7.046  1.00 44.95 ? 154 VAL A N   1 
ATOM   1152 C CA  . VAL A 1 154 ? 13.247  0.384   -6.654  1.00 39.78 ? 154 VAL A CA  1 
ATOM   1153 C C   . VAL A 1 154 ? 12.971  0.621   -5.172  1.00 36.29 ? 154 VAL A C   1 
ATOM   1154 O O   . VAL A 1 154 ? 12.745  1.764   -4.817  1.00 40.49 ? 154 VAL A O   1 
ATOM   1155 C CB  . VAL A 1 154 ? 11.951  0.698   -7.409  1.00 43.77 ? 154 VAL A CB  1 
ATOM   1156 C CG1 . VAL A 1 154 ? 12.265  0.842   -8.892  1.00 48.27 ? 154 VAL A CG1 1 
ATOM   1157 C CG2 . VAL A 1 154 ? 10.897  -0.376  -7.154  1.00 39.53 ? 154 VAL A CG2 1 
ATOM   1158 N N   . VAL A 1 155 ? 12.983  -0.402  -4.324  1.00 33.06 ? 155 VAL A N   1 
ATOM   1159 C CA  . VAL A 1 155 ? 12.680  -0.215  -2.898  1.00 28.34 ? 155 VAL A CA  1 
ATOM   1160 C C   . VAL A 1 155 ? 13.950  -0.301  -2.057  1.00 39.52 ? 155 VAL A C   1 
ATOM   1161 O O   . VAL A 1 155 ? 14.753  -1.213  -2.238  1.00 39.78 ? 155 VAL A O   1 
ATOM   1162 C CB  . VAL A 1 155 ? 11.735  -1.266  -2.300  1.00 28.93 ? 155 VAL A CB  1 
ATOM   1163 C CG1 . VAL A 1 155 ? 11.385  -0.936  -0.812  1.00 26.17 ? 155 VAL A CG1 1 
ATOM   1164 C CG2 . VAL A 1 155 ? 10.508  -1.521  -3.167  1.00 30.75 ? 155 VAL A CG2 1 
ATOM   1165 N N   . ASP A 1 156 ? 14.109  0.642   -1.131  1.00 32.42 ? 156 ASP A N   1 
ATOM   1166 C CA  . ASP A 1 156 ? 15.258  0.719   -0.243  1.00 34.41 ? 156 ASP A CA  1 
ATOM   1167 C C   . ASP A 1 156 ? 14.844  0.200   1.118   1.00 30.05 ? 156 ASP A C   1 
ATOM   1168 O O   . ASP A 1 156 ? 14.249  0.954   1.897   1.00 36.87 ? 156 ASP A O   1 
ATOM   1169 C CB  . ASP A 1 156 ? 15.694  2.177   -0.171  1.00 34.23 ? 156 ASP A CB  1 
ATOM   1170 C CG  . ASP A 1 156 ? 17.007  2.363   0.545   1.00 38.03 ? 156 ASP A CG  1 
ATOM   1171 O OD1 . ASP A 1 156 ? 17.776  3.228   0.110   1.00 45.02 ? 156 ASP A OD1 1 
ATOM   1172 O OD2 . ASP A 1 156 ? 17.346  1.695   1.537   1.00 46.11 ? 156 ASP A OD2 1 
ATOM   1173 N N   . SER A 1 157 ? 15.154  -1.066  1.416   1.00 32.69 ? 157 SER A N   1 
ATOM   1174 C CA  . SER A 1 157 ? 14.715  -1.718  2.647   1.00 37.18 ? 157 SER A CA  1 
ATOM   1175 C C   . SER A 1 157 ? 15.102  -0.943  3.908   1.00 37.68 ? 157 SER A C   1 
ATOM   1176 O O   . SER A 1 157 ? 14.315  -0.887  4.858   1.00 38.48 ? 157 SER A O   1 
ATOM   1177 C CB  . SER A 1 157 ? 15.293  -3.128  2.770   1.00 35.03 ? 157 SER A CB  1 
ATOM   1178 O OG  . SER A 1 157 ? 16.704  -3.086  2.699   1.00 39.51 ? 157 SER A OG  1 
ATOM   1179 N N   . GLN A 1 158 ? 16.297  -0.363  3.876   1.00 41.06 ? 158 GLN A N   1 
ATOM   1180 C CA  . GLN A 1 158 ? 16.808  0.520   4.914   1.00 43.94 ? 158 GLN A CA  1 
ATOM   1181 C C   . GLN A 1 158 ? 15.842  1.656   5.220   1.00 35.09 ? 158 GLN A C   1 
ATOM   1182 O O   . GLN A 1 158 ? 15.762  2.102   6.349   1.00 41.33 ? 158 GLN A O   1 
ATOM   1183 C CB  . GLN A 1 158 ? 18.121  1.171   4.462   1.00 54.87 ? 158 GLN A CB  1 
ATOM   1184 C CG  . GLN A 1 158 ? 19.354  0.282   4.390   1.00 62.32 ? 158 GLN A CG  1 
ATOM   1185 C CD  . GLN A 1 158 ? 20.504  0.963   3.654   1.00 70.41 ? 158 GLN A CD  1 
ATOM   1186 O OE1 . GLN A 1 158 ? 20.528  2.189   3.541   1.00 76.67 ? 158 GLN A OE1 1 
ATOM   1187 N NE2 . GLN A 1 158 ? 21.454  0.175   3.155   1.00 72.70 ? 158 GLN A NE2 1 
ATOM   1188 N N   . LYS A 1 159 ? 15.149  2.151   4.200   1.00 28.58 ? 159 LYS A N   1 
ATOM   1189 C CA  . LYS A 1 159 ? 14.170  3.222   4.373   1.00 29.00 ? 159 LYS A CA  1 
ATOM   1190 C C   . LYS A 1 159 ? 12.788  2.863   4.898   1.00 33.19 ? 159 LYS A C   1 
ATOM   1191 O O   . LYS A 1 159 ? 12.094  3.800   5.291   1.00 23.73 ? 159 LYS A O   1 
ATOM   1192 C CB  . LYS A 1 159 ? 14.003  3.996   3.051   1.00 39.99 ? 159 LYS A CB  1 
ATOM   1193 C CG  . LYS A 1 159 ? 14.390  5.459   3.126   1.00 47.43 ? 159 LYS A CG  1 
ATOM   1194 C CD  . LYS A 1 159 ? 14.507  6.061   1.727   1.00 51.36 ? 159 LYS A CD  1 
ATOM   1195 C CE  . LYS A 1 159 ? 13.563  7.264   1.583   1.00 49.37 ? 159 LYS A CE  1 
ATOM   1196 N NZ  . LYS A 1 159 ? 13.734  7.973   0.281   1.00 53.12 ? 159 LYS A NZ  1 
ATOM   1197 N N   . LEU A 1 160 ? 12.400  1.585   4.885   1.00 27.19 ? 160 LEU A N   1 
ATOM   1198 C CA  . LEU A 1 160 ? 11.164  1.104   5.477   1.00 27.41 ? 160 LEU A CA  1 
ATOM   1199 C C   . LEU A 1 160 ? 11.165  1.148   6.994   1.00 31.22 ? 160 LEU A C   1 
ATOM   1200 O O   . LEU A 1 160 ? 12.073  0.619   7.652   1.00 31.78 ? 160 LEU A O   1 
ATOM   1201 C CB  . LEU A 1 160 ? 10.921  -0.356  5.074   1.00 33.94 ? 160 LEU A CB  1 
ATOM   1202 C CG  . LEU A 1 160 ? 10.395  -0.689  3.686   1.00 32.77 ? 160 LEU A CG  1 
ATOM   1203 C CD1 . LEU A 1 160 ? 10.258  -2.211  3.562   1.00 33.29 ? 160 LEU A CD1 1 
ATOM   1204 C CD2 . LEU A 1 160 ? 9.044   -0.023  3.417   1.00 38.05 ? 160 LEU A CD2 1 
ATOM   1205 N N   . VAL A 1 161 ? 10.137  1.808   7.514   1.00 22.20 ? 161 VAL A N   1 
ATOM   1206 C CA  . VAL A 1 161 ? 9.826   1.941   8.928   1.00 28.44 ? 161 VAL A CA  1 
ATOM   1207 C C   . VAL A 1 161 ? 8.720   0.967   9.313   1.00 31.61 ? 161 VAL A C   1 
ATOM   1208 O O   . VAL A 1 161 ? 7.655   0.982   8.698   1.00 26.20 ? 161 VAL A O   1 
ATOM   1209 C CB  . VAL A 1 161 ? 9.349   3.393   9.218   1.00 25.88 ? 161 VAL A CB  1 
ATOM   1210 C CG1 . VAL A 1 161 ? 9.069   3.601   10.647  1.00 26.27 ? 161 VAL A CG1 1 
ATOM   1211 C CG2 . VAL A 1 161 ? 10.403  4.447   8.867   1.00 31.72 ? 161 VAL A CG2 1 
ATOM   1212 N N   . TYR A 1 162 ? 8.930   0.141   10.342  1.00 31.26 ? 162 TYR A N   1 
ATOM   1213 C CA  . TYR A 1 162 ? 7.935   -0.868  10.711  1.00 26.77 ? 162 TYR A CA  1 
ATOM   1214 C C   . TYR A 1 162 ? 6.955   -0.408  11.804  1.00 34.34 ? 162 TYR A C   1 
ATOM   1215 O O   . TYR A 1 162 ? 7.368   0.194   12.791  1.00 34.60 ? 162 TYR A O   1 
ATOM   1216 C CB  . TYR A 1 162 ? 8.606   -2.198  11.097  1.00 32.29 ? 162 TYR A CB  1 
ATOM   1217 C CG  . TYR A 1 162 ? 9.179   -2.925  9.896   1.00 28.53 ? 162 TYR A CG  1 
ATOM   1218 C CD1 . TYR A 1 162 ? 10.426  -2.584  9.396   1.00 30.56 ? 162 TYR A CD1 1 
ATOM   1219 C CD2 . TYR A 1 162 ? 8.461   -3.889  9.234   1.00 39.06 ? 162 TYR A CD2 1 
ATOM   1220 C CE1 . TYR A 1 162 ? 10.961  -3.200  8.310   1.00 30.84 ? 162 TYR A CE1 1 
ATOM   1221 C CE2 . TYR A 1 162 ? 8.991   -4.519  8.118   1.00 40.52 ? 162 TYR A CE2 1 
ATOM   1222 C CZ  . TYR A 1 162 ? 10.242  -4.176  7.665   1.00 37.71 ? 162 TYR A CZ  1 
ATOM   1223 O OH  . TYR A 1 162 ? 10.769  -4.802  6.556   1.00 47.65 ? 162 TYR A OH  1 
ATOM   1224 N N   . SER A 1 163 ? 5.666   -0.683  11.632  1.00 30.19 ? 163 SER A N   1 
ATOM   1225 C CA  . SER A 1 163 ? 4.655   -0.267  12.611  1.00 26.37 ? 163 SER A CA  1 
ATOM   1226 C C   . SER A 1 163 ? 4.703   -1.040  13.912  1.00 37.92 ? 163 SER A C   1 
ATOM   1227 O O   . SER A 1 163 ? 5.033   -2.213  13.967  1.00 35.79 ? 163 SER A O   1 
ATOM   1228 C CB  . SER A 1 163 ? 3.218   -0.219  12.073  1.00 24.49 ? 163 SER A CB  1 
ATOM   1229 O OG  . SER A 1 163 ? 3.204   0.577   10.883  1.00 30.07 ? 163 SER A OG  1 
ATOM   1230 N N   . ASP A 1 164 ? 4.382   -0.319  14.969  1.00 41.89 ? 164 ASP A N   1 
ATOM   1231 C CA  . ASP A 1 164 ? 4.306   -0.899  16.300  1.00 39.25 ? 164 ASP A CA  1 
ATOM   1232 C C   . ASP A 1 164 ? 2.905   -0.534  16.770  1.00 22.00 ? 164 ASP A C   1 
ATOM   1233 O O   . ASP A 1 164 ? 2.726   0.572   17.280  1.00 34.82 ? 164 ASP A O   1 
ATOM   1234 C CB  . ASP A 1 164 ? 5.362   -0.224  17.202  1.00 43.20 ? 164 ASP A CB  1 
ATOM   1235 C CG  . ASP A 1 164 ? 5.314   -0.739  18.646  1.00 46.68 ? 164 ASP A CG  1 
ATOM   1236 O OD1 . ASP A 1 164 ? 5.903   -0.056  19.524  1.00 45.65 ? 164 ASP A OD1 1 
ATOM   1237 O OD2 . ASP A 1 164 ? 4.709   -1.803  18.951  1.00 47.96 ? 164 ASP A OD2 1 
ATOM   1238 N N   . PHE A 1 165 ? 1.945   -1.442  16.589  1.00 30.66 ? 165 PHE A N   1 
ATOM   1239 C CA  . PHE A 1 165 ? 0.534   -1.185  16.895  1.00 33.87 ? 165 PHE A CA  1 
ATOM   1240 C C   . PHE A 1 165 ? 0.304   -1.158  18.424  1.00 47.32 ? 165 PHE A C   1 
ATOM   1241 O O   . PHE A 1 165 ? -0.827  -1.335  18.866  1.00 46.64 ? 165 PHE A O   1 
ATOM   1242 C CB  . PHE A 1 165 ? -0.376  -2.176  16.119  1.00 35.01 ? 165 PHE A CB  1 
ATOM   1243 C CG  . PHE A 1 165 ? -0.310  -1.996  14.582  1.00 20.90 ? 165 PHE A CG  1 
ATOM   1244 C CD1 . PHE A 1 165 ? -0.919  -0.905  13.950  1.00 29.96 ? 165 PHE A CD1 1 
ATOM   1245 C CD2 . PHE A 1 165 ? 0.397   -2.893  13.797  1.00 24.46 ? 165 PHE A CD2 1 
ATOM   1246 C CE1 . PHE A 1 165 ? -0.808  -0.740  12.521  1.00 19.93 ? 165 PHE A CE1 1 
ATOM   1247 C CE2 . PHE A 1 165 ? 0.499   -2.716  12.415  1.00 26.08 ? 165 PHE A CE2 1 
ATOM   1248 C CZ  . PHE A 1 165 ? -0.104  -1.654  11.818  1.00 16.13 ? 165 PHE A CZ  1 
ATOM   1249 N N   . SER A 1 166 ? 1.364   -0.933  19.210  1.00 49.40 ? 166 SER A N   1 
ATOM   1250 C CA  . SER A 1 166 ? 1.288   -0.591  20.636  1.00 55.26 ? 166 SER A CA  1 
ATOM   1251 C C   . SER A 1 166 ? 0.554   0.726   20.916  1.00 57.19 ? 166 SER A C   1 
ATOM   1252 O O   . SER A 1 166 ? 1.170   1.782   21.100  1.00 62.15 ? 166 SER A O   1 
ATOM   1253 C CB  . SER A 1 166 ? 2.693   -0.514  21.237  1.00 55.96 ? 166 SER A CB  1 
ATOM   1254 O OG  . SER A 1 166 ? 3.212   -1.801  21.547  1.00 57.44 ? 166 SER A OG  1 
ATOM   1255 N N   . CYS A 1 170 ? 0.138   5.131   19.285  1.00 54.63 ? 170 CYS A N   1 
ATOM   1256 C CA  . CYS A 1 170 ? -1.144  4.900   18.612  1.00 55.65 ? 170 CYS A CA  1 
ATOM   1257 C C   . CYS A 1 170 ? -2.279  5.431   19.465  1.00 61.42 ? 170 CYS A C   1 
ATOM   1258 O O   . CYS A 1 170 ? -3.306  5.828   18.913  1.00 63.50 ? 170 CYS A O   1 
ATOM   1259 C CB  . CYS A 1 170 ? -1.380  3.419   18.267  1.00 51.60 ? 170 CYS A CB  1 
ATOM   1260 S SG  . CYS A 1 170 ? -0.588  2.863   16.721  1.00 34.05 ? 170 CYS A SG  1 
ATOM   1261 N N   . LYS A 1 171 ? -2.029  5.426   20.777  1.00 67.20 ? 171 LYS A N   1 
ATOM   1262 C CA  . LYS A 1 171 ? -2.918  5.810   21.870  1.00 73.35 ? 171 LYS A CA  1 
ATOM   1263 C C   . LYS A 1 171 ? -3.475  4.543   22.511  1.00 76.63 ? 171 LYS A C   1 
ATOM   1264 C CB  . LYS A 1 171 ? -4.021  6.800   21.473  1.00 77.82 ? 171 LYS A CB  1 
ATOM   1265 C CG  . LYS A 1 171 ? -5.408  6.490   22.047  1.00 83.86 ? 171 LYS A CG  1 
ATOM   1266 C CD  . LYS A 1 171 ? -6.251  5.576   21.142  1.00 85.73 ? 171 LYS A CD  1 
ATOM   1267 C CE  . LYS A 1 171 ? -7.677  5.453   21.652  1.00 85.91 ? 171 LYS A CE  1 
ATOM   1268 N NZ  . LYS A 1 171 ? -8.490  6.638   21.260  1.00 84.71 ? 171 LYS A NZ  1 
HETATM 1269 O O23 . DTX B 2 .   ? -4.797  0.415   2.468   1.00 39.54 ? 700 DTX A O23 1 
HETATM 1270 C C23 . DTX B 2 .   ? -4.390  1.470   2.129   1.00 35.59 ? 700 DTX A C23 1 
HETATM 1271 C C22 . DTX B 2 .   ? -5.021  2.656   1.542   1.00 27.90 ? 700 DTX A C22 1 
HETATM 1272 O O21 . DTX B 2 .   ? -3.036  1.726   2.308   1.00 28.59 ? 700 DTX A O21 1 
HETATM 1273 C C21 . DTX B 2 .   ? -2.757  3.062   1.833   1.00 33.19 ? 700 DTX A C21 1 
HETATM 1274 C C20 . DTX B 2 .   ? -4.058  3.599   1.366   1.00 21.29 ? 700 DTX A C20 1 
HETATM 1275 C C17 . DTX B 2 .   ? -4.068  4.933   0.686   1.00 18.52 ? 700 DTX A C17 1 
HETATM 1276 C C16 . DTX B 2 .   ? -3.116  5.907   1.480   1.00 15.40 ? 700 DTX A C16 1 
HETATM 1277 C C13 . DTX B 2 .   ? -3.621  4.936   -0.775  1.00 17.39 ? 700 DTX A C13 1 
HETATM 1278 C C12 . DTX B 2 .   ? -4.605  5.847   -1.569  1.00 23.03 ? 700 DTX A C12 1 
HETATM 1279 C C11 . DTX B 2 .   ? -4.119  6.302   -2.939  1.00 16.41 ? 700 DTX A C11 1 
HETATM 1280 C C18 . DTX B 2 .   ? -3.579  3.544   -1.397  1.00 19.82 ? 700 DTX A C18 1 
HETATM 1281 C C14 . DTX B 2 .   ? -2.254  5.723   -0.735  1.00 19.86 ? 700 DTX A C14 1 
HETATM 1282 C C15 . DTX B 2 .   ? -2.482  6.735   0.364   1.00 16.07 ? 700 DTX A C15 1 
HETATM 1283 O O14 . DTX B 2 .   ? -1.245  4.846   -0.147  1.00 15.60 ? 700 DTX A O14 1 
HETATM 1284 C C8  . DTX B 2 .   ? -1.728  6.199   -2.111  1.00 17.52 ? 700 DTX A C8  1 
HETATM 1285 C C7  . DTX B 2 .   ? -0.354  6.859   -1.967  1.00 16.47 ? 700 DTX A C7  1 
HETATM 1286 C C9  . DTX B 2 .   ? -2.774  7.079   -2.876  1.00 15.98 ? 700 DTX A C9  1 
HETATM 1287 C C10 . DTX B 2 .   ? -2.206  7.519   -4.258  1.00 14.46 ? 700 DTX A C10 1 
HETATM 1288 C C1  . DTX B 2 .   ? -3.224  8.470   -4.947  1.00 22.86 ? 700 DTX A C1  1 
HETATM 1289 C C19 . DTX B 2 .   ? -2.055  6.355   -5.293  1.00 14.83 ? 700 DTX A C19 1 
HETATM 1290 C C5  . DTX B 2 .   ? -0.928  8.292   -4.015  1.00 23.27 ? 700 DTX A C5  1 
HETATM 1291 C C6  . DTX B 2 .   ? 0.156   7.491   -3.278  1.00 16.96 ? 700 DTX A C6  1 
HETATM 1292 C C4  . DTX B 2 .   ? -1.198  9.580   -3.222  1.00 21.56 ? 700 DTX A C4  1 
HETATM 1293 C C3  . DTX B 2 .   ? -2.242  10.471  -3.871  1.00 35.18 ? 700 DTX A C3  1 
HETATM 1294 C C2  . DTX B 2 .   ? -3.525  9.692   -4.090  1.00 32.78 ? 700 DTX A C2  1 
HETATM 1295 O O32 . DTX B 2 .   ? -1.724  10.906  -5.163  1.00 27.79 ? 700 DTX A O32 1 
HETATM 1296 O O   . HOH C 3 .   ? 0.390   5.942   6.130   1.00 17.53 ? 701 HOH A O   1 
HETATM 1297 O O   . HOH C 3 .   ? -3.445  1.458   5.233   1.00 25.41 ? 702 HOH A O   1 
HETATM 1298 O O   . HOH C 3 .   ? -3.963  12.270  4.293   1.00 26.57 ? 703 HOH A O   1 
HETATM 1299 O O   . HOH C 3 .   ? -1.601  8.843   -10.397 1.00 22.82 ? 704 HOH A O   1 
HETATM 1300 O O   . HOH C 3 .   ? -13.339 8.555   -2.544  1.00 35.12 ? 705 HOH A O   1 
HETATM 1301 O O   . HOH C 3 .   ? 14.180  13.286  -5.562  1.00 40.68 ? 706 HOH A O   1 
HETATM 1302 O O   . HOH C 3 .   ? -9.687  -0.609  -17.203 1.00 34.54 ? 707 HOH A O   1 
HETATM 1303 O O   . HOH C 3 .   ? 5.111   1.949   9.872   1.00 22.62 ? 708 HOH A O   1 
HETATM 1304 O O   . HOH C 3 .   ? 10.179  8.950   0.261   1.00 33.42 ? 709 HOH A O   1 
HETATM 1305 O O   . HOH C 3 .   ? 0.480   11.165  13.732  1.00 21.12 ? 710 HOH A O   1 
HETATM 1306 O O   . HOH C 3 .   ? 10.470  8.478   3.100   1.00 32.01 ? 711 HOH A O   1 
HETATM 1307 O O   . HOH C 3 .   ? -14.878 -1.218  3.798   1.00 24.23 ? 712 HOH A O   1 
HETATM 1308 O O   . HOH C 3 .   ? -9.589  -16.617 -4.247  1.00 19.41 ? 713 HOH A O   1 
HETATM 1309 O O   . HOH C 3 .   ? 0.642   8.484   -11.468 1.00 38.10 ? 714 HOH A O   1 
HETATM 1310 O O   . HOH C 3 .   ? -1.244  15.037  5.157   1.00 46.25 ? 715 HOH A O   1 
HETATM 1311 O O   . HOH C 3 .   ? -6.448  13.951  -7.179  1.00 37.98 ? 716 HOH A O   1 
HETATM 1312 O O   . HOH C 3 .   ? 1.407   12.586  10.075  1.00 17.81 ? 717 HOH A O   1 
HETATM 1313 O O   . HOH C 3 .   ? 9.833   -4.810  -8.275  1.00 35.43 ? 718 HOH A O   1 
HETATM 1314 O O   . HOH C 3 .   ? 0.469   3.668   9.027   1.00 25.27 ? 719 HOH A O   1 
HETATM 1315 O O   . HOH C 3 .   ? -7.991  -10.917 -10.261 1.00 34.86 ? 720 HOH A O   1 
HETATM 1316 O O   . HOH C 3 .   ? 12.539  -18.851 -0.197  1.00 47.72 ? 721 HOH A O   1 
HETATM 1317 O O   . HOH C 3 .   ? 12.210  3.878   -3.484  1.00 29.10 ? 722 HOH A O   1 
HETATM 1318 O O   . HOH C 3 .   ? 2.272   3.169   12.847  1.00 29.37 ? 723 HOH A O   1 
HETATM 1319 O O   . HOH C 3 .   ? 1.555   5.720   -11.216 1.00 25.08 ? 724 HOH A O   1 
HETATM 1320 O O   . HOH C 3 .   ? -11.979 17.586  -3.223  1.00 35.19 ? 725 HOH A O   1 
HETATM 1321 O O   . HOH C 3 .   ? 2.699   2.092   8.336   1.00 20.65 ? 726 HOH A O   1 
HETATM 1322 O O   . HOH C 3 .   ? 7.793   -5.786  -9.190  1.00 41.68 ? 727 HOH A O   1 
HETATM 1323 O O   . HOH C 3 .   ? -6.717  7.663   5.507   1.00 33.04 ? 728 HOH A O   1 
HETATM 1324 O O   . HOH C 3 .   ? -6.959  7.745   7.963   1.00 23.33 ? 729 HOH A O   1 
HETATM 1325 O O   . HOH C 3 .   ? 3.077   1.654   -18.397 1.00 55.45 ? 730 HOH A O   1 
HETATM 1326 O O   . HOH C 3 .   ? 8.176   -10.968 -5.110  1.00 41.05 ? 731 HOH A O   1 
HETATM 1327 O O   . HOH C 3 .   ? 6.391   -20.415 2.094   1.00 52.61 ? 732 HOH A O   1 
HETATM 1328 O O   . HOH C 3 .   ? 13.033  -3.777  5.171   1.00 68.32 ? 733 HOH A O   1 
HETATM 1329 O O   . HOH C 3 .   ? 4.110   5.389   -9.990  1.00 32.99 ? 734 HOH A O   1 
HETATM 1330 O O   . HOH C 3 .   ? -14.308 5.287   6.591   1.00 35.25 ? 735 HOH A O   1 
HETATM 1331 O O   . HOH C 3 .   ? -12.194 -8.233  -3.680  1.00 35.82 ? 736 HOH A O   1 
HETATM 1332 O O   . HOH C 3 .   ? 10.203  15.544  -5.797  1.00 50.49 ? 737 HOH A O   1 
HETATM 1333 O O   . HOH C 3 .   ? -3.757  -10.525 -4.105  1.00 35.90 ? 738 HOH A O   1 
HETATM 1334 O O   . HOH C 3 .   ? 9.738   -19.627 5.244   1.00 48.51 ? 739 HOH A O   1 
HETATM 1335 O O   . HOH C 3 .   ? -5.855  -2.387  -2.607  1.00 34.21 ? 740 HOH A O   1 
HETATM 1336 O O   . HOH C 3 .   ? 19.123  -14.294 1.400   1.00 45.14 ? 741 HOH A O   1 
HETATM 1337 O O   . HOH C 3 .   ? 0.333   11.343  18.528  1.00 48.21 ? 742 HOH A O   1 
HETATM 1338 O O   . HOH C 3 .   ? 3.017   -0.589  -16.176 1.00 39.65 ? 743 HOH A O   1 
HETATM 1339 O O   . HOH C 3 .   ? -2.947  -0.214  -0.969  1.00 25.34 ? 744 HOH A O   1 
HETATM 1340 O O   . HOH C 3 .   ? 3.368   3.013   15.563  1.00 37.11 ? 745 HOH A O   1 
# 
